data_3QKI
#
_entry.id   3QKI
#
_cell.length_a   138.444
_cell.length_b   233.003
_cell.length_c   72.794
_cell.angle_alpha   90.000
_cell.angle_beta   91.400
_cell.angle_gamma   90.000
#
_symmetry.space_group_name_H-M   'C 1 2 1'
#
loop_
_entity.id
_entity.type
_entity.pdbx_description
1 polymer 'Glucose-6-phosphate isomerase'
2 water water
#
_entity_poly.entity_id   1
_entity_poly.type   'polypeptide(L)'
_entity_poly.pdbx_seq_one_letter_code
;MHHHHHHSSGRENLYFQGMNMEITNLKSYKELVTLSAEEKTKDLKDYLNDKNRSESLIKKFKNFYMDLSRQRYSEKTLNK
LVEYAEEVELKKKVEKTFMGEKVNMTENRSVLHTALRIPIEKINTHKIIIDNKNVLEDVHGVLKKIEKYSDDIRNGVIKT
CKNTKFKNVICIGIGGSYLGTEFVYEAMKYYYYNMELNKNEKDQVNNFNNNYDQDNVFNVRFLANVDPNDVNRAIQNLDQ
YDTLVIIISKTFTTAETMLNARSIKKWLSLKIKDDENLSKHMVAVSTNLKLTDEFGISRDNVFEFWDWVGGRFSVTSSVG
ILPLSIAFGYKNMRNFLNGCHDMDEHFLHADLKENIPVLLALTSFYNSHFFDYKNVAILPYFQNLLKFSAHIQQLSMESN
GKSVDRNNQPIHYNTCQVYFGEPGTNGQHSFYQLIHQGQVIPVELIGFKHSHFPIKFDKEVVSNHDELMTNFFAQADALA
IGKTYEQVKEENEKNKMSPELLTHKVFNGNRPSTLLLFDELNFYTCGLLLSLYESRIVAEGFLLNINSFDQWGVELGKVL
AKEVRNYFNDTRNQKKSDNTYNFNESTKILLNYYLSK
;
_entity_poly.pdbx_strand_id   A,B,C
#
# COMPACT_ATOMS: atom_id res chain seq x y z
N MET A 21 18.71 12.62 5.80
CA MET A 21 19.78 11.62 5.75
C MET A 21 20.87 12.02 4.76
N GLU A 22 22.15 11.76 5.13
CA GLU A 22 23.35 12.07 4.33
C GLU A 22 23.60 11.05 3.22
N ILE A 23 24.43 11.41 2.22
CA ILE A 23 24.78 10.52 1.10
C ILE A 23 25.52 9.24 1.57
N THR A 24 26.30 9.38 2.64
CA THR A 24 27.10 8.31 3.23
C THR A 24 26.25 7.14 3.75
N ASN A 25 24.92 7.38 3.95
CA ASN A 25 23.95 6.39 4.42
C ASN A 25 23.27 5.65 3.27
N LEU A 26 23.43 6.10 2.02
CA LEU A 26 22.84 5.44 0.85
C LEU A 26 23.42 4.04 0.64
N LYS A 27 22.55 3.10 0.23
CA LYS A 27 22.89 1.69 0.01
C LYS A 27 24.07 1.56 -0.92
N SER A 28 24.00 2.20 -2.11
CA SER A 28 25.06 2.19 -3.12
C SER A 28 26.37 2.83 -2.65
N TYR A 29 26.34 3.80 -1.71
CA TYR A 29 27.55 4.41 -1.16
C TYR A 29 28.24 3.38 -0.24
N LYS A 30 27.46 2.74 0.65
CA LYS A 30 27.96 1.73 1.57
C LYS A 30 28.57 0.55 0.77
N GLU A 31 27.99 0.21 -0.40
CA GLU A 31 28.50 -0.84 -1.27
C GLU A 31 29.83 -0.40 -1.93
N LEU A 32 29.94 0.87 -2.35
CA LEU A 32 31.16 1.44 -2.93
C LEU A 32 32.31 1.43 -1.90
N VAL A 33 32.03 1.63 -0.60
CA VAL A 33 33.03 1.56 0.47
C VAL A 33 33.71 0.17 0.44
N THR A 34 32.92 -0.90 0.34
CA THR A 34 33.45 -2.27 0.31
C THR A 34 34.07 -2.64 -1.02
N LEU A 35 33.48 -2.20 -2.16
CA LEU A 35 34.07 -2.46 -3.48
C LEU A 35 35.44 -1.78 -3.66
N SER A 36 35.57 -0.53 -3.20
CA SER A 36 36.83 0.23 -3.28
C SER A 36 37.92 -0.46 -2.46
N ALA A 37 37.56 -1.07 -1.29
CA ALA A 37 38.51 -1.81 -0.44
C ALA A 37 39.09 -3.00 -1.23
N GLU A 38 38.29 -3.69 -2.05
CA GLU A 38 38.81 -4.74 -2.92
C GLU A 38 39.61 -4.16 -4.12
N GLU A 39 39.14 -3.01 -4.69
CA GLU A 39 39.83 -2.34 -5.79
C GLU A 39 41.25 -1.95 -5.42
N LYS A 40 41.49 -1.63 -4.14
CA LYS A 40 42.80 -1.25 -3.61
C LYS A 40 43.83 -2.40 -3.70
N THR A 41 43.36 -3.65 -3.81
CA THR A 41 44.21 -4.85 -3.90
C THR A 41 44.47 -5.24 -5.36
N LYS A 42 43.93 -4.48 -6.32
CA LYS A 42 44.04 -4.76 -7.75
C LYS A 42 44.95 -3.78 -8.47
N ASP A 43 45.73 -4.28 -9.44
CA ASP A 43 46.68 -3.44 -10.17
C ASP A 43 46.16 -2.98 -11.51
N LEU A 44 46.37 -1.67 -11.81
CA LEU A 44 45.98 -1.10 -13.10
C LEU A 44 46.65 -1.82 -14.25
N LYS A 45 47.93 -2.25 -14.08
CA LYS A 45 48.66 -2.99 -15.12
C LYS A 45 47.91 -4.24 -15.58
N ASP A 46 47.22 -4.93 -14.64
CA ASP A 46 46.44 -6.12 -14.97
C ASP A 46 45.17 -5.75 -15.69
N TYR A 47 44.47 -4.70 -15.21
CA TYR A 47 43.26 -4.19 -15.85
C TYR A 47 43.53 -3.76 -17.31
N LEU A 48 44.68 -3.11 -17.55
CA LEU A 48 45.07 -2.63 -18.89
C LEU A 48 45.39 -3.72 -19.92
N ASN A 49 45.40 -4.99 -19.51
CA ASN A 49 45.57 -6.14 -20.40
C ASN A 49 44.21 -6.68 -20.87
N ASP A 50 43.13 -6.15 -20.29
CA ASP A 50 41.77 -6.57 -20.64
C ASP A 50 41.22 -5.62 -21.71
N LYS A 51 41.21 -6.09 -22.98
CA LYS A 51 40.73 -5.30 -24.11
C LYS A 51 39.23 -4.95 -23.97
N ASN A 52 38.44 -5.86 -23.39
CA ASN A 52 37.02 -5.62 -23.20
C ASN A 52 36.77 -4.46 -22.25
N ARG A 53 37.52 -4.42 -21.14
CA ARG A 53 37.41 -3.33 -20.16
C ARG A 53 37.81 -2.01 -20.82
N SER A 54 38.91 -2.01 -21.59
CA SER A 54 39.41 -0.82 -22.30
C SER A 54 38.37 -0.28 -23.26
N GLU A 55 37.72 -1.19 -24.02
CA GLU A 55 36.66 -0.81 -24.96
C GLU A 55 35.44 -0.23 -24.25
N SER A 56 35.14 -0.71 -23.05
CA SER A 56 34.03 -0.21 -22.23
C SER A 56 34.34 1.15 -21.59
N LEU A 57 35.60 1.40 -21.22
CA LEU A 57 36.01 2.61 -20.50
C LEU A 57 36.54 3.74 -21.36
N ILE A 58 36.54 3.52 -22.68
CA ILE A 58 36.94 4.54 -23.65
C ILE A 58 35.67 4.94 -24.37
N LYS A 59 35.27 6.21 -24.21
CA LYS A 59 34.05 6.73 -24.81
C LYS A 59 34.38 7.74 -25.90
N LYS A 60 33.53 7.83 -26.94
CA LYS A 60 33.67 8.77 -28.06
C LYS A 60 32.47 9.71 -28.16
N PHE A 61 32.71 11.03 -28.27
CA PHE A 61 31.67 12.02 -28.51
C PHE A 61 32.19 13.03 -29.46
N LYS A 62 31.60 13.08 -30.66
CA LYS A 62 31.99 13.96 -31.75
C LYS A 62 33.48 13.74 -32.13
N ASN A 63 34.28 14.79 -31.97
CA ASN A 63 35.69 14.84 -32.32
CA ASN A 63 35.69 14.87 -32.31
C ASN A 63 36.66 14.51 -31.16
N PHE A 64 36.23 13.65 -30.20
CA PHE A 64 37.08 13.29 -29.06
C PHE A 64 36.82 11.97 -28.40
N TYR A 65 37.87 11.43 -27.76
CA TYR A 65 37.83 10.22 -26.95
C TYR A 65 38.12 10.59 -25.48
N MET A 66 37.37 9.97 -24.57
CA MET A 66 37.66 10.07 -23.15
C MET A 66 38.03 8.66 -22.72
N ASP A 67 39.22 8.52 -22.13
CA ASP A 67 39.73 7.24 -21.69
C ASP A 67 39.80 7.20 -20.15
N LEU A 68 38.87 6.45 -19.54
CA LEU A 68 38.79 6.27 -18.09
C LEU A 68 39.43 4.95 -17.64
N SER A 69 40.14 4.26 -18.55
CA SER A 69 40.68 2.94 -18.20
C SER A 69 41.78 2.92 -17.14
N ARG A 70 42.49 4.03 -16.94
CA ARG A 70 43.52 4.08 -15.91
C ARG A 70 42.94 4.60 -14.61
N GLN A 71 41.72 4.19 -14.29
CA GLN A 71 41.04 4.49 -13.03
C GLN A 71 40.88 3.18 -12.30
N ARG A 72 40.96 3.22 -10.98
CA ARG A 72 40.94 2.03 -10.12
C ARG A 72 39.57 1.39 -9.89
N TYR A 73 38.93 0.98 -10.98
CA TYR A 73 37.66 0.29 -10.93
C TYR A 73 37.51 -0.71 -12.06
N SER A 74 36.78 -1.79 -11.76
CA SER A 74 36.38 -2.78 -12.75
C SER A 74 35.11 -2.20 -13.40
N GLU A 75 34.61 -2.83 -14.47
CA GLU A 75 33.36 -2.38 -15.09
C GLU A 75 32.20 -2.52 -14.08
N LYS A 76 32.27 -3.52 -13.20
CA LYS A 76 31.29 -3.77 -12.14
C LYS A 76 31.24 -2.62 -11.14
N THR A 77 32.42 -2.10 -10.74
CA THR A 77 32.50 -0.96 -9.79
C THR A 77 31.99 0.32 -10.45
N LEU A 78 32.26 0.51 -11.75
CA LEU A 78 31.76 1.69 -12.44
C LEU A 78 30.23 1.61 -12.54
N ASN A 79 29.68 0.40 -12.73
CA ASN A 79 28.21 0.20 -12.76
C ASN A 79 27.60 0.55 -11.43
N LYS A 80 28.31 0.27 -10.32
CA LYS A 80 27.84 0.63 -8.98
C LYS A 80 27.85 2.15 -8.82
N LEU A 81 28.87 2.84 -9.40
CA LEU A 81 28.93 4.31 -9.36
C LEU A 81 27.70 4.88 -10.08
N VAL A 82 27.28 4.25 -11.20
CA VAL A 82 26.07 4.63 -11.97
C VAL A 82 24.82 4.41 -11.12
N GLU A 83 24.79 3.31 -10.30
CA GLU A 83 23.67 3.04 -9.39
C GLU A 83 23.63 4.13 -8.32
N TYR A 84 24.80 4.63 -7.88
CA TYR A 84 24.86 5.75 -6.93
C TYR A 84 24.27 7.03 -7.56
N ALA A 85 24.63 7.36 -8.82
CA ALA A 85 24.08 8.52 -9.55
C ALA A 85 22.53 8.41 -9.63
N GLU A 86 22.02 7.19 -9.87
CA GLU A 86 20.55 6.93 -9.89
C GLU A 86 19.92 7.13 -8.50
N GLU A 87 20.57 6.61 -7.45
CA GLU A 87 20.11 6.74 -6.07
C GLU A 87 20.03 8.20 -5.58
N VAL A 88 20.95 9.07 -6.02
CA VAL A 88 20.90 10.50 -5.66
C VAL A 88 20.01 11.31 -6.62
N GLU A 89 19.40 10.63 -7.61
CA GLU A 89 18.50 11.23 -8.61
C GLU A 89 19.19 12.32 -9.42
N LEU A 90 20.42 12.01 -9.86
CA LEU A 90 21.25 12.92 -10.61
C LEU A 90 20.54 13.42 -11.87
N LYS A 91 19.95 12.52 -12.67
CA LYS A 91 19.25 12.91 -13.91
C LYS A 91 18.07 13.85 -13.65
N LYS A 92 17.31 13.61 -12.59
CA LYS A 92 16.17 14.45 -12.22
C LYS A 92 16.66 15.86 -11.88
N LYS A 93 17.77 15.94 -11.10
CA LYS A 93 18.37 17.20 -10.67
C LYS A 93 18.97 17.99 -11.83
N VAL A 94 19.65 17.32 -12.76
CA VAL A 94 20.24 17.96 -13.94
C VAL A 94 19.11 18.53 -14.81
N GLU A 95 18.05 17.74 -15.01
CA GLU A 95 16.86 18.15 -15.77
C GLU A 95 16.19 19.40 -15.14
N LYS A 96 16.05 19.45 -13.79
CA LYS A 96 15.47 20.62 -13.10
C LYS A 96 16.32 21.87 -13.37
N THR A 97 17.66 21.72 -13.36
CA THR A 97 18.60 22.81 -13.64
C THR A 97 18.36 23.38 -15.03
N PHE A 98 18.39 22.49 -16.06
CA PHE A 98 18.18 22.86 -17.47
C PHE A 98 16.79 23.51 -17.70
N MET A 99 15.76 23.04 -16.95
CA MET A 99 14.37 23.57 -17.04
C MET A 99 14.19 24.96 -16.42
N GLY A 100 15.14 25.41 -15.63
CA GLY A 100 15.03 26.74 -15.02
C GLY A 100 14.47 26.74 -13.61
N GLU A 101 14.38 25.56 -12.97
CA GLU A 101 13.92 25.47 -11.60
C GLU A 101 14.95 26.10 -10.67
N LYS A 102 14.49 26.62 -9.53
CA LYS A 102 15.34 27.30 -8.55
C LYS A 102 16.23 26.34 -7.76
N VAL A 103 17.20 25.68 -8.47
CA VAL A 103 18.09 24.69 -7.88
C VAL A 103 19.16 25.30 -6.94
N ASN A 104 19.43 26.62 -7.07
CA ASN A 104 20.35 27.32 -6.18
C ASN A 104 19.45 27.63 -4.98
N MET A 105 19.40 26.67 -4.06
CA MET A 105 18.47 26.67 -2.93
C MET A 105 18.80 27.62 -1.77
N THR A 106 20.01 28.20 -1.71
CA THR A 106 20.31 29.14 -0.63
C THR A 106 20.01 30.57 -1.06
N GLU A 107 20.07 30.86 -2.36
CA GLU A 107 19.79 32.19 -2.88
C GLU A 107 18.43 32.21 -3.60
N ASN A 108 17.76 31.03 -3.69
CA ASN A 108 16.47 30.82 -4.34
C ASN A 108 16.50 31.33 -5.78
N ARG A 109 17.42 30.77 -6.58
CA ARG A 109 17.65 31.21 -7.94
C ARG A 109 17.71 30.10 -8.93
N SER A 110 17.45 30.44 -10.19
CA SER A 110 17.58 29.52 -11.31
C SER A 110 19.06 29.48 -11.68
N VAL A 111 19.47 28.44 -12.41
CA VAL A 111 20.85 28.21 -12.86
C VAL A 111 20.72 27.93 -14.35
N LEU A 112 20.90 28.98 -15.17
CA LEU A 112 20.62 28.86 -16.61
C LEU A 112 21.72 29.29 -17.55
N HIS A 113 22.98 29.03 -17.19
CA HIS A 113 24.09 29.28 -18.11
C HIS A 113 23.95 28.44 -19.41
N THR A 114 23.29 27.28 -19.34
CA THR A 114 23.03 26.43 -20.52
C THR A 114 22.13 27.14 -21.55
N ALA A 115 21.25 28.07 -21.12
CA ALA A 115 20.35 28.81 -22.01
C ALA A 115 21.12 29.79 -22.90
N LEU A 116 22.33 30.25 -22.42
CA LEU A 116 23.18 31.20 -23.14
C LEU A 116 23.64 30.73 -24.51
N ARG A 117 23.75 29.42 -24.67
CA ARG A 117 24.25 28.85 -25.92
C ARG A 117 23.20 28.09 -26.75
N ILE A 118 21.90 28.18 -26.39
CA ILE A 118 20.84 27.55 -27.20
C ILE A 118 20.79 28.38 -28.53
N PRO A 119 20.94 27.75 -29.72
CA PRO A 119 20.92 28.53 -30.98
C PRO A 119 19.54 29.09 -31.31
N ILE A 120 19.51 30.15 -32.12
CA ILE A 120 18.32 30.88 -32.55
C ILE A 120 17.19 29.99 -33.11
N GLU A 121 17.54 28.95 -33.86
CA GLU A 121 16.52 28.06 -34.45
C GLU A 121 15.68 27.27 -33.40
N LYS A 122 16.17 27.25 -32.14
CA LYS A 122 15.52 26.57 -31.02
C LYS A 122 14.87 27.55 -30.03
N ILE A 123 14.81 28.86 -30.38
CA ILE A 123 14.23 29.93 -29.54
C ILE A 123 12.82 29.61 -29.01
N ASN A 124 12.01 28.88 -29.83
CA ASN A 124 10.66 28.53 -29.46
C ASN A 124 10.55 27.11 -28.93
N THR A 125 11.16 26.15 -29.63
CA THR A 125 11.13 24.73 -29.25
C THR A 125 11.83 24.46 -27.91
N HIS A 126 12.85 25.28 -27.57
CA HIS A 126 13.60 25.13 -26.35
C HIS A 126 13.39 26.28 -25.40
N LYS A 127 12.23 26.99 -25.54
CA LYS A 127 11.90 28.13 -24.69
C LYS A 127 11.94 27.82 -23.20
N ILE A 128 12.31 28.84 -22.40
CA ILE A 128 12.40 28.74 -20.94
C ILE A 128 11.71 30.00 -20.46
N ILE A 129 10.55 29.81 -19.82
CA ILE A 129 9.72 30.88 -19.30
C ILE A 129 10.04 31.18 -17.82
N ILE A 130 10.62 32.35 -17.57
CA ILE A 130 10.95 32.88 -16.25
C ILE A 130 10.22 34.23 -16.19
N ASP A 131 9.38 34.43 -15.16
CA ASP A 131 8.56 35.63 -14.92
C ASP A 131 7.77 36.02 -16.18
N ASN A 132 7.02 35.02 -16.74
CA ASN A 132 6.19 35.11 -17.94
CA ASN A 132 6.19 35.12 -17.93
C ASN A 132 6.89 35.73 -19.18
N LYS A 133 8.18 35.40 -19.36
CA LYS A 133 9.01 35.85 -20.48
C LYS A 133 9.97 34.73 -20.91
N ASN A 134 10.08 34.47 -22.25
CA ASN A 134 11.02 33.48 -22.77
C ASN A 134 12.43 34.10 -22.68
N VAL A 135 13.25 33.62 -21.72
CA VAL A 135 14.60 34.12 -21.49
C VAL A 135 15.51 34.05 -22.73
N LEU A 136 15.21 33.14 -23.69
CA LEU A 136 15.97 32.99 -24.93
C LEU A 136 15.88 34.24 -25.81
N GLU A 137 14.79 35.03 -25.65
CA GLU A 137 14.61 36.28 -26.36
C GLU A 137 15.60 37.32 -25.83
N ASP A 138 15.86 37.34 -24.52
CA ASP A 138 16.83 38.23 -23.89
C ASP A 138 18.24 37.79 -24.31
N VAL A 139 18.51 36.47 -24.31
CA VAL A 139 19.79 35.85 -24.67
C VAL A 139 20.15 36.29 -26.09
N HIS A 140 19.21 36.05 -27.03
CA HIS A 140 19.44 36.43 -28.42
C HIS A 140 19.43 37.93 -28.74
N GLY A 141 18.71 38.72 -27.95
CA GLY A 141 18.71 40.17 -28.08
C GLY A 141 20.11 40.70 -27.82
N VAL A 142 20.75 40.17 -26.76
CA VAL A 142 22.14 40.54 -26.41
C VAL A 142 23.13 40.02 -27.45
N LEU A 143 23.01 38.74 -27.88
CA LEU A 143 23.89 38.16 -28.87
C LEU A 143 23.86 38.95 -30.21
N LYS A 144 22.65 39.40 -30.64
CA LYS A 144 22.50 40.20 -31.87
C LYS A 144 23.21 41.55 -31.70
N LYS A 145 23.13 42.14 -30.51
CA LYS A 145 23.77 43.41 -30.19
C LYS A 145 25.31 43.24 -30.24
N ILE A 146 25.81 42.10 -29.73
CA ILE A 146 27.27 41.80 -29.73
C ILE A 146 27.74 41.57 -31.15
N GLU A 147 26.98 40.78 -31.95
CA GLU A 147 27.34 40.50 -33.34
C GLU A 147 27.50 41.82 -34.08
N LYS A 148 26.50 42.75 -33.96
CA LYS A 148 26.53 44.05 -34.62
C LYS A 148 27.70 44.90 -34.14
N TYR A 149 27.87 45.05 -32.81
CA TYR A 149 28.93 45.86 -32.24
C TYR A 149 30.33 45.35 -32.62
N SER A 150 30.57 44.04 -32.49
CA SER A 150 31.87 43.43 -32.79
C SER A 150 32.15 43.50 -34.29
N ASP A 151 31.14 43.29 -35.15
CA ASP A 151 31.30 43.41 -36.61
C ASP A 151 31.70 44.85 -36.93
N ASP A 152 31.05 45.83 -36.30
CA ASP A 152 31.30 47.26 -36.50
C ASP A 152 32.69 47.69 -36.05
N ILE A 153 33.18 47.14 -34.93
CA ILE A 153 34.53 47.43 -34.43
C ILE A 153 35.55 46.85 -35.41
N ARG A 154 35.35 45.60 -35.83
CA ARG A 154 36.25 44.86 -36.71
C ARG A 154 36.28 45.35 -38.14
N ASN A 155 35.16 45.95 -38.64
CA ASN A 155 35.08 46.47 -40.01
CA ASN A 155 35.17 46.45 -40.02
C ASN A 155 35.42 47.96 -40.05
N GLY A 156 35.69 48.54 -38.88
CA GLY A 156 35.97 49.96 -38.78
C GLY A 156 34.76 50.86 -38.95
N VAL A 157 33.52 50.35 -38.78
CA VAL A 157 32.30 51.17 -38.80
C VAL A 157 32.32 52.02 -37.52
N ILE A 158 32.64 51.38 -36.37
CA ILE A 158 32.81 52.04 -35.07
C ILE A 158 34.28 52.33 -34.92
N LYS A 159 34.63 53.61 -34.76
CA LYS A 159 36.02 54.03 -34.69
C LYS A 159 36.38 54.70 -33.38
N THR A 160 37.68 54.94 -33.18
CA THR A 160 38.24 55.60 -32.00
C THR A 160 37.91 57.10 -32.11
N CYS A 161 38.32 57.89 -31.11
CA CYS A 161 38.11 59.33 -31.13
C CYS A 161 38.97 60.01 -32.21
N LYS A 162 40.06 59.33 -32.66
CA LYS A 162 40.92 59.84 -33.73
C LYS A 162 40.51 59.27 -35.11
N ASN A 163 39.26 58.75 -35.22
CA ASN A 163 38.67 58.14 -36.42
CA ASN A 163 38.69 58.18 -36.44
C ASN A 163 39.55 57.04 -37.03
N THR A 164 40.12 56.22 -36.17
CA THR A 164 40.95 55.08 -36.58
C THR A 164 40.32 53.80 -36.00
N LYS A 165 40.82 52.65 -36.40
CA LYS A 165 40.33 51.39 -35.87
C LYS A 165 40.93 51.13 -34.50
N PHE A 166 40.14 50.51 -33.60
CA PHE A 166 40.66 50.12 -32.28
C PHE A 166 41.71 49.02 -32.48
N LYS A 167 42.75 49.01 -31.65
CA LYS A 167 43.86 48.04 -31.70
C LYS A 167 43.95 47.25 -30.41
N ASN A 168 43.57 47.87 -29.27
CA ASN A 168 43.68 47.27 -27.94
C ASN A 168 42.35 47.18 -27.24
N VAL A 169 42.22 46.14 -26.39
CA VAL A 169 41.06 45.91 -25.54
C VAL A 169 41.54 45.61 -24.12
N ILE A 170 41.19 46.47 -23.17
CA ILE A 170 41.47 46.22 -21.77
C ILE A 170 40.17 45.73 -21.12
N CYS A 171 40.13 44.46 -20.69
CA CYS A 171 38.98 43.89 -19.97
C CYS A 171 39.22 44.07 -18.49
N ILE A 172 38.31 44.77 -17.81
CA ILE A 172 38.44 45.02 -16.37
C ILE A 172 37.36 44.20 -15.69
N GLY A 173 37.78 43.26 -14.86
CA GLY A 173 36.88 42.39 -14.12
C GLY A 173 37.63 41.43 -13.22
N ILE A 174 36.95 40.92 -12.17
CA ILE A 174 37.56 39.99 -11.23
C ILE A 174 36.90 38.61 -11.34
N GLY A 175 37.60 37.58 -10.87
CA GLY A 175 37.12 36.20 -10.82
C GLY A 175 36.47 35.71 -12.10
N GLY A 176 35.20 35.35 -12.01
CA GLY A 176 34.41 34.84 -13.13
C GLY A 176 34.25 35.80 -14.30
N SER A 177 34.44 37.11 -14.04
CA SER A 177 34.34 38.13 -15.07
C SER A 177 35.50 38.15 -16.06
N TYR A 178 36.58 37.38 -15.81
CA TYR A 178 37.68 37.24 -16.78
C TYR A 178 38.31 35.84 -16.91
N LEU A 179 38.27 34.99 -15.86
CA LEU A 179 38.94 33.67 -15.92
C LEU A 179 38.57 32.81 -17.11
N GLY A 180 37.28 32.67 -17.37
CA GLY A 180 36.81 31.91 -18.53
C GLY A 180 37.21 32.58 -19.82
N THR A 181 37.05 33.91 -19.89
CA THR A 181 37.42 34.68 -21.07
C THR A 181 38.92 34.50 -21.40
N GLU A 182 39.81 34.66 -20.38
CA GLU A 182 41.24 34.53 -20.61
C GLU A 182 41.62 33.12 -21.06
N PHE A 183 40.95 32.10 -20.50
CA PHE A 183 41.17 30.72 -20.92
C PHE A 183 40.91 30.63 -22.43
N VAL A 184 39.72 31.05 -22.88
CA VAL A 184 39.30 30.98 -24.30
C VAL A 184 40.17 31.85 -25.20
N TYR A 185 40.51 33.06 -24.74
CA TYR A 185 41.33 33.98 -25.48
C TYR A 185 42.72 33.35 -25.80
N GLU A 186 43.43 32.93 -24.79
CA GLU A 186 44.73 32.29 -24.97
C GLU A 186 44.65 30.97 -25.77
N ALA A 187 43.58 30.19 -25.56
CA ALA A 187 43.40 28.92 -26.26
C ALA A 187 43.22 29.11 -27.76
N MET A 188 42.43 30.10 -28.15
CA MET A 188 42.00 30.33 -29.52
C MET A 188 42.79 31.34 -30.36
N LYS A 189 43.49 32.27 -29.74
CA LYS A 189 44.17 33.32 -30.50
C LYS A 189 45.07 32.84 -31.64
N TYR A 190 45.89 31.80 -31.40
CA TYR A 190 46.80 31.27 -32.42
C TYR A 190 46.05 30.51 -33.47
N TYR A 191 44.90 29.89 -33.11
CA TYR A 191 44.10 29.21 -34.13
C TYR A 191 43.55 30.28 -35.09
N TYR A 192 43.05 31.39 -34.52
CA TYR A 192 42.56 32.50 -35.26
C TYR A 192 43.69 33.16 -36.12
N TYR A 193 44.86 33.46 -35.53
CA TYR A 193 45.95 34.10 -36.31
C TYR A 193 46.49 33.21 -37.42
N ASN A 194 46.72 31.93 -37.11
CA ASN A 194 47.37 30.99 -38.00
C ASN A 194 46.46 30.39 -39.07
N MET A 195 45.31 29.85 -38.65
CA MET A 195 44.34 29.19 -39.54
C MET A 195 43.46 30.18 -40.27
N GLU A 196 43.05 31.26 -39.62
CA GLU A 196 42.19 32.24 -40.25
C GLU A 196 42.97 33.40 -40.92
N LEU A 197 43.68 34.23 -40.16
CA LEU A 197 44.38 35.36 -40.75
C LEU A 197 45.53 34.98 -41.70
N ASN A 198 46.32 33.95 -41.36
CA ASN A 198 47.44 33.50 -42.17
C ASN A 198 47.10 32.33 -43.05
N LYS A 199 45.86 31.82 -42.97
CA LYS A 199 45.35 30.74 -43.82
C LYS A 199 46.26 29.50 -43.89
N ASN A 200 46.89 29.12 -42.75
CA ASN A 200 47.75 27.94 -42.69
C ASN A 200 46.90 26.70 -42.93
N GLU A 201 47.45 25.74 -43.66
CA GLU A 201 46.77 24.48 -43.98
C GLU A 201 47.51 23.29 -43.36
N LYS A 202 46.74 22.26 -42.91
CA LYS A 202 47.24 21.06 -42.21
C LYS A 202 48.37 20.28 -42.84
N ASP A 203 48.46 20.31 -44.19
CA ASP A 203 49.52 19.64 -44.95
CA ASP A 203 49.51 19.65 -44.98
C ASP A 203 50.84 20.40 -44.85
N GLN A 204 50.80 21.70 -44.48
CA GLN A 204 51.98 22.56 -44.35
C GLN A 204 52.45 22.73 -42.91
N VAL A 205 53.78 22.80 -42.73
CA VAL A 205 54.49 22.94 -41.46
C VAL A 205 55.39 24.17 -41.55
N ASN A 206 56.01 24.56 -40.43
CA ASN A 206 57.00 25.61 -40.36
C ASN A 206 56.54 26.96 -40.91
N ASN A 207 55.36 27.42 -40.44
CA ASN A 207 54.79 28.69 -40.89
C ASN A 207 55.44 29.91 -40.24
N PHE A 208 56.78 29.98 -40.29
CA PHE A 208 57.55 31.07 -39.67
C PHE A 208 57.35 32.44 -40.28
N ASN A 209 56.81 32.52 -41.51
CA ASN A 209 56.56 33.79 -42.16
C ASN A 209 55.16 34.36 -41.84
N ASN A 210 54.41 33.71 -40.92
CA ASN A 210 53.10 34.20 -40.48
C ASN A 210 53.22 35.62 -39.97
N ASN A 211 52.26 36.45 -40.35
CA ASN A 211 52.23 37.86 -39.98
C ASN A 211 51.27 38.05 -38.79
N TYR A 212 51.74 38.77 -37.75
CA TYR A 212 50.98 39.04 -36.54
C TYR A 212 50.72 40.55 -36.33
N ASP A 213 51.15 41.38 -37.29
CA ASP A 213 50.96 42.83 -37.25
C ASP A 213 50.09 43.19 -38.45
N GLN A 214 48.82 42.89 -38.32
CA GLN A 214 47.84 43.12 -39.37
C GLN A 214 46.48 43.50 -38.76
N ASP A 215 45.51 43.86 -39.60
CA ASP A 215 44.16 44.23 -39.17
C ASP A 215 43.55 43.15 -38.29
N ASN A 216 42.77 43.57 -37.31
CA ASN A 216 42.03 42.66 -36.44
C ASN A 216 42.85 41.65 -35.64
N VAL A 217 44.07 42.09 -35.25
CA VAL A 217 44.93 41.41 -34.31
C VAL A 217 44.84 42.36 -33.12
N PHE A 218 43.92 42.08 -32.21
CA PHE A 218 43.71 42.94 -31.05
C PHE A 218 44.65 42.61 -29.89
N ASN A 219 45.19 43.65 -29.27
CA ASN A 219 46.06 43.44 -28.13
C ASN A 219 45.14 43.43 -26.89
N VAL A 220 44.67 42.23 -26.51
CA VAL A 220 43.73 42.06 -25.40
C VAL A 220 44.50 41.88 -24.10
N ARG A 221 44.16 42.72 -23.10
CA ARG A 221 44.76 42.68 -21.77
C ARG A 221 43.65 42.47 -20.72
N PHE A 222 43.96 41.75 -19.64
CA PHE A 222 43.01 41.49 -18.54
C PHE A 222 43.51 42.19 -17.27
N LEU A 223 42.74 43.19 -16.81
CA LEU A 223 43.09 43.95 -15.63
C LEU A 223 42.17 43.38 -14.54
N ALA A 224 42.75 42.45 -13.75
CA ALA A 224 42.01 41.71 -12.74
C ALA A 224 42.37 42.03 -11.33
N ASN A 225 43.66 42.22 -11.03
CA ASN A 225 44.09 42.51 -9.67
C ASN A 225 43.89 43.98 -9.30
N VAL A 226 43.45 44.25 -8.07
CA VAL A 226 43.30 45.62 -7.56
C VAL A 226 44.73 46.20 -7.31
N ASP A 227 45.76 45.34 -7.25
CA ASP A 227 47.13 45.76 -7.10
C ASP A 227 47.44 46.77 -8.24
N PRO A 228 47.88 48.02 -7.94
CA PRO A 228 48.22 48.97 -9.02
C PRO A 228 49.32 48.49 -9.99
N ASN A 229 50.12 47.45 -9.61
CA ASN A 229 51.10 46.82 -10.50
C ASN A 229 50.36 46.23 -11.72
N ASP A 230 49.12 45.77 -11.53
CA ASP A 230 48.33 45.21 -12.64
C ASP A 230 47.85 46.29 -13.61
N VAL A 231 47.57 47.50 -13.10
CA VAL A 231 47.23 48.66 -13.95
C VAL A 231 48.48 48.95 -14.82
N ASN A 232 49.67 48.90 -14.21
CA ASN A 232 50.92 49.09 -14.91
C ASN A 232 51.09 48.10 -16.07
N ARG A 233 50.81 46.82 -15.80
CA ARG A 233 50.87 45.76 -16.82
C ARG A 233 49.81 45.99 -17.90
N ALA A 234 48.60 46.39 -17.48
CA ALA A 234 47.52 46.62 -18.45
C ALA A 234 47.84 47.76 -19.45
N ILE A 235 48.40 48.89 -18.98
CA ILE A 235 48.65 50.09 -19.82
C ILE A 235 49.99 50.15 -20.57
N GLN A 236 50.94 49.27 -20.19
CA GLN A 236 52.27 49.08 -20.79
CA GLN A 236 52.27 49.29 -20.79
C GLN A 236 52.29 49.25 -22.32
N ASN A 237 52.98 50.28 -22.87
CA ASN A 237 53.12 50.52 -24.33
C ASN A 237 51.80 50.69 -25.10
N LEU A 238 50.72 51.06 -24.40
CA LEU A 238 49.42 51.22 -25.07
C LEU A 238 49.16 52.69 -25.26
N ASP A 239 48.58 53.05 -26.41
CA ASP A 239 48.17 54.43 -26.64
C ASP A 239 46.67 54.49 -26.33
N GLN A 240 46.25 55.45 -25.46
CA GLN A 240 44.84 55.65 -25.10
C GLN A 240 43.95 55.76 -26.34
N TYR A 241 44.45 56.42 -27.41
CA TYR A 241 43.72 56.62 -28.66
C TYR A 241 43.36 55.35 -29.43
N ASP A 242 44.07 54.22 -29.20
CA ASP A 242 43.83 52.93 -29.86
C ASP A 242 43.05 51.94 -29.00
N THR A 243 42.77 52.31 -27.76
CA THR A 243 42.26 51.42 -26.72
C THR A 243 40.76 51.48 -26.39
N LEU A 244 40.12 50.31 -26.45
CA LEU A 244 38.73 50.11 -26.02
C LEU A 244 38.81 49.48 -24.61
N VAL A 245 38.03 50.01 -23.66
CA VAL A 245 38.00 49.53 -22.30
C VAL A 245 36.64 48.88 -22.02
N ILE A 246 36.66 47.61 -21.59
CA ILE A 246 35.43 46.86 -21.25
C ILE A 246 35.41 46.63 -19.74
N ILE A 247 34.39 47.20 -19.05
CA ILE A 247 34.24 47.07 -17.60
C ILE A 247 33.15 46.01 -17.33
N ILE A 248 33.55 44.90 -16.69
CA ILE A 248 32.66 43.77 -16.43
C ILE A 248 32.35 43.65 -14.95
N SER A 249 31.07 43.93 -14.59
CA SER A 249 30.59 43.88 -13.21
C SER A 249 29.08 43.94 -13.24
N LYS A 250 28.41 42.89 -12.73
CA LYS A 250 26.94 42.88 -12.71
C LYS A 250 26.35 44.14 -12.02
N THR A 251 26.82 44.45 -10.80
CA THR A 251 26.36 45.58 -10.00
C THR A 251 26.98 46.93 -10.37
N PHE A 252 28.17 46.92 -10.99
CA PHE A 252 28.95 48.11 -11.31
C PHE A 252 29.38 48.80 -10.02
N THR A 253 29.48 48.00 -8.91
CA THR A 253 29.92 48.50 -7.60
C THR A 253 31.06 47.65 -7.03
N THR A 254 31.39 46.52 -7.67
CA THR A 254 32.49 45.62 -7.25
C THR A 254 33.73 46.47 -6.93
N ALA A 255 34.18 46.45 -5.65
CA ALA A 255 35.28 47.30 -5.17
C ALA A 255 36.54 47.34 -6.05
N GLU A 256 37.13 46.19 -6.36
CA GLU A 256 38.36 46.05 -7.15
C GLU A 256 38.17 46.46 -8.59
N THR A 257 37.16 45.91 -9.26
CA THR A 257 36.84 46.22 -10.64
C THR A 257 36.61 47.73 -10.83
N MET A 258 35.79 48.33 -9.94
CA MET A 258 35.45 49.74 -10.05
C MET A 258 36.60 50.67 -9.72
N LEU A 259 37.48 50.31 -8.77
CA LEU A 259 38.68 51.13 -8.53
C LEU A 259 39.58 51.06 -9.78
N ASN A 260 39.68 49.86 -10.40
CA ASN A 260 40.46 49.70 -11.64
C ASN A 260 39.85 50.46 -12.78
N ALA A 261 38.50 50.45 -12.88
CA ALA A 261 37.76 51.18 -13.91
C ALA A 261 38.00 52.70 -13.76
N ARG A 262 37.92 53.23 -12.54
CA ARG A 262 38.17 54.65 -12.29
C ARG A 262 39.62 55.01 -12.65
N SER A 263 40.57 54.10 -12.33
CA SER A 263 41.98 54.29 -12.64
C SER A 263 42.24 54.31 -14.14
N ILE A 264 41.60 53.38 -14.89
CA ILE A 264 41.75 53.31 -16.33
C ILE A 264 41.04 54.47 -17.04
N LYS A 265 39.94 54.96 -16.46
CA LYS A 265 39.24 56.12 -16.99
C LYS A 265 40.15 57.37 -16.83
N LYS A 266 40.87 57.48 -15.68
CA LYS A 266 41.84 58.55 -15.44
C LYS A 266 42.97 58.46 -16.48
N TRP A 267 43.48 57.23 -16.77
CA TRP A 267 44.52 57.01 -17.78
C TRP A 267 44.01 57.40 -19.18
N LEU A 268 42.77 56.98 -19.55
CA LEU A 268 42.17 57.38 -20.84
C LEU A 268 42.09 58.92 -20.94
N SER A 269 41.68 59.59 -19.85
CA SER A 269 41.47 61.04 -19.77
C SER A 269 42.75 61.88 -19.80
N LEU A 270 43.91 61.25 -19.78
CA LEU A 270 45.19 61.94 -19.93
C LEU A 270 45.27 62.45 -21.39
N LYS A 271 44.60 61.76 -22.31
CA LYS A 271 44.59 62.09 -23.74
C LYS A 271 43.19 62.35 -24.28
N ILE A 272 42.16 61.59 -23.83
CA ILE A 272 40.78 61.70 -24.31
C ILE A 272 40.00 62.52 -23.26
N LYS A 273 39.92 63.82 -23.52
CA LYS A 273 39.33 64.82 -22.63
C LYS A 273 37.83 65.06 -22.78
N ASP A 274 37.25 64.84 -23.97
CA ASP A 274 35.81 65.08 -24.21
C ASP A 274 35.00 63.89 -23.76
N ASP A 275 33.85 64.12 -23.08
CA ASP A 275 32.98 63.04 -22.63
C ASP A 275 32.44 62.19 -23.75
N GLU A 276 32.09 62.79 -24.90
CA GLU A 276 31.56 62.00 -26.01
C GLU A 276 32.64 61.17 -26.69
N ASN A 277 33.91 61.61 -26.64
CA ASN A 277 35.00 60.82 -27.21
C ASN A 277 35.36 59.68 -26.26
N LEU A 278 35.33 59.96 -24.94
CA LEU A 278 35.57 59.01 -23.87
C LEU A 278 34.52 57.88 -23.96
N SER A 279 33.24 58.18 -24.29
CA SER A 279 32.17 57.18 -24.43
CA SER A 279 32.16 57.19 -24.45
C SER A 279 32.40 56.23 -25.61
N LYS A 280 33.20 56.65 -26.62
CA LYS A 280 33.50 55.76 -27.75
C LYS A 280 34.51 54.69 -27.32
N HIS A 281 35.32 54.97 -26.27
CA HIS A 281 36.37 54.09 -25.75
C HIS A 281 35.98 53.21 -24.55
N MET A 282 34.73 53.32 -24.08
CA MET A 282 34.28 52.59 -22.90
C MET A 282 33.02 51.79 -23.14
N VAL A 283 33.06 50.53 -22.70
CA VAL A 283 31.92 49.63 -22.74
C VAL A 283 31.70 48.96 -21.39
N ALA A 284 30.45 48.60 -21.07
CA ALA A 284 30.20 47.91 -19.82
C ALA A 284 29.44 46.63 -20.06
N VAL A 285 29.73 45.61 -19.23
CA VAL A 285 28.97 44.38 -19.24
C VAL A 285 28.42 44.40 -17.83
N SER A 286 27.13 44.79 -17.71
CA SER A 286 26.48 45.04 -16.42
C SER A 286 24.95 45.16 -16.59
N THR A 287 24.22 45.23 -15.46
CA THR A 287 22.76 45.48 -15.52
C THR A 287 22.43 46.74 -14.76
N ASN A 288 23.44 47.31 -14.10
CA ASN A 288 23.16 48.53 -13.36
C ASN A 288 23.26 49.71 -14.32
N LEU A 289 22.14 50.01 -15.00
CA LEU A 289 22.09 51.07 -15.99
C LEU A 289 22.26 52.45 -15.40
N LYS A 290 21.86 52.64 -14.14
CA LYS A 290 22.00 53.91 -13.41
C LYS A 290 23.51 54.22 -13.25
N LEU A 291 24.27 53.22 -12.80
CA LEU A 291 25.72 53.36 -12.54
C LEU A 291 26.59 53.42 -13.78
N THR A 292 26.22 52.68 -14.83
CA THR A 292 26.94 52.78 -16.11
C THR A 292 26.75 54.19 -16.69
N ASP A 293 25.51 54.73 -16.58
CA ASP A 293 25.17 56.07 -17.02
C ASP A 293 26.02 57.11 -16.28
N GLU A 294 26.11 57.00 -14.95
CA GLU A 294 26.90 57.88 -14.08
C GLU A 294 28.38 57.84 -14.45
N PHE A 295 28.85 56.65 -14.86
CA PHE A 295 30.25 56.44 -15.24
C PHE A 295 30.57 57.11 -16.58
N GLY A 296 29.54 57.44 -17.35
CA GLY A 296 29.72 58.09 -18.64
C GLY A 296 29.73 57.11 -19.80
N ILE A 297 29.17 55.90 -19.59
CA ILE A 297 29.06 54.89 -20.63
C ILE A 297 27.73 55.10 -21.36
N SER A 298 27.77 55.15 -22.69
CA SER A 298 26.58 55.30 -23.51
C SER A 298 25.68 54.05 -23.41
N ARG A 299 24.37 54.21 -23.61
CA ARG A 299 23.40 53.10 -23.53
C ARG A 299 23.59 52.01 -24.53
N ASP A 300 24.12 52.36 -25.71
CA ASP A 300 24.40 51.36 -26.73
C ASP A 300 25.62 50.53 -26.36
N ASN A 301 26.38 51.00 -25.33
CA ASN A 301 27.64 50.37 -24.94
C ASN A 301 27.53 49.52 -23.65
N VAL A 302 26.30 49.20 -23.25
CA VAL A 302 26.04 48.37 -22.08
C VAL A 302 25.40 47.07 -22.52
N PHE A 303 26.09 45.97 -22.21
CA PHE A 303 25.67 44.62 -22.61
C PHE A 303 25.21 43.86 -21.36
N GLU A 304 23.98 43.40 -21.38
CA GLU A 304 23.40 42.77 -20.23
C GLU A 304 23.64 41.26 -20.10
N PHE A 305 23.53 40.79 -18.88
CA PHE A 305 23.53 39.40 -18.46
C PHE A 305 22.56 39.26 -17.28
N TRP A 306 22.25 38.05 -16.85
CA TRP A 306 21.19 37.84 -15.88
C TRP A 306 21.62 37.17 -14.59
N ASP A 307 20.81 37.33 -13.53
CA ASP A 307 21.15 36.75 -12.21
C ASP A 307 21.25 35.23 -12.20
N TRP A 308 20.64 34.54 -13.18
CA TRP A 308 20.71 33.08 -13.33
C TRP A 308 22.01 32.61 -14.03
N VAL A 309 22.92 33.58 -14.32
CA VAL A 309 24.25 33.35 -14.86
C VAL A 309 25.23 33.54 -13.70
N GLY A 310 25.80 32.46 -13.19
CA GLY A 310 26.80 32.57 -12.12
C GLY A 310 28.10 33.07 -12.71
N GLY A 311 28.85 33.90 -11.97
CA GLY A 311 30.13 34.45 -12.40
C GLY A 311 31.06 33.43 -13.03
N ARG A 312 31.31 32.31 -12.34
CA ARG A 312 32.16 31.21 -12.83
C ARG A 312 31.55 30.40 -14.01
N PHE A 313 30.28 30.70 -14.40
CA PHE A 313 29.59 30.09 -15.54
C PHE A 313 29.24 31.21 -16.58
N SER A 314 29.87 32.38 -16.48
CA SER A 314 29.51 33.55 -17.29
C SER A 314 30.21 33.77 -18.64
N VAL A 315 31.25 33.00 -18.99
CA VAL A 315 31.97 33.18 -20.27
C VAL A 315 31.06 33.10 -21.52
N THR A 316 30.01 32.25 -21.50
CA THR A 316 29.08 32.14 -22.62
C THR A 316 28.00 33.24 -22.66
N SER A 317 28.02 34.16 -21.70
CA SER A 317 27.11 35.31 -21.73
C SER A 317 27.95 36.44 -22.35
N SER A 318 27.41 37.68 -22.40
CA SER A 318 28.14 38.86 -22.89
C SER A 318 29.51 39.05 -22.19
N VAL A 319 29.66 38.57 -20.94
CA VAL A 319 30.93 38.64 -20.15
C VAL A 319 32.13 38.22 -21.04
N GLY A 320 32.01 37.06 -21.68
CA GLY A 320 33.04 36.53 -22.57
C GLY A 320 32.73 36.73 -24.03
N ILE A 321 31.45 36.57 -24.44
CA ILE A 321 31.09 36.68 -25.85
C ILE A 321 31.40 38.06 -26.46
N LEU A 322 31.24 39.13 -25.69
CA LEU A 322 31.59 40.45 -26.21
C LEU A 322 33.11 40.62 -26.47
N PRO A 323 34.04 40.51 -25.49
CA PRO A 323 35.45 40.68 -25.84
C PRO A 323 35.98 39.63 -26.82
N LEU A 324 35.48 38.39 -26.75
CA LEU A 324 35.97 37.34 -27.66
C LEU A 324 35.48 37.51 -29.10
N SER A 325 34.25 38.07 -29.31
CA SER A 325 33.74 38.37 -30.64
C SER A 325 34.50 39.59 -31.21
N ILE A 326 34.94 40.51 -30.37
CA ILE A 326 35.76 41.65 -30.85
C ILE A 326 37.11 41.07 -31.34
N ALA A 327 37.75 40.24 -30.51
CA ALA A 327 39.05 39.64 -30.84
C ALA A 327 39.02 38.71 -32.03
N PHE A 328 37.97 37.86 -32.14
CA PHE A 328 37.95 36.81 -33.15
C PHE A 328 36.84 36.84 -34.19
N GLY A 329 35.84 37.69 -33.98
CA GLY A 329 34.67 37.77 -34.86
C GLY A 329 33.54 36.92 -34.29
N TYR A 330 32.30 37.40 -34.38
CA TYR A 330 31.12 36.70 -33.89
C TYR A 330 30.93 35.30 -34.46
N LYS A 331 31.20 35.10 -35.79
CA LYS A 331 31.05 33.80 -36.44
C LYS A 331 31.84 32.72 -35.70
N ASN A 332 33.08 33.04 -35.28
CA ASN A 332 33.91 32.10 -34.53
C ASN A 332 33.29 31.81 -33.15
N MET A 333 32.79 32.84 -32.48
CA MET A 333 32.14 32.72 -31.19
C MET A 333 30.81 31.95 -31.25
N ARG A 334 30.09 32.04 -32.41
CA ARG A 334 28.85 31.30 -32.62
CA ARG A 334 28.85 31.30 -32.60
C ARG A 334 29.20 29.80 -32.65
N ASN A 335 30.32 29.44 -33.32
CA ASN A 335 30.77 28.05 -33.38
C ASN A 335 31.15 27.53 -31.99
N PHE A 336 31.80 28.39 -31.16
CA PHE A 336 32.17 28.07 -29.76
C PHE A 336 30.87 27.77 -29.00
N LEU A 337 29.84 28.61 -29.17
CA LEU A 337 28.52 28.44 -28.52
C LEU A 337 27.87 27.14 -28.94
N ASN A 338 27.99 26.76 -30.23
CA ASN A 338 27.43 25.50 -30.75
C ASN A 338 28.09 24.31 -30.08
N GLY A 339 29.40 24.41 -29.84
CA GLY A 339 30.15 23.39 -29.13
C GLY A 339 29.63 23.20 -27.72
N CYS A 340 29.45 24.31 -26.97
CA CYS A 340 28.90 24.32 -25.62
C CYS A 340 27.53 23.65 -25.62
N HIS A 341 26.69 24.06 -26.59
CA HIS A 341 25.33 23.56 -26.73
C HIS A 341 25.26 22.06 -26.99
N ASP A 342 26.10 21.53 -27.92
CA ASP A 342 26.12 20.10 -28.23
C ASP A 342 26.54 19.25 -27.05
N MET A 343 27.52 19.73 -26.25
CA MET A 343 27.92 19.03 -25.04
C MET A 343 26.81 19.14 -23.95
N ASP A 344 26.11 20.31 -23.84
CA ASP A 344 24.98 20.47 -22.92
C ASP A 344 23.90 19.42 -23.22
N GLU A 345 23.55 19.25 -24.52
CA GLU A 345 22.53 18.29 -24.98
C GLU A 345 22.92 16.85 -24.65
N HIS A 346 24.22 16.53 -24.79
CA HIS A 346 24.75 15.22 -24.43
C HIS A 346 24.59 15.01 -22.92
N PHE A 347 25.02 16.00 -22.13
CA PHE A 347 24.92 15.95 -20.68
C PHE A 347 23.47 15.70 -20.20
N LEU A 348 22.51 16.42 -20.79
CA LEU A 348 21.12 16.30 -20.39
C LEU A 348 20.49 14.97 -20.81
N HIS A 349 20.72 14.57 -22.06
CA HIS A 349 20.05 13.41 -22.66
C HIS A 349 20.73 12.05 -22.59
N ALA A 350 22.07 11.96 -22.63
CA ALA A 350 22.74 10.64 -22.63
C ALA A 350 22.45 9.84 -21.39
N ASP A 351 22.24 8.51 -21.54
CA ASP A 351 22.06 7.57 -20.42
C ASP A 351 23.34 7.66 -19.60
N LEU A 352 23.22 7.59 -18.26
CA LEU A 352 24.32 7.77 -17.32
C LEU A 352 25.59 6.99 -17.65
N LYS A 353 25.43 5.72 -18.10
CA LYS A 353 26.56 4.84 -18.42
C LYS A 353 27.34 5.32 -19.68
N GLU A 354 26.72 6.20 -20.48
CA GLU A 354 27.27 6.71 -21.73
C GLU A 354 27.43 8.24 -21.68
N ASN A 355 27.22 8.82 -20.49
CA ASN A 355 27.25 10.26 -20.27
C ASN A 355 28.65 10.70 -19.79
N ILE A 356 29.42 11.28 -20.71
CA ILE A 356 30.82 11.69 -20.48
C ILE A 356 31.03 12.61 -19.24
N PRO A 357 30.34 13.76 -19.11
CA PRO A 357 30.55 14.59 -17.88
C PRO A 357 30.12 13.86 -16.59
N VAL A 358 29.06 13.02 -16.68
CA VAL A 358 28.60 12.28 -15.50
C VAL A 358 29.67 11.25 -15.07
N LEU A 359 30.22 10.48 -16.03
CA LEU A 359 31.25 9.49 -15.75
C LEU A 359 32.52 10.15 -15.20
N LEU A 360 32.84 11.36 -15.68
CA LEU A 360 34.00 12.12 -15.21
C LEU A 360 33.76 12.59 -13.76
N ALA A 361 32.55 13.08 -13.46
CA ALA A 361 32.15 13.48 -12.10
C ALA A 361 32.14 12.27 -11.15
N LEU A 362 31.62 11.11 -11.61
CA LEU A 362 31.60 9.88 -10.79
C LEU A 362 33.00 9.41 -10.45
N THR A 363 33.93 9.52 -11.41
CA THR A 363 35.34 9.15 -11.24
C THR A 363 35.97 10.04 -10.18
N SER A 364 35.77 11.36 -10.29
CA SER A 364 36.29 12.36 -9.36
C SER A 364 35.78 12.09 -7.93
N PHE A 365 34.46 11.84 -7.79
CA PHE A 365 33.77 11.53 -6.54
C PHE A 365 34.35 10.26 -5.93
N TYR A 366 34.53 9.21 -6.75
CA TYR A 366 35.07 7.91 -6.36
C TYR A 366 36.51 8.07 -5.78
N ASN A 367 37.41 8.74 -6.54
CA ASN A 367 38.79 8.99 -6.09
C ASN A 367 38.85 9.77 -4.82
N SER A 368 38.03 10.80 -4.69
CA SER A 368 38.03 11.63 -3.48
C SER A 368 37.42 10.90 -2.28
N HIS A 369 36.22 10.30 -2.45
CA HIS A 369 35.54 9.65 -1.34
C HIS A 369 36.11 8.32 -0.88
N PHE A 370 36.44 7.43 -1.81
CA PHE A 370 36.89 6.08 -1.51
C PHE A 370 38.40 5.84 -1.44
N PHE A 371 39.18 6.75 -2.01
CA PHE A 371 40.64 6.64 -1.97
C PHE A 371 41.26 7.79 -1.20
N ASP A 372 40.42 8.79 -0.83
CA ASP A 372 40.83 9.99 -0.11
C ASP A 372 41.85 10.82 -0.88
N TYR A 373 41.73 10.82 -2.22
CA TYR A 373 42.56 11.61 -3.13
C TYR A 373 41.93 13.00 -3.27
N LYS A 374 42.39 13.93 -2.44
CA LYS A 374 41.83 15.29 -2.33
C LYS A 374 42.43 16.33 -3.29
N ASN A 375 43.09 15.86 -4.36
CA ASN A 375 43.66 16.76 -5.36
C ASN A 375 43.33 16.30 -6.75
N VAL A 376 43.34 17.23 -7.73
CA VAL A 376 43.16 16.94 -9.14
C VAL A 376 44.20 17.81 -9.86
N ALA A 377 45.03 17.18 -10.72
CA ALA A 377 45.99 17.92 -11.56
C ALA A 377 45.40 18.02 -12.98
N ILE A 378 45.22 19.26 -13.47
CA ILE A 378 44.68 19.56 -14.81
C ILE A 378 45.87 19.81 -15.66
N LEU A 379 46.17 18.86 -16.53
CA LEU A 379 47.41 18.87 -17.33
C LEU A 379 47.19 18.79 -18.84
N PRO A 380 46.87 19.94 -19.49
CA PRO A 380 46.70 19.92 -20.95
C PRO A 380 48.07 19.88 -21.64
N TYR A 381 48.28 18.94 -22.57
CA TYR A 381 49.53 18.84 -23.34
C TYR A 381 49.37 19.76 -24.57
N PHE A 382 49.29 21.08 -24.29
CA PHE A 382 49.01 22.11 -25.28
C PHE A 382 49.26 23.45 -24.60
N GLN A 383 50.39 24.10 -24.96
CA GLN A 383 50.74 25.40 -24.38
C GLN A 383 49.63 26.47 -24.51
N ASN A 384 48.79 26.44 -25.60
CA ASN A 384 47.73 27.42 -25.74
C ASN A 384 46.64 27.30 -24.69
N LEU A 385 46.60 26.14 -23.99
CA LEU A 385 45.69 25.91 -22.86
C LEU A 385 46.33 26.36 -21.51
N LEU A 386 47.39 27.21 -21.54
CA LEU A 386 48.06 27.70 -20.33
CA LEU A 386 48.07 27.72 -20.33
C LEU A 386 47.15 28.39 -19.31
N LYS A 387 45.98 28.89 -19.74
CA LYS A 387 45.06 29.57 -18.82
C LYS A 387 43.81 28.73 -18.50
N PHE A 388 43.76 27.48 -18.97
CA PHE A 388 42.60 26.59 -18.73
C PHE A 388 42.48 26.22 -17.23
N SER A 389 43.57 25.72 -16.62
CA SER A 389 43.68 25.31 -15.20
C SER A 389 43.19 26.41 -14.24
N ALA A 390 43.59 27.68 -14.46
CA ALA A 390 43.18 28.81 -13.62
C ALA A 390 41.67 28.98 -13.65
N HIS A 391 41.04 28.78 -14.83
CA HIS A 391 39.58 28.84 -14.94
C HIS A 391 38.93 27.63 -14.22
N ILE A 392 39.41 26.40 -14.50
CA ILE A 392 38.93 25.17 -13.85
C ILE A 392 39.04 25.25 -12.32
N GLN A 393 40.08 25.89 -11.79
CA GLN A 393 40.26 26.13 -10.35
C GLN A 393 39.10 26.86 -9.74
N GLN A 394 38.66 28.03 -10.33
CA GLN A 394 37.49 28.73 -9.81
C GLN A 394 36.20 27.92 -10.03
N LEU A 395 35.97 27.45 -11.27
CA LEU A 395 34.79 26.68 -11.64
C LEU A 395 34.55 25.53 -10.68
N SER A 396 35.60 24.75 -10.37
CA SER A 396 35.49 23.61 -9.46
C SER A 396 35.44 24.02 -8.00
N MET A 397 36.49 24.72 -7.53
CA MET A 397 36.69 25.07 -6.14
C MET A 397 35.66 26.01 -5.54
N GLU A 398 35.24 27.02 -6.29
CA GLU A 398 34.24 27.95 -5.78
C GLU A 398 32.85 27.33 -5.83
N SER A 399 32.60 26.42 -6.77
CA SER A 399 31.28 25.79 -6.83
C SER A 399 31.19 24.74 -5.74
N ASN A 400 32.19 23.85 -5.66
CA ASN A 400 32.11 22.68 -4.81
C ASN A 400 32.90 22.65 -3.50
N GLY A 401 33.59 23.74 -3.17
CA GLY A 401 34.36 23.88 -1.92
C GLY A 401 33.41 24.37 -0.83
N LYS A 402 32.53 23.47 -0.41
CA LYS A 402 31.43 23.74 0.54
C LYS A 402 31.49 22.76 1.72
N SER A 403 30.75 23.06 2.80
CA SER A 403 30.73 22.17 3.96
C SER A 403 29.33 22.03 4.56
N VAL A 404 28.29 22.32 3.73
CA VAL A 404 26.89 22.26 4.14
C VAL A 404 26.13 21.65 2.99
N ASP A 405 25.35 20.60 3.27
CA ASP A 405 24.61 19.91 2.24
C ASP A 405 23.30 20.60 1.79
N ARG A 406 22.63 20.03 0.79
CA ARG A 406 21.39 20.56 0.23
C ARG A 406 20.19 20.48 1.22
N ASN A 407 20.37 19.80 2.35
CA ASN A 407 19.41 19.67 3.44
C ASN A 407 19.80 20.59 4.59
N ASN A 408 20.77 21.50 4.35
CA ASN A 408 21.26 22.52 5.28
C ASN A 408 21.99 21.98 6.49
N GLN A 409 22.46 20.73 6.39
CA GLN A 409 23.19 20.05 7.44
C GLN A 409 24.69 20.24 7.26
N PRO A 410 25.42 20.69 8.29
CA PRO A 410 26.89 20.78 8.17
C PRO A 410 27.40 19.37 7.92
N ILE A 411 28.33 19.23 6.96
CA ILE A 411 28.83 17.92 6.59
C ILE A 411 30.31 17.78 6.85
N HIS A 412 30.79 16.55 7.00
CA HIS A 412 32.18 16.29 7.34
C HIS A 412 32.92 15.49 6.26
N TYR A 413 32.20 15.00 5.26
CA TYR A 413 32.82 14.24 4.18
C TYR A 413 33.52 15.19 3.19
N ASN A 414 34.31 14.60 2.29
CA ASN A 414 35.07 15.35 1.31
C ASN A 414 34.19 16.08 0.31
N THR A 415 34.53 17.34 0.04
CA THR A 415 33.88 18.09 -1.02
C THR A 415 34.91 18.30 -2.12
N CYS A 416 34.95 19.48 -2.76
CA CYS A 416 35.86 19.68 -3.88
C CYS A 416 37.32 19.47 -3.56
N GLN A 417 38.03 18.82 -4.48
CA GLN A 417 39.48 18.63 -4.40
C GLN A 417 40.19 19.97 -4.64
N VAL A 418 41.48 20.02 -4.31
CA VAL A 418 42.33 21.17 -4.65
C VAL A 418 42.72 20.91 -6.12
N TYR A 419 42.43 21.87 -7.01
CA TYR A 419 42.78 21.77 -8.42
C TYR A 419 44.01 22.61 -8.68
N PHE A 420 44.92 22.09 -9.50
CA PHE A 420 46.14 22.80 -9.87
C PHE A 420 46.65 22.22 -11.19
N GLY A 421 47.71 22.81 -11.71
CA GLY A 421 48.31 22.30 -12.93
C GLY A 421 49.01 23.34 -13.76
N GLU A 422 49.79 22.83 -14.70
CA GLU A 422 50.53 23.57 -15.72
C GLU A 422 50.46 22.74 -16.98
N PRO A 423 50.50 23.37 -18.17
CA PRO A 423 50.48 22.56 -19.41
C PRO A 423 51.67 21.64 -19.53
N GLY A 424 51.47 20.46 -20.12
CA GLY A 424 52.56 19.54 -20.40
C GLY A 424 53.31 20.07 -21.63
N THR A 425 54.63 19.93 -21.72
CA THR A 425 55.56 19.25 -20.82
C THR A 425 56.04 20.11 -19.65
N ASN A 426 55.60 21.39 -19.53
CA ASN A 426 56.03 22.25 -18.41
C ASN A 426 55.80 21.68 -17.01
N GLY A 427 54.57 21.24 -16.72
CA GLY A 427 54.23 20.67 -15.42
C GLY A 427 55.06 19.42 -15.16
N GLN A 428 55.27 18.66 -16.23
CA GLN A 428 56.05 17.44 -16.27
C GLN A 428 57.47 17.65 -15.77
N HIS A 429 58.13 18.74 -16.19
CA HIS A 429 59.49 19.06 -15.74
C HIS A 429 59.57 19.82 -14.41
N SER A 430 58.41 20.08 -13.82
CA SER A 430 58.30 20.84 -12.59
C SER A 430 57.98 19.99 -11.38
N PHE A 431 56.79 19.39 -11.33
CA PHE A 431 56.31 18.66 -10.16
C PHE A 431 55.91 17.19 -10.37
N TYR A 432 56.13 16.59 -11.56
CA TYR A 432 55.77 15.17 -11.73
C TYR A 432 56.56 14.20 -10.84
N GLN A 433 57.70 14.65 -10.29
CA GLN A 433 58.46 13.82 -9.33
C GLN A 433 57.48 13.37 -8.21
N LEU A 434 56.72 14.34 -7.64
CA LEU A 434 55.74 14.10 -6.58
C LEU A 434 54.57 13.21 -7.08
N ILE A 435 54.07 13.50 -8.29
CA ILE A 435 52.96 12.74 -8.90
C ILE A 435 53.35 11.27 -9.10
N HIS A 436 54.65 10.99 -9.36
CA HIS A 436 55.10 9.60 -9.53
C HIS A 436 55.52 8.94 -8.25
N GLN A 437 56.19 9.68 -7.33
CA GLN A 437 56.78 9.08 -6.12
C GLN A 437 56.35 9.63 -4.76
N GLY A 438 55.65 10.74 -4.75
CA GLY A 438 55.15 11.30 -3.50
C GLY A 438 53.70 10.93 -3.34
N GLN A 439 52.92 11.83 -2.75
CA GLN A 439 51.50 11.58 -2.57
C GLN A 439 50.77 11.38 -3.93
N VAL A 440 49.77 10.46 -3.95
CA VAL A 440 49.01 10.11 -5.16
C VAL A 440 48.08 11.27 -5.53
N ILE A 441 48.17 11.71 -6.80
CA ILE A 441 47.39 12.82 -7.35
C ILE A 441 46.73 12.41 -8.68
N PRO A 442 45.39 12.16 -8.69
CA PRO A 442 44.72 11.82 -9.96
C PRO A 442 44.92 12.92 -10.98
N VAL A 443 45.25 12.57 -12.20
CA VAL A 443 45.53 13.55 -13.26
C VAL A 443 44.47 13.48 -14.36
N GLU A 444 44.25 14.62 -15.02
CA GLU A 444 43.37 14.72 -16.17
C GLU A 444 44.23 15.33 -17.28
N LEU A 445 44.60 14.48 -18.26
CA LEU A 445 45.46 14.84 -19.40
C LEU A 445 44.59 15.14 -20.60
N ILE A 446 44.86 16.29 -21.25
CA ILE A 446 44.12 16.77 -22.42
C ILE A 446 45.11 16.95 -23.56
N GLY A 447 44.83 16.30 -24.68
CA GLY A 447 45.72 16.33 -25.83
C GLY A 447 44.96 16.45 -27.13
N PHE A 448 45.67 16.88 -28.20
CA PHE A 448 45.12 17.07 -29.53
C PHE A 448 45.94 16.35 -30.57
N LYS A 449 45.29 15.96 -31.68
CA LYS A 449 45.98 15.29 -32.79
C LYS A 449 46.79 16.25 -33.61
N HIS A 450 46.39 17.53 -33.62
CA HIS A 450 47.03 18.58 -34.41
C HIS A 450 47.47 19.75 -33.58
N SER A 451 48.54 20.40 -34.05
CA SER A 451 49.09 21.61 -33.45
C SER A 451 48.43 22.87 -34.05
N HIS A 452 48.56 24.03 -33.37
CA HIS A 452 48.15 25.31 -33.95
C HIS A 452 49.35 25.87 -34.76
N PHE A 453 50.57 25.31 -34.55
CA PHE A 453 51.78 25.76 -35.24
C PHE A 453 52.68 24.55 -35.53
N PRO A 454 52.30 23.66 -36.48
CA PRO A 454 53.11 22.45 -36.71
C PRO A 454 54.52 22.76 -37.20
N ILE A 455 55.48 22.11 -36.60
CA ILE A 455 56.89 22.20 -36.92
C ILE A 455 57.40 20.80 -37.19
N LYS A 456 58.21 20.67 -38.25
CA LYS A 456 58.86 19.43 -38.62
C LYS A 456 60.02 19.72 -39.55
N PHE A 457 61.20 19.25 -39.15
CA PHE A 457 62.41 19.36 -39.95
C PHE A 457 62.80 17.95 -40.43
N ASP A 458 63.25 17.88 -41.71
CA ASP A 458 63.59 16.62 -42.40
CA ASP A 458 63.65 16.66 -42.44
C ASP A 458 64.40 15.60 -41.60
N LYS A 459 65.48 16.01 -40.96
CA LYS A 459 66.37 15.14 -40.19
C LYS A 459 65.84 14.69 -38.82
N GLU A 460 64.78 15.34 -38.31
CA GLU A 460 64.23 14.99 -37.00
C GLU A 460 63.53 13.66 -37.01
N VAL A 461 63.64 12.93 -35.90
CA VAL A 461 62.96 11.62 -35.72
C VAL A 461 61.43 11.80 -35.80
N VAL A 462 60.91 12.86 -35.15
CA VAL A 462 59.48 13.17 -35.16
C VAL A 462 59.21 14.67 -35.30
N SER A 463 57.97 15.02 -35.66
CA SER A 463 57.51 16.41 -35.66
C SER A 463 57.52 16.84 -34.18
N ASN A 464 57.63 18.14 -33.92
CA ASN A 464 57.64 18.65 -32.55
C ASN A 464 56.36 18.29 -31.80
N HIS A 465 55.20 18.29 -32.51
CA HIS A 465 53.92 17.97 -31.90
C HIS A 465 53.89 16.49 -31.50
N ASP A 466 54.47 15.60 -32.35
CA ASP A 466 54.59 14.17 -32.01
C ASP A 466 55.51 14.01 -30.80
N GLU A 467 56.60 14.79 -30.72
CA GLU A 467 57.50 14.73 -29.56
C GLU A 467 56.73 15.06 -28.26
N LEU A 468 55.91 16.13 -28.27
CA LEU A 468 55.06 16.53 -27.14
C LEU A 468 54.13 15.36 -26.77
N MET A 469 53.53 14.73 -27.79
CA MET A 469 52.54 13.67 -27.62
C MET A 469 53.07 12.32 -27.16
N THR A 470 54.37 12.05 -27.34
CA THR A 470 54.96 10.82 -26.80
C THR A 470 54.78 10.81 -25.26
N ASN A 471 54.85 11.99 -24.64
CA ASN A 471 54.71 12.21 -23.19
C ASN A 471 53.29 12.06 -22.72
N PHE A 472 52.32 12.47 -23.54
CA PHE A 472 50.91 12.37 -23.20
C PHE A 472 50.57 10.91 -22.97
N PHE A 473 50.98 10.00 -23.90
CA PHE A 473 50.67 8.56 -23.76
C PHE A 473 51.52 7.88 -22.67
N ALA A 474 52.84 8.16 -22.66
CA ALA A 474 53.79 7.57 -21.74
C ALA A 474 53.54 7.89 -20.29
N GLN A 475 53.20 9.17 -19.97
CA GLN A 475 52.97 9.59 -18.59
C GLN A 475 51.79 8.83 -18.00
N ALA A 476 50.68 8.73 -18.74
CA ALA A 476 49.47 8.02 -18.29
C ALA A 476 49.83 6.54 -17.99
N ASP A 477 50.58 5.88 -18.89
CA ASP A 477 51.01 4.51 -18.70
C ASP A 477 52.00 4.35 -17.53
N ALA A 478 53.01 5.25 -17.39
CA ALA A 478 54.00 5.20 -16.31
C ALA A 478 53.29 5.31 -14.93
N LEU A 479 52.31 6.21 -14.83
CA LEU A 479 51.53 6.40 -13.60
C LEU A 479 50.74 5.14 -13.25
N ALA A 480 50.10 4.53 -14.26
CA ALA A 480 49.29 3.33 -14.06
C ALA A 480 50.14 2.10 -13.70
N ILE A 481 51.18 1.79 -14.50
CA ILE A 481 52.01 0.57 -14.36
C ILE A 481 53.17 0.59 -13.37
N GLY A 482 53.81 1.74 -13.21
CA GLY A 482 54.95 1.85 -12.32
C GLY A 482 56.11 0.97 -12.76
N LYS A 483 56.99 0.65 -11.83
CA LYS A 483 58.17 -0.17 -12.06
C LYS A 483 58.55 -0.81 -10.72
N THR A 484 58.40 -2.14 -10.63
CA THR A 484 58.64 -2.89 -9.40
C THR A 484 60.09 -2.94 -8.98
N TYR A 485 60.32 -3.30 -7.72
CA TYR A 485 61.68 -3.48 -7.19
C TYR A 485 62.44 -4.50 -8.03
N GLU A 486 61.78 -5.60 -8.44
CA GLU A 486 62.47 -6.60 -9.27
C GLU A 486 62.86 -6.09 -10.66
N GLN A 487 62.04 -5.17 -11.27
CA GLN A 487 62.37 -4.57 -12.59
C GLN A 487 63.58 -3.64 -12.42
N VAL A 488 63.62 -2.89 -11.30
CA VAL A 488 64.71 -1.99 -10.92
C VAL A 488 66.00 -2.82 -10.72
N LYS A 489 65.88 -3.96 -10.00
CA LYS A 489 66.99 -4.87 -9.72
C LYS A 489 67.55 -5.48 -11.01
N GLU A 490 66.67 -5.82 -11.97
CA GLU A 490 67.06 -6.38 -13.27
C GLU A 490 67.87 -5.37 -14.08
N GLU A 491 67.44 -4.08 -14.13
CA GLU A 491 68.15 -3.00 -14.82
CA GLU A 491 68.13 -2.98 -14.82
C GLU A 491 69.48 -2.74 -14.12
N ASN A 492 69.55 -2.95 -12.79
CA ASN A 492 70.77 -2.75 -12.02
C ASN A 492 71.87 -3.79 -12.33
N GLU A 493 71.53 -4.91 -13.00
CA GLU A 493 72.51 -5.94 -13.38
C GLU A 493 73.57 -5.29 -14.28
N LYS A 494 73.16 -4.26 -15.07
CA LYS A 494 74.06 -3.52 -15.94
C LYS A 494 74.59 -2.21 -15.30
N ASN A 495 73.71 -1.44 -14.60
CA ASN A 495 74.04 -0.16 -13.98
CA ASN A 495 74.02 -0.17 -13.97
C ASN A 495 75.00 -0.30 -12.81
N LYS A 496 74.80 -1.36 -12.01
CA LYS A 496 75.64 -1.64 -10.84
C LYS A 496 75.68 -0.53 -9.80
N MET A 497 74.52 0.09 -9.54
CA MET A 497 74.38 1.09 -8.47
C MET A 497 74.45 0.27 -7.17
N SER A 498 74.88 0.88 -6.08
CA SER A 498 74.94 0.20 -4.78
C SER A 498 73.53 -0.36 -4.47
N PRO A 499 73.40 -1.68 -4.25
CA PRO A 499 72.06 -2.28 -4.12
C PRO A 499 71.11 -1.73 -3.06
N GLU A 500 71.64 -1.15 -1.97
CA GLU A 500 70.76 -0.60 -0.94
C GLU A 500 69.98 0.64 -1.41
N LEU A 501 70.47 1.30 -2.46
CA LEU A 501 69.84 2.50 -3.02
C LEU A 501 68.68 2.21 -3.98
N LEU A 502 68.48 0.94 -4.42
CA LEU A 502 67.46 0.57 -5.40
C LEU A 502 66.00 0.95 -5.08
N THR A 503 65.66 1.03 -3.80
CA THR A 503 64.33 1.41 -3.31
C THR A 503 63.91 2.81 -3.83
N HIS A 504 64.89 3.73 -3.94
CA HIS A 504 64.72 5.10 -4.45
C HIS A 504 64.23 5.15 -5.91
N LYS A 505 64.42 4.05 -6.64
CA LYS A 505 64.07 3.97 -8.06
C LYS A 505 62.76 3.22 -8.36
N VAL A 506 62.07 2.76 -7.31
CA VAL A 506 60.80 2.03 -7.46
C VAL A 506 59.66 3.00 -7.75
N PHE A 507 58.76 2.61 -8.66
CA PHE A 507 57.55 3.37 -8.98
C PHE A 507 56.39 2.45 -8.64
N ASN A 508 55.68 2.74 -7.55
CA ASN A 508 54.56 1.90 -7.11
C ASN A 508 53.39 1.76 -8.08
N GLY A 509 53.22 2.72 -8.99
CA GLY A 509 52.15 2.64 -9.98
C GLY A 509 50.78 2.76 -9.34
N ASN A 510 49.73 2.32 -10.05
CA ASN A 510 48.31 2.43 -9.59
C ASN A 510 47.90 3.89 -9.35
N ARG A 511 48.57 4.84 -10.05
CA ARG A 511 48.31 6.27 -9.98
C ARG A 511 47.36 6.58 -11.11
N PRO A 512 46.13 7.01 -10.78
CA PRO A 512 45.11 7.11 -11.82
C PRO A 512 45.21 8.31 -12.75
N SER A 513 44.64 8.16 -13.95
CA SER A 513 44.57 9.21 -14.96
C SER A 513 43.36 9.08 -15.88
N THR A 514 42.90 10.23 -16.37
CA THR A 514 41.88 10.31 -17.39
C THR A 514 42.56 10.95 -18.58
N LEU A 515 42.36 10.39 -19.77
CA LEU A 515 42.87 10.96 -21.02
C LEU A 515 41.73 11.51 -21.85
N LEU A 516 41.86 12.76 -22.30
CA LEU A 516 40.92 13.42 -23.19
C LEU A 516 41.70 13.74 -24.46
N LEU A 517 41.35 13.07 -25.58
CA LEU A 517 42.05 13.28 -26.85
C LEU A 517 41.11 13.79 -27.92
N PHE A 518 41.33 15.05 -28.35
CA PHE A 518 40.50 15.71 -29.38
C PHE A 518 41.24 15.70 -30.70
N ASP A 519 40.54 15.89 -31.81
CA ASP A 519 41.28 15.94 -33.08
C ASP A 519 42.02 17.29 -33.22
N GLU A 520 41.34 18.38 -32.93
CA GLU A 520 41.91 19.71 -33.11
C GLU A 520 41.31 20.65 -32.06
N LEU A 521 42.03 21.69 -31.66
CA LEU A 521 41.48 22.72 -30.78
C LEU A 521 41.00 23.87 -31.67
N ASN A 522 39.74 23.79 -32.11
CA ASN A 522 39.14 24.83 -32.92
C ASN A 522 38.04 25.48 -32.03
N PHE A 523 37.28 26.46 -32.53
CA PHE A 523 36.27 27.13 -31.72
C PHE A 523 35.19 26.19 -31.17
N TYR A 524 34.69 25.27 -32.02
CA TYR A 524 33.68 24.31 -31.66
C TYR A 524 34.17 23.38 -30.53
N THR A 525 35.37 22.78 -30.71
CA THR A 525 35.99 21.89 -29.74
CA THR A 525 35.94 21.89 -29.70
C THR A 525 36.28 22.62 -28.40
N CYS A 526 36.66 23.91 -28.46
CA CYS A 526 36.93 24.67 -27.22
C CYS A 526 35.62 24.80 -26.42
N GLY A 527 34.50 24.90 -27.13
CA GLY A 527 33.16 24.94 -26.55
C GLY A 527 32.82 23.59 -25.92
N LEU A 528 33.13 22.47 -26.62
CA LEU A 528 32.93 21.13 -26.08
C LEU A 528 33.71 20.98 -24.75
N LEU A 529 34.98 21.45 -24.71
CA LEU A 529 35.85 21.38 -23.53
C LEU A 529 35.29 22.20 -22.35
N LEU A 530 34.85 23.43 -22.60
CA LEU A 530 34.26 24.28 -21.55
C LEU A 530 33.01 23.63 -20.96
N SER A 531 32.08 23.21 -21.82
CA SER A 531 30.81 22.63 -21.36
C SER A 531 31.05 21.31 -20.63
N LEU A 532 32.04 20.52 -21.06
CA LEU A 532 32.38 19.25 -20.44
C LEU A 532 32.69 19.47 -18.95
N TYR A 533 33.51 20.48 -18.62
CA TYR A 533 33.89 20.79 -17.25
C TYR A 533 32.76 21.48 -16.47
N GLU A 534 32.00 22.39 -17.13
CA GLU A 534 30.84 23.04 -16.45
C GLU A 534 29.81 21.93 -16.09
N SER A 535 29.58 21.00 -17.03
CA SER A 535 28.66 19.87 -16.81
C SER A 535 29.18 18.95 -15.71
N ARG A 536 30.49 18.61 -15.74
CA ARG A 536 31.12 17.76 -14.72
C ARG A 536 30.95 18.34 -13.34
N ILE A 537 31.19 19.66 -13.16
CA ILE A 537 31.05 20.33 -11.87
C ILE A 537 29.60 20.34 -11.36
N VAL A 538 28.65 20.59 -12.25
CA VAL A 538 27.22 20.57 -11.91
C VAL A 538 26.83 19.14 -11.45
N ALA A 539 27.25 18.10 -12.19
CA ALA A 539 26.96 16.69 -11.85
C ALA A 539 27.60 16.34 -10.52
N GLU A 540 28.84 16.79 -10.29
CA GLU A 540 29.56 16.49 -9.08
C GLU A 540 28.95 17.11 -7.82
N GLY A 541 28.41 18.34 -7.92
CA GLY A 541 27.77 19.01 -6.80
C GLY A 541 26.55 18.23 -6.33
N PHE A 542 25.78 17.66 -7.28
CA PHE A 542 24.62 16.82 -6.99
C PHE A 542 25.03 15.48 -6.38
N LEU A 543 26.14 14.89 -6.85
CA LEU A 543 26.69 13.66 -6.26
C LEU A 543 27.11 13.94 -4.81
N LEU A 544 27.73 15.11 -4.56
CA LEU A 544 28.18 15.53 -3.22
C LEU A 544 27.05 16.02 -2.35
N ASN A 545 25.87 16.25 -2.96
CA ASN A 545 24.67 16.80 -2.35
C ASN A 545 24.95 18.18 -1.73
N ILE A 546 25.67 19.03 -2.46
CA ILE A 546 25.97 20.40 -2.00
C ILE A 546 25.39 21.39 -3.02
N ASN A 547 25.37 22.67 -2.67
CA ASN A 547 24.88 23.69 -3.57
C ASN A 547 26.10 24.26 -4.34
N SER A 548 26.23 23.92 -5.63
CA SER A 548 27.35 24.33 -6.50
C SER A 548 27.24 25.79 -6.92
N PHE A 549 26.11 26.42 -6.63
CA PHE A 549 25.73 27.68 -7.19
C PHE A 549 25.84 28.94 -6.36
N ASP A 550 26.16 28.81 -5.07
CA ASP A 550 26.30 29.95 -4.21
C ASP A 550 27.79 30.12 -3.86
N GLN A 551 28.12 31.14 -3.07
CA GLN A 551 29.50 31.39 -2.65
C GLN A 551 29.52 32.26 -1.40
N TRP A 552 28.86 31.77 -0.33
CA TRP A 552 28.76 32.51 0.94
C TRP A 552 30.10 32.70 1.64
N GLY A 553 31.07 31.88 1.25
CA GLY A 553 32.42 31.87 1.82
C GLY A 553 33.29 33.06 1.54
N VAL A 554 32.82 33.92 0.66
CA VAL A 554 33.61 35.08 0.27
C VAL A 554 33.29 36.33 1.10
N GLU A 555 32.22 36.26 1.90
CA GLU A 555 31.73 37.37 2.70
C GLU A 555 32.64 37.84 3.83
N LEU A 556 33.08 36.92 4.70
CA LEU A 556 33.86 37.29 5.87
C LEU A 556 35.08 38.14 5.60
N GLY A 557 35.88 37.74 4.59
CA GLY A 557 37.08 38.46 4.18
C GLY A 557 36.81 39.87 3.71
N LYS A 558 35.71 40.06 2.94
CA LYS A 558 35.28 41.39 2.47
C LYS A 558 34.89 42.29 3.64
N VAL A 559 34.07 41.78 4.57
CA VAL A 559 33.65 42.54 5.75
C VAL A 559 34.87 43.01 6.55
N LEU A 560 35.81 42.10 6.85
CA LEU A 560 37.00 42.47 7.62
C LEU A 560 37.94 43.44 6.88
N ALA A 561 38.01 43.34 5.55
CA ALA A 561 38.86 44.22 4.71
C ALA A 561 38.34 45.66 4.72
N LYS A 562 37.01 45.81 4.80
CA LYS A 562 36.36 47.12 4.86
C LYS A 562 36.77 47.84 6.17
N GLU A 563 36.88 47.09 7.27
CA GLU A 563 37.32 47.61 8.57
C GLU A 563 38.79 48.10 8.49
N VAL A 564 39.68 47.32 7.79
CA VAL A 564 41.08 47.68 7.59
C VAL A 564 41.15 48.92 6.70
N ARG A 565 40.30 48.97 5.62
CA ARG A 565 40.16 50.12 4.71
C ARG A 565 39.91 51.42 5.50
N ASN A 566 38.93 51.42 6.44
CA ASN A 566 38.58 52.59 7.25
C ASN A 566 39.70 53.00 8.16
N TYR A 567 40.43 51.99 8.72
CA TYR A 567 41.58 52.21 9.57
C TYR A 567 42.72 52.87 8.78
N PHE A 568 42.98 52.36 7.56
CA PHE A 568 43.98 52.94 6.65
C PHE A 568 43.59 54.39 6.32
N ASN A 569 42.30 54.61 5.99
CA ASN A 569 41.80 55.95 5.70
C ASN A 569 42.05 56.93 6.88
N ASP A 570 41.66 56.56 8.11
CA ASP A 570 41.85 57.43 9.27
C ASP A 570 43.32 57.65 9.59
N THR A 571 44.15 56.59 9.49
CA THR A 571 45.58 56.67 9.80
C THR A 571 46.37 57.50 8.79
N ARG A 572 46.20 57.21 7.48
CA ARG A 572 46.93 57.91 6.42
C ARG A 572 46.63 59.42 6.40
N ASN A 573 45.39 59.78 6.71
CA ASN A 573 44.94 61.17 6.70
C ASN A 573 45.01 61.83 8.08
N GLN A 574 45.39 61.06 9.12
CA GLN A 574 45.48 61.52 10.51
C GLN A 574 44.18 62.25 10.89
N LYS A 575 43.03 61.59 10.64
CA LYS A 575 41.69 62.12 10.86
C LYS A 575 40.78 61.05 11.43
N LYS A 576 40.36 61.22 12.72
CA LYS A 576 39.43 60.32 13.43
C LYS A 576 38.05 60.29 12.74
N SER A 577 37.35 59.13 12.81
CA SER A 577 36.03 58.93 12.19
C SER A 577 34.96 58.51 13.20
N ASN A 579 34.05 55.27 13.27
CA ASN A 579 34.34 53.84 13.25
C ASN A 579 35.19 53.44 14.45
N THR A 580 34.87 52.27 15.06
CA THR A 580 35.60 51.67 16.20
C THR A 580 36.41 50.42 15.74
N TYR A 581 37.70 50.33 16.13
CA TYR A 581 38.56 49.20 15.71
C TYR A 581 38.88 48.24 16.83
N ASN A 582 38.79 46.93 16.53
CA ASN A 582 39.11 45.88 17.48
C ASN A 582 39.98 44.82 16.82
N PHE A 583 41.22 45.18 16.54
CA PHE A 583 42.15 44.28 15.89
C PHE A 583 42.80 43.38 16.92
N ASN A 584 43.10 42.12 16.54
CA ASN A 584 43.77 41.20 17.45
C ASN A 584 45.23 41.67 17.68
N GLU A 585 45.93 41.03 18.63
CA GLU A 585 47.29 41.42 18.98
C GLU A 585 48.31 41.32 17.85
N SER A 586 48.18 40.31 16.96
CA SER A 586 49.12 40.18 15.85
C SER A 586 48.90 41.23 14.79
N THR A 587 47.62 41.44 14.41
CA THR A 587 47.31 42.44 13.38
CA THR A 587 47.25 42.41 13.39
C THR A 587 47.72 43.83 13.78
N LYS A 588 47.60 44.18 15.09
CA LYS A 588 48.05 45.49 15.59
C LYS A 588 49.57 45.66 15.35
N ILE A 589 50.36 44.62 15.59
CA ILE A 589 51.83 44.68 15.40
C ILE A 589 52.17 44.89 13.90
N LEU A 590 51.52 44.12 13.01
CA LEU A 590 51.78 44.23 11.57
C LEU A 590 51.23 45.49 10.94
N LEU A 591 50.07 45.98 11.41
CA LEU A 591 49.49 47.23 10.92
C LEU A 591 50.43 48.40 11.26
N ASN A 592 51.02 48.38 12.48
CA ASN A 592 51.97 49.41 12.93
C ASN A 592 53.19 49.41 12.02
N TYR A 593 53.70 48.23 11.63
CA TYR A 593 54.84 48.14 10.73
C TYR A 593 54.41 48.64 9.34
N TYR A 594 53.28 48.15 8.83
CA TYR A 594 52.77 48.53 7.50
C TYR A 594 52.60 50.06 7.34
N LEU A 595 52.11 50.71 8.39
CA LEU A 595 51.82 52.15 8.36
C LEU A 595 52.95 53.09 8.76
N SER A 596 54.10 52.54 9.23
CA SER A 596 55.28 53.32 9.65
C SER A 596 56.32 53.36 8.55
N GLU B 22 8.95 4.93 8.95
CA GLU B 22 9.72 5.52 7.87
CA GLU B 22 9.69 5.61 7.91
C GLU B 22 8.85 5.99 6.69
N ILE B 23 7.77 5.23 6.33
CA ILE B 23 6.90 5.64 5.19
C ILE B 23 6.28 7.04 5.40
N THR B 24 5.98 7.36 6.65
CA THR B 24 5.35 8.62 7.03
C THR B 24 6.29 9.84 6.85
N ASN B 25 7.57 9.60 6.48
CA ASN B 25 8.61 10.62 6.30
C ASN B 25 8.85 10.87 4.82
N LEU B 26 8.18 10.11 3.98
CA LEU B 26 8.30 10.29 2.54
C LEU B 26 7.64 11.60 2.13
N LYS B 27 8.26 12.28 1.15
CA LYS B 27 7.78 13.55 0.61
C LYS B 27 6.31 13.43 0.18
N SER B 28 6.00 12.43 -0.65
CA SER B 28 4.65 12.19 -1.16
C SER B 28 3.63 11.82 -0.07
N TYR B 29 4.08 11.16 1.02
CA TYR B 29 3.22 10.82 2.15
C TYR B 29 2.79 12.11 2.87
N LYS B 30 3.78 12.99 3.18
CA LYS B 30 3.58 14.27 3.84
C LYS B 30 2.65 15.16 3.01
N GLU B 31 2.80 15.14 1.67
CA GLU B 31 1.94 15.89 0.75
C GLU B 31 0.49 15.35 0.78
N LEU B 32 0.31 14.03 0.86
CA LEU B 32 -1.01 13.38 0.95
C LEU B 32 -1.71 13.78 2.26
N VAL B 33 -0.95 13.98 3.38
CA VAL B 33 -1.52 14.46 4.64
C VAL B 33 -2.26 15.80 4.42
N THR B 34 -1.62 16.75 3.71
CA THR B 34 -2.22 18.05 3.44
C THR B 34 -3.31 18.00 2.36
N LEU B 35 -3.13 17.21 1.29
CA LEU B 35 -4.15 17.06 0.26
C LEU B 35 -5.45 16.44 0.82
N SER B 36 -5.33 15.40 1.66
CA SER B 36 -6.49 14.74 2.27
C SER B 36 -7.25 15.72 3.18
N ALA B 37 -6.54 16.65 3.88
CA ALA B 37 -7.18 17.67 4.74
C ALA B 37 -8.07 18.57 3.88
N GLU B 38 -7.63 18.90 2.66
CA GLU B 38 -8.43 19.66 1.73
C GLU B 38 -9.59 18.80 1.14
N GLU B 39 -9.34 17.50 0.86
CA GLU B 39 -10.35 16.54 0.36
C GLU B 39 -11.54 16.39 1.31
N LYS B 40 -11.27 16.50 2.62
CA LYS B 40 -12.29 16.41 3.68
C LYS B 40 -13.35 17.51 3.60
N THR B 41 -13.03 18.63 2.94
CA THR B 41 -13.93 19.78 2.78
C THR B 41 -14.72 19.70 1.47
N LYS B 42 -14.50 18.64 0.68
CA LYS B 42 -15.16 18.48 -0.63
C LYS B 42 -16.20 17.35 -0.60
N ASP B 43 -17.28 17.54 -1.35
CA ASP B 43 -18.37 16.59 -1.41
C ASP B 43 -18.32 15.69 -2.60
N LEU B 44 -18.54 14.36 -2.38
CA LEU B 44 -18.61 13.37 -3.46
C LEU B 44 -19.71 13.72 -4.44
N LYS B 45 -20.85 14.26 -3.96
CA LYS B 45 -21.94 14.67 -4.87
C LYS B 45 -21.47 15.65 -5.95
N ASP B 46 -20.55 16.56 -5.60
CA ASP B 46 -20.03 17.52 -6.56
C ASP B 46 -19.07 16.85 -7.53
N TYR B 47 -18.18 15.98 -7.02
CA TYR B 47 -17.23 15.20 -7.84
C TYR B 47 -18.00 14.34 -8.86
N LEU B 48 -19.13 13.74 -8.45
CA LEU B 48 -19.94 12.87 -9.32
C LEU B 48 -20.67 13.57 -10.46
N ASN B 49 -20.60 14.91 -10.52
CA ASN B 49 -21.17 15.69 -11.62
C ASN B 49 -20.13 15.93 -12.70
N ASP B 50 -18.85 15.58 -12.40
CA ASP B 50 -17.74 15.77 -13.32
C ASP B 50 -17.56 14.50 -14.14
N LYS B 51 -18.03 14.53 -15.41
CA LYS B 51 -17.94 13.40 -16.33
C LYS B 51 -16.49 13.02 -16.62
N ASN B 52 -15.59 14.01 -16.71
CA ASN B 52 -14.17 13.78 -16.98
C ASN B 52 -13.53 12.98 -15.86
N ARG B 53 -13.82 13.33 -14.60
CA ARG B 53 -13.32 12.63 -13.43
C ARG B 53 -13.86 11.17 -13.42
N SER B 54 -15.15 11.00 -13.72
CA SER B 54 -15.79 9.68 -13.75
C SER B 54 -15.13 8.80 -14.80
N GLU B 55 -14.86 9.36 -16.00
CA GLU B 55 -14.18 8.64 -17.06
C GLU B 55 -12.76 8.24 -16.70
N SER B 56 -12.07 9.08 -15.90
CA SER B 56 -10.73 8.79 -15.41
C SER B 56 -10.71 7.74 -14.30
N LEU B 57 -11.74 7.71 -13.44
CA LEU B 57 -11.75 6.83 -12.27
C LEU B 57 -12.51 5.51 -12.47
N ILE B 58 -12.99 5.29 -13.68
CA ILE B 58 -13.64 4.04 -14.08
C ILE B 58 -12.69 3.35 -15.05
N LYS B 59 -12.20 2.18 -14.66
CA LYS B 59 -11.25 1.41 -15.48
C LYS B 59 -11.88 0.12 -15.97
N LYS B 60 -11.46 -0.37 -17.14
CA LYS B 60 -11.95 -1.63 -17.73
CA LYS B 60 -11.94 -1.64 -17.71
C LYS B 60 -10.80 -2.62 -18.00
N PHE B 61 -10.97 -3.88 -17.58
CA PHE B 61 -10.02 -4.96 -17.83
C PHE B 61 -10.81 -6.20 -18.13
N LYS B 62 -10.69 -6.67 -19.38
CA LYS B 62 -11.39 -7.84 -19.89
C LYS B 62 -12.91 -7.63 -19.78
N ASN B 63 -13.58 -8.51 -19.02
CA ASN B 63 -15.03 -8.50 -18.85
C ASN B 63 -15.50 -7.80 -17.55
N PHE B 64 -14.80 -6.74 -17.14
CA PHE B 64 -15.18 -6.00 -15.93
C PHE B 64 -14.77 -4.54 -15.88
N TYR B 65 -15.55 -3.76 -15.12
CA TYR B 65 -15.31 -2.35 -14.85
C TYR B 65 -15.03 -2.19 -13.35
N MET B 66 -14.04 -1.36 -13.00
CA MET B 66 -13.80 -0.98 -11.63
C MET B 66 -14.07 0.51 -11.57
N ASP B 67 -14.97 0.92 -10.67
CA ASP B 67 -15.37 2.30 -10.49
C ASP B 67 -14.89 2.83 -9.14
N LEU B 68 -13.85 3.69 -9.17
CA LEU B 68 -13.26 4.33 -7.99
C LEU B 68 -13.77 5.77 -7.81
N SER B 69 -14.81 6.17 -8.57
CA SER B 69 -15.29 7.56 -8.50
C SER B 69 -15.93 7.98 -7.20
N ARG B 70 -16.44 7.04 -6.40
CA ARG B 70 -17.03 7.41 -5.12
C ARG B 70 -15.99 7.32 -4.01
N GLN B 71 -14.76 7.70 -4.33
CA GLN B 71 -13.66 7.80 -3.37
C GLN B 71 -13.34 9.27 -3.18
N ARG B 72 -12.94 9.66 -1.98
CA ARG B 72 -12.69 11.06 -1.62
C ARG B 72 -11.36 11.65 -2.11
N TYR B 73 -11.19 11.65 -3.43
CA TYR B 73 -10.01 12.24 -4.07
C TYR B 73 -10.33 12.80 -5.42
N SER B 74 -9.61 13.88 -5.78
CA SER B 74 -9.66 14.47 -7.11
C SER B 74 -8.68 13.63 -7.94
N GLU B 75 -8.63 13.85 -9.26
CA GLU B 75 -7.66 13.14 -10.10
C GLU B 75 -6.23 13.53 -9.68
N LYS B 76 -6.05 14.77 -9.19
CA LYS B 76 -4.76 15.29 -8.72
C LYS B 76 -4.29 14.51 -7.49
N THR B 77 -5.21 14.23 -6.53
CA THR B 77 -4.87 13.47 -5.32
C THR B 77 -4.55 12.01 -5.65
N LEU B 78 -5.25 11.42 -6.64
CA LEU B 78 -4.96 10.06 -7.05
C LEU B 78 -3.59 10.01 -7.72
N ASN B 79 -3.21 11.06 -8.47
CA ASN B 79 -1.89 11.16 -9.09
C ASN B 79 -0.81 11.21 -8.02
N LYS B 80 -1.10 11.89 -6.89
CA LYS B 80 -0.15 11.95 -5.78
C LYS B 80 0.01 10.57 -5.14
N LEU B 81 -1.11 9.78 -5.06
CA LEU B 81 -1.06 8.43 -4.54
C LEU B 81 -0.14 7.56 -5.44
N VAL B 82 -0.19 7.78 -6.77
CA VAL B 82 0.68 7.10 -7.75
C VAL B 82 2.15 7.52 -7.53
N GLU B 83 2.39 8.81 -7.19
CA GLU B 83 3.74 9.28 -6.87
C GLU B 83 4.25 8.60 -5.61
N TYR B 84 3.34 8.33 -4.64
CA TYR B 84 3.69 7.59 -3.44
C TYR B 84 4.10 6.14 -3.79
N ALA B 85 3.34 5.45 -4.66
CA ALA B 85 3.66 4.09 -5.10
C ALA B 85 5.06 4.08 -5.75
N GLU B 86 5.39 5.11 -6.57
CA GLU B 86 6.71 5.26 -7.19
C GLU B 86 7.82 5.48 -6.14
N GLU B 87 7.57 6.34 -5.16
CA GLU B 87 8.51 6.63 -4.08
C GLU B 87 8.85 5.41 -3.19
N VAL B 88 7.87 4.50 -2.97
CA VAL B 88 8.13 3.25 -2.21
C VAL B 88 8.68 2.14 -3.13
N GLU B 89 8.83 2.42 -4.45
CA GLU B 89 9.35 1.49 -5.45
C GLU B 89 8.47 0.23 -5.53
N LEU B 90 7.15 0.45 -5.56
CA LEU B 90 6.16 -0.61 -5.62
C LEU B 90 6.40 -1.53 -6.78
N LYS B 91 6.60 -0.96 -8.00
CA LYS B 91 6.82 -1.76 -9.20
C LYS B 91 8.03 -2.67 -9.08
N LYS B 92 9.14 -2.13 -8.56
CA LYS B 92 10.38 -2.88 -8.38
C LYS B 92 10.12 -4.08 -7.45
N LYS B 93 9.41 -3.85 -6.32
CA LYS B 93 9.09 -4.84 -5.32
C LYS B 93 8.15 -5.93 -5.85
N VAL B 94 7.12 -5.55 -6.60
CA VAL B 94 6.21 -6.53 -7.22
C VAL B 94 6.97 -7.40 -8.23
N GLU B 95 7.84 -6.78 -9.04
CA GLU B 95 8.68 -7.49 -10.00
C GLU B 95 9.63 -8.49 -9.31
N LYS B 96 10.25 -8.13 -8.16
CA LYS B 96 11.12 -9.03 -7.39
C LYS B 96 10.34 -10.23 -6.89
N THR B 97 9.07 -10.01 -6.45
CA THR B 97 8.19 -11.08 -5.98
C THR B 97 7.92 -12.08 -7.12
N PHE B 98 7.47 -11.59 -8.29
CA PHE B 98 7.20 -12.42 -9.48
C PHE B 98 8.45 -13.19 -9.96
N MET B 99 9.64 -12.55 -9.86
CA MET B 99 10.93 -13.13 -10.28
C MET B 99 11.43 -14.27 -9.36
N GLY B 100 10.87 -14.37 -8.16
CA GLY B 100 11.27 -15.42 -7.24
C GLY B 100 12.30 -15.00 -6.21
N GLU B 101 12.55 -13.70 -6.08
CA GLU B 101 13.47 -13.19 -5.04
C GLU B 101 12.86 -13.40 -3.66
N LYS B 102 13.73 -13.53 -2.63
CA LYS B 102 13.33 -13.82 -1.26
C LYS B 102 12.72 -12.60 -0.56
N VAL B 103 11.54 -12.15 -1.06
CA VAL B 103 10.82 -10.98 -0.53
C VAL B 103 10.20 -11.19 0.86
N ASN B 104 9.98 -12.45 1.28
CA ASN B 104 9.48 -12.77 2.60
C ASN B 104 10.77 -12.72 3.44
N MET B 105 11.10 -11.52 3.91
CA MET B 105 12.35 -11.21 4.59
C MET B 105 12.52 -11.70 6.01
N THR B 106 11.46 -12.15 6.68
CA THR B 106 11.62 -12.67 8.04
C THR B 106 11.82 -14.18 8.03
N GLU B 107 11.34 -14.86 6.99
CA GLU B 107 11.50 -16.31 6.87
C GLU B 107 12.52 -16.64 5.77
N ASN B 108 13.05 -15.60 5.07
CA ASN B 108 14.01 -15.69 3.96
C ASN B 108 13.47 -16.65 2.89
N ARG B 109 12.29 -16.33 2.34
CA ARG B 109 11.63 -17.18 1.37
C ARG B 109 11.14 -16.44 0.16
N SER B 110 10.99 -17.17 -0.93
CA SER B 110 10.39 -16.67 -2.15
C SER B 110 8.86 -16.68 -1.95
N VAL B 111 8.16 -15.95 -2.80
CA VAL B 111 6.71 -15.77 -2.78
C VAL B 111 6.27 -16.00 -4.22
N LEU B 112 5.88 -17.24 -4.52
CA LEU B 112 5.61 -17.63 -5.88
C LEU B 112 4.27 -18.29 -6.15
N HIS B 113 3.20 -17.82 -5.48
CA HIS B 113 1.87 -18.30 -5.79
C HIS B 113 1.48 -17.96 -7.27
N THR B 114 2.05 -16.87 -7.84
CA THR B 114 1.81 -16.49 -9.23
C THR B 114 2.31 -17.55 -10.21
N ALA B 115 3.37 -18.33 -9.83
CA ALA B 115 3.91 -19.40 -10.69
C ALA B 115 2.93 -20.55 -10.86
N LEU B 116 2.02 -20.75 -9.88
CA LEU B 116 1.03 -21.84 -9.89
C LEU B 116 0.08 -21.80 -11.08
N ARG B 117 -0.19 -20.62 -11.59
CA ARG B 117 -1.12 -20.44 -12.69
C ARG B 117 -0.49 -20.08 -14.03
N ILE B 118 0.86 -20.15 -14.15
CA ILE B 118 1.50 -19.90 -15.45
C ILE B 118 1.13 -21.11 -16.36
N PRO B 119 0.54 -20.89 -17.55
CA PRO B 119 0.13 -22.04 -18.39
C PRO B 119 1.32 -22.78 -19.00
N ILE B 120 1.11 -24.04 -19.38
CA ILE B 120 2.12 -24.95 -19.95
C ILE B 120 2.91 -24.36 -21.14
N GLU B 121 2.26 -23.60 -22.01
CA GLU B 121 2.91 -22.99 -23.18
C GLU B 121 4.00 -21.98 -22.82
N LYS B 122 4.04 -21.53 -21.55
CA LYS B 122 5.01 -20.56 -21.04
C LYS B 122 6.03 -21.20 -20.09
N ILE B 123 6.05 -22.55 -20.01
CA ILE B 123 6.97 -23.32 -19.13
C ILE B 123 8.44 -22.95 -19.29
N ASN B 124 8.85 -22.60 -20.51
CA ASN B 124 10.24 -22.23 -20.80
C ASN B 124 10.44 -20.73 -20.88
N THR B 125 9.53 -20.02 -21.59
CA THR B 125 9.60 -18.55 -21.75
C THR B 125 9.44 -17.81 -20.42
N HIS B 126 8.67 -18.40 -19.47
CA HIS B 126 8.39 -17.79 -18.17
C HIS B 126 9.02 -18.59 -17.04
N LYS B 127 10.08 -19.37 -17.34
CA LYS B 127 10.77 -20.18 -16.33
C LYS B 127 11.24 -19.38 -15.11
N ILE B 128 11.28 -20.05 -13.95
CA ILE B 128 11.71 -19.48 -12.67
C ILE B 128 12.60 -20.54 -12.07
N ILE B 129 13.90 -20.22 -12.00
CA ILE B 129 14.92 -21.12 -11.50
C ILE B 129 15.18 -20.91 -10.00
N ILE B 130 14.81 -21.90 -9.19
CA ILE B 130 15.00 -21.94 -7.75
C ILE B 130 15.79 -23.21 -7.52
N ASP B 131 16.97 -23.10 -6.86
CA ASP B 131 17.90 -24.20 -6.57
C ASP B 131 18.20 -25.06 -7.81
N ASN B 132 18.63 -24.40 -8.90
CA ASN B 132 18.99 -25.00 -10.19
C ASN B 132 17.89 -25.90 -10.82
N LYS B 133 16.62 -25.52 -10.62
CA LYS B 133 15.47 -26.26 -11.17
C LYS B 133 14.34 -25.28 -11.53
N ASN B 134 13.74 -25.45 -12.74
CA ASN B 134 12.61 -24.63 -13.18
C ASN B 134 11.39 -25.09 -12.40
N VAL B 135 10.94 -24.26 -11.44
CA VAL B 135 9.79 -24.55 -10.57
C VAL B 135 8.50 -24.86 -11.34
N LEU B 136 8.36 -24.33 -12.58
CA LEU B 136 7.19 -24.56 -13.45
C LEU B 136 7.06 -26.03 -13.86
N GLU B 137 8.17 -26.78 -13.84
CA GLU B 137 8.17 -28.21 -14.11
C GLU B 137 7.49 -28.96 -12.97
N ASP B 138 7.72 -28.52 -11.72
CA ASP B 138 7.10 -29.09 -10.53
C ASP B 138 5.62 -28.74 -10.52
N VAL B 139 5.29 -27.47 -10.86
CA VAL B 139 3.92 -26.93 -10.91
C VAL B 139 3.10 -27.79 -11.89
N HIS B 140 3.62 -27.95 -13.12
CA HIS B 140 2.94 -28.75 -14.14
C HIS B 140 2.93 -30.25 -13.94
N GLY B 141 3.93 -30.77 -13.21
CA GLY B 141 3.99 -32.19 -12.85
C GLY B 141 2.80 -32.49 -11.95
N VAL B 142 2.53 -31.60 -10.97
CA VAL B 142 1.41 -31.74 -10.06
C VAL B 142 0.09 -31.55 -10.78
N LEU B 143 -0.03 -30.49 -11.61
CA LEU B 143 -1.26 -30.23 -12.38
C LEU B 143 -1.64 -31.40 -13.29
N LYS B 144 -0.64 -32.05 -13.92
CA LYS B 144 -0.88 -33.22 -14.79
C LYS B 144 -1.39 -34.40 -13.96
N LYS B 145 -0.86 -34.55 -12.74
CA LYS B 145 -1.26 -35.60 -11.81
C LYS B 145 -2.72 -35.37 -11.38
N ILE B 146 -3.09 -34.09 -11.12
CA ILE B 146 -4.47 -33.72 -10.72
C ILE B 146 -5.43 -33.95 -11.87
N GLU B 147 -5.07 -33.50 -13.08
CA GLU B 147 -5.91 -33.68 -14.27
C GLU B 147 -6.23 -35.16 -14.44
N LYS B 148 -5.20 -36.05 -14.38
CA LYS B 148 -5.37 -37.50 -14.51
C LYS B 148 -6.22 -38.08 -13.40
N TYR B 149 -5.90 -37.77 -12.14
CA TYR B 149 -6.64 -38.27 -10.98
C TYR B 149 -8.12 -37.82 -10.97
N SER B 150 -8.37 -36.53 -11.20
CA SER B 150 -9.73 -35.99 -11.21
C SER B 150 -10.52 -36.52 -12.40
N ASP B 151 -9.88 -36.66 -13.57
CA ASP B 151 -10.56 -37.25 -14.76
C ASP B 151 -10.95 -38.69 -14.43
N ASP B 152 -10.04 -39.45 -13.80
CA ASP B 152 -10.28 -40.84 -13.43
C ASP B 152 -11.38 -41.02 -12.40
N ILE B 153 -11.47 -40.11 -11.41
CA ILE B 153 -12.54 -40.14 -10.40
C ILE B 153 -13.88 -39.87 -11.09
N ARG B 154 -13.90 -38.83 -11.95
CA ARG B 154 -15.11 -38.35 -12.62
C ARG B 154 -15.61 -39.27 -13.72
N ASN B 155 -14.72 -40.09 -14.33
CA ASN B 155 -15.22 -41.00 -15.34
C ASN B 155 -15.34 -42.42 -14.82
N GLY B 156 -15.14 -42.59 -13.51
CA GLY B 156 -15.24 -43.85 -12.83
C GLY B 156 -14.13 -44.83 -13.09
N VAL B 157 -12.96 -44.38 -13.57
CA VAL B 157 -11.78 -45.24 -13.76
C VAL B 157 -11.26 -45.60 -12.35
N ILE B 158 -11.19 -44.59 -11.44
CA ILE B 158 -10.82 -44.78 -10.04
C ILE B 158 -12.10 -44.91 -9.26
N LYS B 159 -12.25 -46.05 -8.56
CA LYS B 159 -13.49 -46.35 -7.85
C LYS B 159 -13.29 -46.50 -6.36
N THR B 160 -14.43 -46.59 -5.63
CA THR B 160 -14.48 -46.79 -4.18
C THR B 160 -14.08 -48.25 -3.87
N CYS B 161 -14.02 -48.65 -2.57
CA CYS B 161 -13.74 -50.03 -2.16
C CYS B 161 -14.88 -51.00 -2.59
N LYS B 162 -16.08 -50.47 -2.86
CA LYS B 162 -17.26 -51.22 -3.31
C LYS B 162 -17.34 -51.27 -4.86
N ASN B 163 -16.31 -50.76 -5.56
CA ASN B 163 -16.22 -50.64 -7.02
CA ASN B 163 -16.25 -50.69 -7.03
C ASN B 163 -17.35 -49.78 -7.61
N THR B 164 -17.65 -48.68 -6.94
CA THR B 164 -18.66 -47.72 -7.40
C THR B 164 -18.00 -46.36 -7.52
N LYS B 165 -18.70 -45.38 -8.10
CA LYS B 165 -18.14 -44.04 -8.25
C LYS B 165 -18.21 -43.31 -6.93
N PHE B 166 -17.19 -42.47 -6.63
CA PHE B 166 -17.25 -41.63 -5.44
C PHE B 166 -18.39 -40.60 -5.62
N LYS B 167 -19.06 -40.27 -4.54
CA LYS B 167 -20.18 -39.29 -4.53
C LYS B 167 -19.85 -38.10 -3.62
N ASN B 168 -19.03 -38.33 -2.56
CA ASN B 168 -18.72 -37.31 -1.55
C ASN B 168 -17.24 -37.06 -1.42
N VAL B 169 -16.89 -35.81 -1.04
CA VAL B 169 -15.52 -35.40 -0.80
C VAL B 169 -15.48 -34.61 0.52
N ILE B 170 -14.71 -35.10 1.52
CA ILE B 170 -14.49 -34.40 2.78
C ILE B 170 -13.08 -33.82 2.71
N CYS B 171 -12.99 -32.48 2.67
CA CYS B 171 -11.70 -31.77 2.70
C CYS B 171 -11.41 -31.41 4.14
N ILE B 172 -10.30 -31.92 4.65
CA ILE B 172 -9.90 -31.65 6.02
C ILE B 172 -8.70 -30.73 5.98
N GLY B 173 -8.86 -29.55 6.54
CA GLY B 173 -7.80 -28.53 6.61
C GLY B 173 -8.25 -27.29 7.34
N ILE B 174 -7.30 -26.52 7.85
CA ILE B 174 -7.60 -25.28 8.58
C ILE B 174 -7.09 -24.07 7.77
N GLY B 175 -7.61 -22.89 8.10
CA GLY B 175 -7.24 -21.60 7.50
C GLY B 175 -7.13 -21.62 6.00
N GLY B 176 -5.93 -21.34 5.51
CA GLY B 176 -5.62 -21.28 4.07
C GLY B 176 -5.84 -22.59 3.31
N SER B 177 -5.83 -23.72 4.05
CA SER B 177 -6.04 -25.03 3.46
C SER B 177 -7.47 -25.29 3.00
N TYR B 178 -8.45 -24.40 3.35
CA TYR B 178 -9.83 -24.53 2.85
C TYR B 178 -10.55 -23.21 2.49
N LEU B 179 -10.20 -22.05 3.12
CA LEU B 179 -10.93 -20.79 2.89
C LEU B 179 -11.06 -20.39 1.41
N GLY B 180 -9.95 -20.41 0.68
CA GLY B 180 -9.95 -20.12 -0.74
C GLY B 180 -10.78 -21.16 -1.49
N THR B 181 -10.57 -22.43 -1.18
CA THR B 181 -11.29 -23.53 -1.82
C THR B 181 -12.80 -23.39 -1.64
N GLU B 182 -13.26 -23.16 -0.38
CA GLU B 182 -14.70 -23.03 -0.11
C GLU B 182 -15.29 -21.81 -0.83
N PHE B 183 -14.52 -20.69 -0.89
CA PHE B 183 -14.97 -19.51 -1.63
C PHE B 183 -15.27 -19.96 -3.09
N VAL B 184 -14.27 -20.58 -3.78
CA VAL B 184 -14.41 -20.97 -5.19
C VAL B 184 -15.50 -22.03 -5.36
N TYR B 185 -15.57 -22.99 -4.44
CA TYR B 185 -16.56 -24.07 -4.51
C TYR B 185 -18.00 -23.52 -4.51
N GLU B 186 -18.32 -22.72 -3.48
CA GLU B 186 -19.64 -22.10 -3.38
C GLU B 186 -19.94 -21.13 -4.53
N ALA B 187 -18.91 -20.38 -5.00
CA ALA B 187 -19.08 -19.44 -6.09
C ALA B 187 -19.45 -20.13 -7.42
N MET B 188 -18.77 -21.23 -7.71
CA MET B 188 -18.84 -21.92 -8.99
C MET B 188 -19.82 -23.09 -9.12
N LYS B 189 -20.21 -23.73 -8.02
CA LYS B 189 -21.04 -24.92 -8.11
C LYS B 189 -22.32 -24.79 -8.94
N TYR B 190 -23.07 -23.68 -8.76
CA TYR B 190 -24.29 -23.46 -9.50
C TYR B 190 -24.03 -23.12 -10.94
N TYR B 191 -22.88 -22.46 -11.25
CA TYR B 191 -22.54 -22.20 -12.65
C TYR B 191 -22.30 -23.55 -13.33
N TYR B 192 -21.55 -24.44 -12.66
CA TYR B 192 -21.27 -25.78 -13.13
C TYR B 192 -22.60 -26.60 -13.26
N TYR B 193 -23.46 -26.64 -12.23
CA TYR B 193 -24.71 -27.42 -12.32
C TYR B 193 -25.66 -26.92 -13.39
N ASN B 194 -25.86 -25.60 -13.45
CA ASN B 194 -26.84 -24.94 -14.32
C ASN B 194 -26.41 -24.77 -15.75
N MET B 195 -25.22 -24.20 -15.97
CA MET B 195 -24.69 -23.91 -17.30
C MET B 195 -24.05 -25.11 -17.96
N GLU B 196 -23.37 -25.95 -17.18
CA GLU B 196 -22.73 -27.14 -17.71
C GLU B 196 -23.62 -28.39 -17.67
N LEU B 197 -23.94 -28.91 -16.49
CA LEU B 197 -24.75 -30.12 -16.41
C LEU B 197 -26.16 -29.99 -16.97
N ASN B 198 -26.85 -28.87 -16.70
CA ASN B 198 -28.22 -28.66 -17.15
C ASN B 198 -28.30 -27.83 -18.44
N LYS B 199 -27.14 -27.37 -18.96
CA LYS B 199 -27.04 -26.64 -20.22
C LYS B 199 -28.01 -25.46 -20.35
N ASN B 200 -28.22 -24.70 -19.23
CA ASN B 200 -29.08 -23.52 -19.24
C ASN B 200 -28.49 -22.47 -20.16
N GLU B 201 -29.37 -21.78 -20.91
CA GLU B 201 -29.01 -20.74 -21.87
CA GLU B 201 -29.03 -20.73 -21.88
C GLU B 201 -29.45 -19.36 -21.37
N LYS B 202 -28.62 -18.31 -21.61
CA LYS B 202 -28.89 -16.91 -21.19
C LYS B 202 -30.23 -16.30 -21.60
N ASP B 203 -30.83 -16.76 -22.72
CA ASP B 203 -32.14 -16.33 -23.19
C ASP B 203 -33.28 -16.95 -22.34
N GLN B 204 -33.00 -18.08 -21.63
CA GLN B 204 -33.97 -18.79 -20.78
C GLN B 204 -33.95 -18.23 -19.36
N VAL B 205 -35.08 -18.37 -18.68
CA VAL B 205 -35.29 -18.00 -17.29
C VAL B 205 -36.07 -19.14 -16.64
N ASN B 206 -36.21 -19.10 -15.30
CA ASN B 206 -37.04 -20.04 -14.53
C ASN B 206 -36.71 -21.52 -14.77
N ASN B 207 -35.40 -21.88 -14.67
CA ASN B 207 -34.94 -23.25 -14.89
C ASN B 207 -35.23 -24.18 -13.69
N PHE B 208 -36.51 -24.17 -13.23
CA PHE B 208 -36.93 -24.97 -12.08
C PHE B 208 -36.86 -26.48 -12.26
N ASN B 209 -36.80 -26.95 -13.52
CA ASN B 209 -36.70 -28.38 -13.82
C ASN B 209 -35.25 -28.89 -13.87
N ASN B 210 -34.27 -28.06 -13.53
CA ASN B 210 -32.88 -28.46 -13.46
C ASN B 210 -32.72 -29.67 -12.53
N ASN B 211 -31.90 -30.63 -12.96
CA ASN B 211 -31.65 -31.82 -12.14
CA ASN B 211 -31.64 -31.85 -12.19
C ASN B 211 -30.33 -31.70 -11.42
N TYR B 212 -30.34 -31.99 -10.12
CA TYR B 212 -29.14 -31.91 -9.26
C TYR B 212 -28.75 -33.27 -8.67
N ASP B 213 -29.45 -34.35 -9.08
CA ASP B 213 -29.18 -35.72 -8.67
C ASP B 213 -28.75 -36.47 -9.91
N GLN B 214 -27.53 -36.22 -10.34
CA GLN B 214 -26.98 -36.84 -11.54
C GLN B 214 -25.46 -37.06 -11.37
N ASP B 215 -24.85 -37.72 -12.37
CA ASP B 215 -23.41 -37.98 -12.36
C ASP B 215 -22.58 -36.73 -12.12
N ASN B 216 -21.49 -36.88 -11.42
CA ASN B 216 -20.56 -35.81 -11.14
C ASN B 216 -21.10 -34.56 -10.45
N VAL B 217 -22.07 -34.78 -9.54
CA VAL B 217 -22.58 -33.79 -8.62
C VAL B 217 -22.03 -34.31 -7.29
N PHE B 218 -20.87 -33.79 -6.90
CA PHE B 218 -20.20 -34.24 -5.68
C PHE B 218 -20.67 -33.49 -4.46
N ASN B 219 -20.88 -34.22 -3.38
CA ASN B 219 -21.25 -33.64 -2.11
C ASN B 219 -19.94 -33.28 -1.42
N VAL B 220 -19.51 -32.03 -1.56
CA VAL B 220 -18.26 -31.55 -1.01
C VAL B 220 -18.50 -30.91 0.37
N ARG B 221 -17.71 -31.33 1.35
CA ARG B 221 -17.78 -30.85 2.72
C ARG B 221 -16.41 -30.33 3.16
N PHE B 222 -16.39 -29.36 4.08
CA PHE B 222 -15.15 -28.79 4.62
C PHE B 222 -15.07 -28.98 6.13
N LEU B 223 -14.16 -29.83 6.58
CA LEU B 223 -14.01 -30.10 7.99
C LEU B 223 -12.82 -29.27 8.44
N ALA B 224 -13.12 -28.11 9.03
CA ALA B 224 -12.13 -27.12 9.41
C ALA B 224 -11.96 -26.90 10.89
N ASN B 225 -13.05 -26.93 11.65
CA ASN B 225 -12.94 -26.70 13.09
C ASN B 225 -12.52 -27.96 13.85
N VAL B 226 -11.65 -27.83 14.87
CA VAL B 226 -11.26 -28.96 15.71
C VAL B 226 -12.44 -29.36 16.61
N ASP B 227 -13.45 -28.46 16.75
CA ASP B 227 -14.65 -28.73 17.51
C ASP B 227 -15.27 -30.04 16.92
N PRO B 228 -15.51 -31.11 17.74
CA PRO B 228 -16.11 -32.34 17.20
C PRO B 228 -17.50 -32.13 16.58
N ASN B 229 -18.19 -30.99 16.88
CA ASN B 229 -19.47 -30.61 16.27
C ASN B 229 -19.28 -30.51 14.75
N ASP B 230 -18.08 -30.06 14.31
CA ASP B 230 -17.78 -29.93 12.88
C ASP B 230 -17.61 -31.31 12.21
N VAL B 231 -17.15 -32.32 12.96
CA VAL B 231 -17.09 -33.71 12.46
C VAL B 231 -18.53 -34.17 12.26
N ASN B 232 -19.39 -33.91 13.24
CA ASN B 232 -20.81 -34.19 13.15
C ASN B 232 -21.43 -33.60 11.84
N ARG B 233 -21.08 -32.35 11.51
CA ARG B 233 -21.56 -31.70 10.30
C ARG B 233 -20.95 -32.34 9.04
N ALA B 234 -19.61 -32.62 9.05
CA ALA B 234 -18.95 -33.19 7.90
C ALA B 234 -19.53 -34.55 7.46
N ILE B 235 -19.86 -35.43 8.41
CA ILE B 235 -20.32 -36.81 8.11
C ILE B 235 -21.81 -36.92 7.88
N GLN B 236 -22.52 -35.79 8.07
CA GLN B 236 -23.97 -35.70 7.93
CA GLN B 236 -23.97 -35.77 7.95
C GLN B 236 -24.52 -36.29 6.63
N ASN B 237 -25.34 -37.34 6.75
CA ASN B 237 -26.00 -38.07 5.65
C ASN B 237 -25.04 -38.74 4.66
N LEU B 238 -23.75 -38.88 5.02
CA LEU B 238 -22.76 -39.50 4.13
C LEU B 238 -22.54 -40.97 4.45
N ASP B 239 -22.39 -41.82 3.41
CA ASP B 239 -22.03 -43.22 3.58
C ASP B 239 -20.51 -43.27 3.34
N GLN B 240 -19.77 -43.92 4.27
CA GLN B 240 -18.30 -44.09 4.17
C GLN B 240 -17.90 -44.69 2.83
N TYR B 241 -18.71 -45.63 2.30
CA TYR B 241 -18.44 -46.31 1.03
C TYR B 241 -18.44 -45.42 -0.21
N ASP B 242 -19.08 -44.23 -0.15
CA ASP B 242 -19.15 -43.28 -1.26
C ASP B 242 -18.19 -42.09 -1.11
N THR B 243 -17.47 -42.05 0.00
CA THR B 243 -16.68 -40.89 0.42
C THR B 243 -15.18 -40.91 0.22
N LEU B 244 -14.67 -39.87 -0.45
CA LEU B 244 -13.25 -39.63 -0.62
C LEU B 244 -12.86 -38.58 0.44
N VAL B 245 -11.76 -38.82 1.15
CA VAL B 245 -11.29 -37.90 2.20
C VAL B 245 -9.96 -37.30 1.75
N ILE B 246 -9.90 -35.96 1.71
CA ILE B 246 -8.68 -35.24 1.32
C ILE B 246 -8.14 -34.51 2.55
N ILE B 247 -6.92 -34.87 3.00
CA ILE B 247 -6.28 -34.26 4.16
C ILE B 247 -5.24 -33.26 3.65
N ILE B 248 -5.46 -31.96 3.97
CA ILE B 248 -4.60 -30.88 3.52
C ILE B 248 -3.79 -30.29 4.67
N SER B 249 -2.48 -30.50 4.65
CA SER B 249 -1.52 -30.03 5.65
C SER B 249 -0.12 -30.20 5.10
N LYS B 250 0.65 -29.10 4.91
CA LYS B 250 2.02 -29.19 4.40
C LYS B 250 2.87 -30.17 5.25
N THR B 251 2.88 -30.00 6.60
CA THR B 251 3.67 -30.83 7.52
C THR B 251 3.05 -32.17 7.88
N PHE B 252 1.70 -32.30 7.75
CA PHE B 252 0.95 -33.49 8.15
C PHE B 252 1.06 -33.66 9.67
N THR B 253 1.32 -32.55 10.40
CA THR B 253 1.40 -32.52 11.87
C THR B 253 0.49 -31.46 12.48
N THR B 254 -0.14 -30.60 11.65
CA THR B 254 -1.06 -29.54 12.11
C THR B 254 -2.05 -30.13 13.12
N ALA B 255 -2.02 -29.68 14.38
CA ALA B 255 -2.82 -30.22 15.48
C ALA B 255 -4.32 -30.49 15.17
N GLU B 256 -5.05 -29.45 14.70
CA GLU B 256 -6.48 -29.51 14.40
C GLU B 256 -6.77 -30.40 13.22
N THR B 257 -6.07 -30.18 12.10
CA THR B 257 -6.25 -30.96 10.88
C THR B 257 -6.02 -32.45 11.15
N MET B 258 -4.90 -32.77 11.84
CA MET B 258 -4.53 -34.17 12.09
C MET B 258 -5.45 -34.87 13.08
N LEU B 259 -5.94 -34.14 14.11
CA LEU B 259 -6.94 -34.76 15.00
C LEU B 259 -8.23 -35.04 14.19
N ASN B 260 -8.61 -34.12 13.29
CA ASN B 260 -9.77 -34.31 12.43
C ASN B 260 -9.57 -35.45 11.46
N ALA B 261 -8.34 -35.57 10.90
CA ALA B 261 -7.96 -36.65 9.97
C ALA B 261 -8.08 -38.01 10.69
N ARG B 262 -7.52 -38.11 11.91
CA ARG B 262 -7.61 -39.34 12.69
C ARG B 262 -9.07 -39.69 13.03
N SER B 263 -9.90 -38.67 13.34
CA SER B 263 -11.32 -38.85 13.63
C SER B 263 -12.09 -39.34 12.40
N ILE B 264 -11.79 -38.77 11.22
CA ILE B 264 -12.46 -39.17 9.98
C ILE B 264 -11.99 -40.55 9.52
N LYS B 265 -10.72 -40.88 9.80
CA LYS B 265 -10.20 -42.21 9.48
C LYS B 265 -10.93 -43.25 10.38
N LYS B 266 -11.19 -42.92 11.67
CA LYS B 266 -11.96 -43.77 12.58
C LYS B 266 -13.38 -43.93 12.04
N TRP B 267 -14.02 -42.85 11.54
CA TRP B 267 -15.37 -42.92 10.95
C TRP B 267 -15.36 -43.82 9.70
N LEU B 268 -14.35 -43.64 8.79
CA LEU B 268 -14.22 -44.48 7.59
C LEU B 268 -14.09 -45.95 8.00
N SER B 269 -13.28 -46.24 9.06
CA SER B 269 -12.99 -47.58 9.58
C SER B 269 -14.15 -48.30 10.25
N LEU B 270 -15.27 -47.61 10.46
CA LEU B 270 -16.48 -48.23 10.99
C LEU B 270 -17.01 -49.21 9.93
N LYS B 271 -16.77 -48.91 8.64
CA LYS B 271 -17.22 -49.71 7.51
C LYS B 271 -16.07 -50.25 6.65
N ILE B 272 -15.00 -49.42 6.42
CA ILE B 272 -13.85 -49.79 5.58
C ILE B 272 -12.71 -50.22 6.52
N LYS B 273 -12.66 -51.52 6.86
CA LYS B 273 -11.71 -52.00 7.87
C LYS B 273 -10.31 -52.39 7.39
N ASP B 274 -10.19 -52.74 6.10
CA ASP B 274 -8.95 -53.20 5.50
C ASP B 274 -8.09 -52.02 5.06
N ASP B 275 -6.77 -52.06 5.32
CA ASP B 275 -5.85 -51.00 4.97
C ASP B 275 -5.78 -50.66 3.49
N GLU B 276 -5.83 -51.67 2.60
CA GLU B 276 -5.76 -51.41 1.16
C GLU B 276 -7.03 -50.75 0.67
N ASN B 277 -8.17 -51.04 1.32
CA ASN B 277 -9.45 -50.45 0.94
C ASN B 277 -9.53 -49.03 1.42
N LEU B 278 -9.05 -48.81 2.62
CA LEU B 278 -8.98 -47.51 3.26
C LEU B 278 -8.12 -46.55 2.42
N SER B 279 -7.04 -47.05 1.79
CA SER B 279 -6.16 -46.24 0.96
C SER B 279 -6.82 -45.78 -0.34
N LYS B 280 -7.91 -46.46 -0.79
CA LYS B 280 -8.69 -46.06 -1.94
C LYS B 280 -9.54 -44.80 -1.62
N HIS B 281 -9.81 -44.54 -0.34
CA HIS B 281 -10.68 -43.47 0.14
C HIS B 281 -9.96 -42.26 0.78
N MET B 282 -8.64 -42.28 0.75
CA MET B 282 -7.84 -41.23 1.38
C MET B 282 -6.81 -40.65 0.47
N VAL B 283 -6.76 -39.31 0.44
CA VAL B 283 -5.76 -38.57 -0.31
C VAL B 283 -5.13 -37.49 0.57
N ALA B 284 -3.89 -37.12 0.28
CA ALA B 284 -3.25 -36.06 1.05
C ALA B 284 -2.71 -34.99 0.16
N VAL B 285 -2.75 -33.75 0.63
CA VAL B 285 -2.13 -32.61 -0.03
C VAL B 285 -1.13 -32.20 1.01
N SER B 286 0.15 -32.60 0.80
CA SER B 286 1.24 -32.43 1.76
C SER B 286 2.60 -32.68 1.10
N THR B 287 3.68 -32.34 1.83
CA THR B 287 5.05 -32.66 1.41
C THR B 287 5.68 -33.69 2.35
N ASN B 288 5.05 -33.94 3.49
CA ASN B 288 5.64 -34.88 4.43
C ASN B 288 5.29 -36.30 4.01
N LEU B 289 6.12 -36.86 3.11
CA LEU B 289 5.88 -38.19 2.57
C LEU B 289 6.02 -39.29 3.59
N LYS B 290 6.85 -39.08 4.63
CA LYS B 290 7.06 -40.04 5.71
C LYS B 290 5.75 -40.20 6.50
N LEU B 291 5.13 -39.07 6.85
CA LEU B 291 3.90 -39.04 7.64
C LEU B 291 2.66 -39.45 6.88
N THR B 292 2.56 -39.12 5.59
CA THR B 292 1.42 -39.58 4.77
C THR B 292 1.49 -41.12 4.66
N ASP B 293 2.70 -41.71 4.48
CA ASP B 293 2.72 -43.16 4.39
CA ASP B 293 2.87 -43.18 4.42
C ASP B 293 2.42 -43.81 5.72
N GLU B 294 2.86 -43.21 6.85
CA GLU B 294 2.52 -43.71 8.21
C GLU B 294 1.01 -43.67 8.43
N PHE B 295 0.34 -42.67 7.83
CA PHE B 295 -1.12 -42.50 7.93
C PHE B 295 -1.84 -43.59 7.12
N GLY B 296 -1.12 -44.20 6.18
CA GLY B 296 -1.73 -45.24 5.35
C GLY B 296 -2.21 -44.72 4.01
N ILE B 297 -1.67 -43.57 3.58
CA ILE B 297 -2.02 -42.99 2.29
C ILE B 297 -1.04 -43.50 1.23
N SER B 298 -1.53 -43.94 0.08
CA SER B 298 -0.72 -44.41 -1.04
C SER B 298 0.10 -43.27 -1.64
N ARG B 299 1.29 -43.57 -2.21
CA ARG B 299 2.18 -42.58 -2.83
CA ARG B 299 2.14 -42.55 -2.82
C ARG B 299 1.58 -41.86 -4.02
N ASP B 300 0.72 -42.56 -4.77
CA ASP B 300 0.06 -41.99 -5.93
C ASP B 300 -1.10 -41.06 -5.48
N ASN B 301 -1.43 -41.07 -4.19
CA ASN B 301 -2.52 -40.26 -3.62
C ASN B 301 -2.00 -39.05 -2.81
N VAL B 302 -0.73 -38.67 -2.97
CA VAL B 302 -0.14 -37.51 -2.29
C VAL B 302 0.20 -36.45 -3.31
N PHE B 303 -0.39 -35.27 -3.15
CA PHE B 303 -0.24 -34.15 -4.09
C PHE B 303 0.59 -33.06 -3.41
N GLU B 304 1.67 -32.69 -4.04
CA GLU B 304 2.61 -31.75 -3.46
C GLU B 304 2.33 -30.28 -3.77
N PHE B 305 2.86 -29.44 -2.87
CA PHE B 305 2.90 -27.99 -2.98
C PHE B 305 4.21 -27.53 -2.35
N TRP B 306 4.59 -26.26 -2.49
CA TRP B 306 5.92 -25.80 -2.09
C TRP B 306 5.94 -24.72 -1.04
N ASP B 307 7.09 -24.55 -0.35
CA ASP B 307 7.21 -23.56 0.73
C ASP B 307 7.00 -22.11 0.29
N TRP B 308 7.18 -21.82 -1.01
CA TRP B 308 6.95 -20.50 -1.60
C TRP B 308 5.45 -20.21 -1.90
N VAL B 309 4.59 -21.16 -1.49
CA VAL B 309 3.13 -21.06 -1.55
C VAL B 309 2.65 -20.80 -0.12
N GLY B 310 2.23 -19.59 0.19
CA GLY B 310 1.68 -19.27 1.51
C GLY B 310 0.28 -19.86 1.63
N GLY B 311 -0.09 -20.36 2.82
CA GLY B 311 -1.42 -20.96 3.06
C GLY B 311 -2.56 -20.13 2.50
N ARG B 312 -2.60 -18.83 2.83
CA ARG B 312 -3.65 -17.89 2.35
C ARG B 312 -3.56 -17.57 0.84
N PHE B 313 -2.49 -18.05 0.15
CA PHE B 313 -2.30 -17.90 -1.30
C PHE B 313 -2.28 -19.31 -1.97
N SER B 314 -2.77 -20.33 -1.27
CA SER B 314 -2.65 -21.73 -1.72
C SER B 314 -3.77 -22.34 -2.59
N VAL B 315 -4.92 -21.65 -2.76
CA VAL B 315 -6.02 -22.21 -3.57
C VAL B 315 -5.63 -22.59 -5.02
N THR B 316 -4.67 -21.86 -5.64
CA THR B 316 -4.22 -22.16 -7.01
C THR B 316 -3.15 -23.28 -7.05
N SER B 317 -2.76 -23.81 -5.90
CA SER B 317 -1.85 -24.98 -5.86
C SER B 317 -2.80 -26.21 -5.75
N SER B 318 -2.25 -27.42 -5.56
CA SER B 318 -3.03 -28.65 -5.37
C SER B 318 -4.04 -28.51 -4.20
N VAL B 319 -3.74 -27.64 -3.19
CA VAL B 319 -4.66 -27.36 -2.06
C VAL B 319 -6.13 -27.20 -2.55
N GLY B 320 -6.31 -26.32 -3.53
CA GLY B 320 -7.63 -26.05 -4.11
C GLY B 320 -7.85 -26.74 -5.43
N ILE B 321 -6.81 -26.82 -6.29
CA ILE B 321 -6.98 -27.42 -7.63
C ILE B 321 -7.40 -28.88 -7.60
N LEU B 322 -6.90 -29.65 -6.62
CA LEU B 322 -7.32 -31.03 -6.49
C LEU B 322 -8.83 -31.20 -6.14
N PRO B 323 -9.36 -30.72 -4.99
CA PRO B 323 -10.79 -30.91 -4.72
C PRO B 323 -11.71 -30.21 -5.74
N LEU B 324 -11.29 -29.04 -6.28
CA LEU B 324 -12.14 -28.33 -7.25
C LEU B 324 -12.18 -28.98 -8.64
N SER B 325 -11.06 -29.63 -9.06
CA SER B 325 -11.05 -30.40 -10.32
C SER B 325 -11.88 -31.67 -10.14
N ILE B 326 -11.93 -32.26 -8.94
CA ILE B 326 -12.80 -33.43 -8.72
C ILE B 326 -14.27 -32.96 -8.86
N ALA B 327 -14.63 -31.86 -8.19
CA ALA B 327 -16.00 -31.34 -8.19
C ALA B 327 -16.44 -30.84 -9.57
N PHE B 328 -15.55 -30.14 -10.29
CA PHE B 328 -15.95 -29.47 -11.53
C PHE B 328 -15.29 -29.89 -12.83
N GLY B 329 -14.24 -30.69 -12.74
CA GLY B 329 -13.46 -31.13 -13.89
C GLY B 329 -12.26 -30.21 -14.06
N TYR B 330 -11.11 -30.77 -14.44
CA TYR B 330 -9.86 -30.04 -14.64
C TYR B 330 -9.98 -28.91 -15.68
N LYS B 331 -10.71 -29.13 -16.81
CA LYS B 331 -10.90 -28.13 -17.85
C LYS B 331 -11.44 -26.82 -17.28
N ASN B 332 -12.42 -26.91 -16.37
CA ASN B 332 -12.99 -25.73 -15.72
C ASN B 332 -11.94 -25.05 -14.83
N MET B 333 -11.18 -25.84 -14.09
CA MET B 333 -10.11 -25.33 -13.22
C MET B 333 -8.94 -24.72 -13.98
N ARG B 334 -8.68 -25.22 -15.21
CA ARG B 334 -7.65 -24.70 -16.11
CA ARG B 334 -7.63 -24.66 -16.07
C ARG B 334 -8.07 -23.27 -16.51
N ASN B 335 -9.39 -23.06 -16.77
CA ASN B 335 -9.93 -21.73 -17.12
C ASN B 335 -9.80 -20.77 -15.95
N PHE B 336 -10.07 -21.27 -14.71
CA PHE B 336 -9.92 -20.49 -13.48
C PHE B 336 -8.46 -20.03 -13.36
N LEU B 337 -7.50 -20.96 -13.60
CA LEU B 337 -6.06 -20.65 -13.54
C LEU B 337 -5.67 -19.61 -14.60
N ASN B 338 -6.29 -19.67 -15.80
CA ASN B 338 -6.04 -18.69 -16.88
C ASN B 338 -6.48 -17.31 -16.47
N GLY B 339 -7.61 -17.23 -15.75
CA GLY B 339 -8.12 -15.99 -15.19
C GLY B 339 -7.14 -15.38 -14.21
N CYS B 340 -6.63 -16.20 -13.25
CA CYS B 340 -5.64 -15.79 -12.25
C CYS B 340 -4.42 -15.25 -12.95
N HIS B 341 -3.95 -16.00 -13.98
CA HIS B 341 -2.76 -15.66 -14.75
C HIS B 341 -2.88 -14.33 -15.49
N ASP B 342 -4.01 -14.10 -16.20
CA ASP B 342 -4.24 -12.86 -16.92
C ASP B 342 -4.27 -11.63 -16.01
N MET B 343 -4.86 -11.76 -14.82
CA MET B 343 -4.86 -10.68 -13.83
C MET B 343 -3.43 -10.50 -13.26
N ASP B 344 -2.66 -11.61 -13.02
CA ASP B 344 -1.27 -11.53 -12.56
C ASP B 344 -0.43 -10.72 -13.55
N GLU B 345 -0.56 -11.01 -14.86
CA GLU B 345 0.15 -10.33 -15.95
C GLU B 345 -0.18 -8.83 -15.99
N HIS B 346 -1.46 -8.49 -15.76
CA HIS B 346 -1.93 -7.09 -15.70
C HIS B 346 -1.26 -6.41 -14.50
N PHE B 347 -1.30 -7.06 -13.34
CA PHE B 347 -0.70 -6.52 -12.12
C PHE B 347 0.82 -6.23 -12.30
N LEU B 348 1.53 -7.16 -12.92
CA LEU B 348 2.97 -7.00 -13.12
C LEU B 348 3.31 -5.92 -14.16
N HIS B 349 2.63 -5.94 -15.29
CA HIS B 349 2.94 -5.09 -16.43
C HIS B 349 2.27 -3.73 -16.57
N ALA B 350 0.99 -3.58 -16.15
CA ALA B 350 0.29 -2.30 -16.34
C ALA B 350 0.97 -1.15 -15.61
N ASP B 351 1.01 0.05 -16.25
CA ASP B 351 1.53 1.28 -15.64
C ASP B 351 0.64 1.54 -14.44
N LEU B 352 1.24 2.03 -13.33
CA LEU B 352 0.56 2.27 -12.05
C LEU B 352 -0.78 2.97 -12.15
N LYS B 353 -0.87 4.01 -12.99
CA LYS B 353 -2.09 4.81 -13.17
C LYS B 353 -3.23 4.00 -13.84
N GLU B 354 -2.90 2.87 -14.49
CA GLU B 354 -3.85 2.01 -15.18
C GLU B 354 -3.88 0.59 -14.60
N ASN B 355 -3.23 0.42 -13.45
CA ASN B 355 -3.08 -0.87 -12.79
C ASN B 355 -4.17 -1.03 -11.72
N ILE B 356 -5.19 -1.84 -12.06
CA ILE B 356 -6.38 -2.08 -11.21
C ILE B 356 -6.07 -2.52 -9.76
N PRO B 357 -5.30 -3.61 -9.50
CA PRO B 357 -5.00 -3.96 -8.10
C PRO B 357 -4.20 -2.89 -7.37
N VAL B 358 -3.30 -2.19 -8.10
CA VAL B 358 -2.49 -1.12 -7.48
C VAL B 358 -3.39 0.05 -7.05
N LEU B 359 -4.30 0.48 -7.95
CA LEU B 359 -5.21 1.59 -7.65
C LEU B 359 -6.16 1.23 -6.48
N LEU B 360 -6.56 -0.05 -6.40
CA LEU B 360 -7.42 -0.56 -5.32
C LEU B 360 -6.64 -0.54 -4.00
N ALA B 361 -5.41 -1.02 -4.03
CA ALA B 361 -4.52 -0.98 -2.85
C ALA B 361 -4.23 0.47 -2.40
N LEU B 362 -4.00 1.42 -3.36
CA LEU B 362 -3.72 2.85 -3.03
C LEU B 362 -4.92 3.48 -2.37
N THR B 363 -6.13 3.15 -2.84
CA THR B 363 -7.41 3.65 -2.31
C THR B 363 -7.58 3.18 -0.87
N SER B 364 -7.34 1.90 -0.61
CA SER B 364 -7.44 1.27 0.70
C SER B 364 -6.45 1.96 1.69
N PHE B 365 -5.20 2.13 1.27
CA PHE B 365 -4.12 2.79 2.01
C PHE B 365 -4.51 4.25 2.34
N TYR B 366 -5.05 4.98 1.35
CA TYR B 366 -5.50 6.36 1.48
C TYR B 366 -6.62 6.50 2.53
N ASN B 367 -7.69 5.67 2.43
CA ASN B 367 -8.79 5.69 3.38
C ASN B 367 -8.35 5.35 4.76
N SER B 368 -7.46 4.37 4.92
CA SER B 368 -6.99 3.98 6.24
C SER B 368 -6.04 5.05 6.85
N HIS B 369 -5.02 5.47 6.08
CA HIS B 369 -4.02 6.42 6.59
C HIS B 369 -4.47 7.86 6.74
N PHE B 370 -5.19 8.40 5.74
CA PHE B 370 -5.57 9.80 5.73
C PHE B 370 -6.96 10.13 6.27
N PHE B 371 -7.84 9.13 6.36
CA PHE B 371 -9.19 9.35 6.89
C PHE B 371 -9.42 8.54 8.14
N ASP B 372 -8.44 7.68 8.50
CA ASP B 372 -8.52 6.80 9.67
C ASP B 372 -9.71 5.81 9.60
N TYR B 373 -10.05 5.36 8.38
CA TYR B 373 -11.09 4.37 8.13
C TYR B 373 -10.47 2.99 8.25
N LYS B 374 -10.55 2.42 9.45
CA LYS B 374 -9.91 1.14 9.79
C LYS B 374 -10.75 -0.13 9.49
N ASN B 375 -11.75 0.00 8.63
CA ASN B 375 -12.58 -1.14 8.26
C ASN B 375 -12.80 -1.17 6.77
N VAL B 376 -13.10 -2.36 6.24
CA VAL B 376 -13.46 -2.56 4.83
C VAL B 376 -14.64 -3.55 4.86
N ALA B 377 -15.75 -3.19 4.21
CA ALA B 377 -16.90 -4.09 4.07
C ALA B 377 -16.85 -4.70 2.66
N ILE B 378 -16.83 -6.04 2.56
CA ILE B 378 -16.75 -6.75 1.29
C ILE B 378 -18.15 -7.22 1.06
N LEU B 379 -18.80 -6.59 0.08
CA LEU B 379 -20.23 -6.78 -0.17
C LEU B 379 -20.58 -7.21 -1.59
N PRO B 380 -20.44 -8.53 -1.88
CA PRO B 380 -20.82 -9.00 -3.22
C PRO B 380 -22.34 -9.09 -3.35
N TYR B 381 -22.92 -8.49 -4.41
CA TYR B 381 -24.37 -8.60 -4.65
C TYR B 381 -24.61 -9.86 -5.48
N PHE B 382 -24.34 -11.01 -4.83
CA PHE B 382 -24.39 -12.33 -5.43
C PHE B 382 -24.29 -13.35 -4.32
N GLN B 383 -25.40 -14.05 -4.03
CA GLN B 383 -25.43 -15.05 -2.95
C GLN B 383 -24.40 -16.19 -3.12
N ASN B 384 -24.03 -16.55 -4.37
CA ASN B 384 -23.03 -17.61 -4.56
C ASN B 384 -21.63 -17.19 -4.09
N LEU B 385 -21.42 -15.87 -3.87
CA LEU B 385 -20.19 -15.33 -3.30
C LEU B 385 -20.25 -15.26 -1.76
N LEU B 386 -21.19 -16.03 -1.13
CA LEU B 386 -21.33 -16.03 0.33
C LEU B 386 -20.09 -16.40 1.13
N LYS B 387 -19.12 -17.12 0.51
CA LYS B 387 -17.90 -17.50 1.19
C LYS B 387 -16.68 -16.68 0.74
N PHE B 388 -16.89 -15.63 -0.08
CA PHE B 388 -15.79 -14.78 -0.57
C PHE B 388 -15.18 -13.98 0.56
N SER B 389 -16.01 -13.22 1.33
CA SER B 389 -15.60 -12.39 2.48
C SER B 389 -14.76 -13.16 3.52
N ALA B 390 -15.15 -14.39 3.87
CA ALA B 390 -14.39 -15.20 4.83
C ALA B 390 -12.96 -15.47 4.30
N HIS B 391 -12.79 -15.70 2.98
CA HIS B 391 -11.47 -15.88 2.36
C HIS B 391 -10.71 -14.54 2.38
N ILE B 392 -11.33 -13.44 1.90
CA ILE B 392 -10.72 -12.12 1.90
C ILE B 392 -10.25 -11.70 3.31
N GLN B 393 -11.01 -12.08 4.35
CA GLN B 393 -10.64 -11.80 5.75
C GLN B 393 -9.27 -12.37 6.10
N GLN B 394 -9.01 -13.68 5.80
CA GLN B 394 -7.68 -14.24 6.07
C GLN B 394 -6.61 -13.63 5.16
N LEU B 395 -6.89 -13.61 3.83
CA LEU B 395 -5.96 -13.07 2.83
C LEU B 395 -5.46 -11.69 3.23
N SER B 396 -6.37 -10.79 3.63
CA SER B 396 -6.03 -9.42 4.01
C SER B 396 -5.44 -9.33 5.39
N MET B 397 -6.19 -9.79 6.41
CA MET B 397 -5.85 -9.66 7.82
C MET B 397 -4.62 -10.39 8.27
N GLU B 398 -4.42 -11.63 7.80
CA GLU B 398 -3.26 -12.39 8.18
C GLU B 398 -2.01 -11.90 7.45
N SER B 399 -2.17 -11.39 6.21
CA SER B 399 -1.01 -10.88 5.50
C SER B 399 -0.59 -9.55 6.07
N ASN B 400 -1.55 -8.61 6.20
CA ASN B 400 -1.25 -7.23 6.54
C ASN B 400 -1.51 -6.74 7.95
N GLY B 401 -1.97 -7.61 8.85
CA GLY B 401 -2.22 -7.28 10.26
C GLY B 401 -0.93 -7.42 11.04
N LYS B 402 -0.01 -6.51 10.77
CA LYS B 402 1.38 -6.51 11.29
C LYS B 402 1.69 -5.20 12.02
N SER B 403 2.80 -5.19 12.80
CA SER B 403 3.16 -3.97 13.51
C SER B 403 4.68 -3.72 13.51
N VAL B 404 5.41 -4.29 12.52
CA VAL B 404 6.87 -4.16 12.38
C VAL B 404 7.11 -4.04 10.90
N ASP B 405 7.83 -2.98 10.48
CA ASP B 405 8.07 -2.74 9.05
C ASP B 405 9.15 -3.62 8.44
N ARG B 406 9.41 -3.47 7.11
CA ARG B 406 10.41 -4.24 6.37
C ARG B 406 11.85 -3.90 6.77
N ASN B 407 12.06 -2.84 7.57
CA ASN B 407 13.38 -2.46 8.06
C ASN B 407 13.50 -2.94 9.51
N ASN B 408 12.59 -3.82 9.93
CA ASN B 408 12.54 -4.42 11.30
C ASN B 408 12.22 -3.46 12.43
N GLN B 409 11.63 -2.33 12.09
CA GLN B 409 11.27 -1.35 13.10
C GLN B 409 9.81 -1.50 13.54
N PRO B 410 9.57 -1.51 14.87
CA PRO B 410 8.17 -1.51 15.35
C PRO B 410 7.51 -0.23 14.86
N ILE B 411 6.28 -0.35 14.33
CA ILE B 411 5.61 0.81 13.76
C ILE B 411 4.32 1.11 14.48
N HIS B 412 3.85 2.35 14.38
CA HIS B 412 2.63 2.77 15.08
C HIS B 412 1.54 3.25 14.15
N TYR B 413 1.82 3.31 12.83
CA TYR B 413 0.80 3.72 11.87
C TYR B 413 -0.15 2.56 11.58
N ASN B 414 -1.26 2.87 10.89
CA ASN B 414 -2.28 1.88 10.56
C ASN B 414 -1.78 0.82 9.60
N THR B 415 -2.10 -0.44 9.89
CA THR B 415 -1.82 -1.53 8.96
C THR B 415 -3.17 -2.04 8.47
N CYS B 416 -3.35 -3.36 8.30
CA CYS B 416 -4.61 -3.87 7.73
C CYS B 416 -5.85 -3.49 8.48
N GLN B 417 -6.89 -3.12 7.69
CA GLN B 417 -8.21 -2.82 8.21
C GLN B 417 -8.88 -4.12 8.71
N VAL B 418 -9.98 -3.99 9.47
CA VAL B 418 -10.79 -5.14 9.85
C VAL B 418 -11.71 -5.35 8.62
N TYR B 419 -11.71 -6.58 8.08
CA TYR B 419 -12.56 -6.91 6.95
C TYR B 419 -13.74 -7.70 7.42
N PHE B 420 -14.92 -7.42 6.87
CA PHE B 420 -16.14 -8.13 7.20
C PHE B 420 -17.11 -7.99 6.04
N GLY B 421 -18.25 -8.65 6.15
CA GLY B 421 -19.28 -8.53 5.14
C GLY B 421 -20.17 -9.73 5.01
N GLU B 422 -21.27 -9.49 4.32
CA GLU B 422 -22.27 -10.48 3.94
C GLU B 422 -22.71 -10.11 2.53
N PRO B 423 -23.10 -11.10 1.70
CA PRO B 423 -23.57 -10.74 0.35
C PRO B 423 -24.80 -9.81 0.37
N GLY B 424 -24.90 -8.92 -0.60
CA GLY B 424 -26.07 -8.08 -0.77
C GLY B 424 -27.16 -8.95 -1.39
N THR B 425 -28.43 -8.79 -1.06
CA THR B 425 -29.03 -7.77 -0.17
CA THR B 425 -29.03 -7.78 -0.20
C THR B 425 -29.04 -8.15 1.31
N ASN B 426 -28.48 -9.34 1.68
CA ASN B 426 -28.45 -9.77 3.10
C ASN B 426 -27.76 -8.79 4.05
N GLY B 427 -26.54 -8.37 3.72
CA GLY B 427 -25.80 -7.43 4.57
C GLY B 427 -26.53 -6.11 4.67
N GLN B 428 -27.16 -5.73 3.57
CA GLN B 428 -27.97 -4.54 3.40
C GLN B 428 -29.10 -4.48 4.42
N HIS B 429 -29.80 -5.60 4.66
CA HIS B 429 -30.90 -5.66 5.63
C HIS B 429 -30.45 -5.97 7.06
N SER B 430 -29.15 -6.12 7.25
CA SER B 430 -28.57 -6.42 8.55
C SER B 430 -27.89 -5.21 9.20
N PHE B 431 -26.80 -4.71 8.62
CA PHE B 431 -25.97 -3.68 9.24
C PHE B 431 -25.76 -2.38 8.43
N TYR B 432 -26.43 -2.19 7.27
CA TYR B 432 -26.23 -0.94 6.51
C TYR B 432 -26.73 0.30 7.26
N GLN B 433 -27.58 0.14 8.28
CA GLN B 433 -28.00 1.28 9.13
C GLN B 433 -26.71 2.01 9.62
N LEU B 434 -25.75 1.24 10.17
CA LEU B 434 -24.46 1.75 10.67
C LEU B 434 -23.62 2.35 9.52
N ILE B 435 -23.55 1.66 8.38
CA ILE B 435 -22.79 2.12 7.21
C ILE B 435 -23.32 3.46 6.70
N HIS B 436 -24.64 3.73 6.83
CA HIS B 436 -25.22 5.00 6.39
C HIS B 436 -25.20 6.08 7.45
N GLN B 437 -25.45 5.72 8.71
CA GLN B 437 -25.59 6.71 9.79
C GLN B 437 -24.67 6.60 11.00
N GLY B 438 -23.93 5.50 11.12
CA GLY B 438 -23.00 5.35 12.22
C GLY B 438 -21.61 5.66 11.73
N GLN B 439 -20.63 4.97 12.26
CA GLN B 439 -19.26 5.17 11.82
C GLN B 439 -19.06 4.87 10.31
N VAL B 440 -18.19 5.67 9.64
CA VAL B 440 -17.92 5.57 8.19
C VAL B 440 -17.13 4.30 7.91
N ILE B 441 -17.65 3.46 7.00
CA ILE B 441 -17.05 2.20 6.58
C ILE B 441 -16.92 2.12 5.06
N PRO B 442 -15.70 2.23 4.49
CA PRO B 442 -15.53 2.10 3.02
C PRO B 442 -16.02 0.74 2.57
N VAL B 443 -16.80 0.71 1.48
CA VAL B 443 -17.36 -0.55 0.98
C VAL B 443 -16.79 -0.92 -0.37
N GLU B 444 -16.75 -2.23 -0.64
CA GLU B 444 -16.34 -2.75 -1.92
C GLU B 444 -17.50 -3.62 -2.40
N LEU B 445 -18.23 -3.12 -3.43
CA LEU B 445 -19.41 -3.78 -3.98
C LEU B 445 -19.01 -4.51 -5.26
N ILE B 446 -19.40 -5.80 -5.34
CA ILE B 446 -19.10 -6.67 -6.48
C ILE B 446 -20.44 -7.15 -7.04
N GLY B 447 -20.66 -6.93 -8.32
CA GLY B 447 -21.92 -7.30 -8.97
C GLY B 447 -21.64 -7.93 -10.31
N PHE B 448 -22.64 -8.55 -10.90
CA PHE B 448 -22.59 -9.20 -12.21
C PHE B 448 -23.79 -8.81 -13.06
N LYS B 449 -23.61 -8.84 -14.37
CA LYS B 449 -24.68 -8.53 -15.33
C LYS B 449 -25.67 -9.66 -15.44
N HIS B 450 -25.22 -10.89 -15.17
CA HIS B 450 -26.05 -12.09 -15.29
C HIS B 450 -26.07 -12.92 -14.02
N SER B 451 -27.18 -13.61 -13.83
CA SER B 451 -27.42 -14.52 -12.71
C SER B 451 -26.94 -15.93 -13.06
N HIS B 452 -26.74 -16.80 -12.03
CA HIS B 452 -26.48 -18.23 -12.28
C HIS B 452 -27.86 -18.95 -12.36
N PHE B 453 -28.94 -18.29 -11.93
CA PHE B 453 -30.31 -18.86 -11.96
C PHE B 453 -31.32 -17.75 -12.28
N PRO B 454 -31.35 -17.23 -13.54
CA PRO B 454 -32.28 -16.12 -13.84
C PRO B 454 -33.73 -16.49 -13.65
N ILE B 455 -34.45 -15.58 -12.97
CA ILE B 455 -35.87 -15.71 -12.72
C ILE B 455 -36.55 -14.46 -13.22
N LYS B 456 -37.65 -14.62 -14.00
CA LYS B 456 -38.45 -13.50 -14.48
C LYS B 456 -39.87 -14.00 -14.74
N PHE B 457 -40.86 -13.37 -14.09
CA PHE B 457 -42.27 -13.71 -14.31
C PHE B 457 -42.93 -12.54 -15.04
N ASP B 458 -43.82 -12.86 -15.98
CA ASP B 458 -44.56 -11.93 -16.85
C ASP B 458 -45.04 -10.63 -16.22
N LYS B 459 -45.77 -10.74 -15.10
CA LYS B 459 -46.37 -9.60 -14.42
C LYS B 459 -45.40 -8.76 -13.59
N GLU B 460 -44.17 -9.25 -13.35
CA GLU B 460 -43.21 -8.53 -12.53
C GLU B 460 -42.66 -7.32 -13.23
N VAL B 461 -42.40 -6.25 -12.47
CA VAL B 461 -41.78 -5.00 -12.98
C VAL B 461 -40.38 -5.31 -13.56
N VAL B 462 -39.61 -6.15 -12.85
CA VAL B 462 -38.25 -6.55 -13.26
C VAL B 462 -37.95 -8.00 -12.96
N SER B 463 -36.91 -8.54 -13.62
CA SER B 463 -36.39 -9.86 -13.32
C SER B 463 -35.81 -9.76 -11.88
N ASN B 464 -35.78 -10.86 -11.16
CA ASN B 464 -35.24 -10.90 -9.78
C ASN B 464 -33.80 -10.39 -9.74
N HIS B 465 -32.97 -10.70 -10.77
CA HIS B 465 -31.57 -10.26 -10.83
C HIS B 465 -31.51 -8.75 -10.96
N ASP B 466 -32.41 -8.17 -11.78
CA ASP B 466 -32.50 -6.71 -11.92
C ASP B 466 -32.94 -6.10 -10.59
N GLU B 467 -33.86 -6.74 -9.86
CA GLU B 467 -34.28 -6.27 -8.54
C GLU B 467 -33.07 -6.18 -7.57
N LEU B 468 -32.26 -7.23 -7.51
CA LEU B 468 -31.02 -7.31 -6.71
C LEU B 468 -30.09 -6.15 -7.11
N MET B 469 -29.95 -5.93 -8.44
CA MET B 469 -29.05 -4.93 -9.00
C MET B 469 -29.44 -3.49 -8.84
N THR B 470 -30.74 -3.20 -8.61
CA THR B 470 -31.17 -1.81 -8.33
C THR B 470 -30.44 -1.32 -7.07
N ASN B 471 -30.19 -2.23 -6.13
CA ASN B 471 -29.54 -1.95 -4.84
C ASN B 471 -28.06 -1.74 -4.98
N PHE B 472 -27.43 -2.48 -5.90
CA PHE B 472 -26.00 -2.37 -6.15
C PHE B 472 -25.69 -0.92 -6.53
N PHE B 473 -26.43 -0.34 -7.50
CA PHE B 473 -26.23 1.04 -7.96
C PHE B 473 -26.66 2.08 -6.93
N ALA B 474 -27.87 1.90 -6.37
CA ALA B 474 -28.47 2.82 -5.41
C ALA B 474 -27.70 2.98 -4.12
N GLN B 475 -27.17 1.87 -3.56
CA GLN B 475 -26.44 1.90 -2.30
C GLN B 475 -25.19 2.74 -2.44
N ALA B 476 -24.42 2.55 -3.53
CA ALA B 476 -23.19 3.30 -3.79
C ALA B 476 -23.52 4.80 -3.87
N ASP B 477 -24.59 5.16 -4.62
CA ASP B 477 -25.02 6.56 -4.74
C ASP B 477 -25.52 7.16 -3.44
N ALA B 478 -26.35 6.42 -2.67
CA ALA B 478 -26.87 6.87 -1.37
C ALA B 478 -25.72 7.16 -0.36
N LEU B 479 -24.72 6.29 -0.34
CA LEU B 479 -23.55 6.47 0.54
C LEU B 479 -22.76 7.71 0.15
N ALA B 480 -22.56 7.92 -1.17
CA ALA B 480 -21.81 9.06 -1.70
C ALA B 480 -22.54 10.40 -1.47
N ILE B 481 -23.81 10.50 -1.90
CA ILE B 481 -24.60 11.74 -1.89
C ILE B 481 -25.32 12.12 -0.59
N GLY B 482 -25.80 11.14 0.16
CA GLY B 482 -26.54 11.39 1.38
C GLY B 482 -27.83 12.17 1.14
N LYS B 483 -28.31 12.86 2.17
CA LYS B 483 -29.54 13.65 2.11
C LYS B 483 -29.45 14.69 3.22
N THR B 484 -29.36 15.97 2.84
CA THR B 484 -29.17 17.10 3.77
C THR B 484 -30.40 17.37 4.61
N TYR B 485 -30.20 18.11 5.70
CA TYR B 485 -31.27 18.54 6.57
C TYR B 485 -32.34 19.29 5.78
N GLU B 486 -31.95 20.16 4.82
CA GLU B 486 -32.93 20.89 4.03
C GLU B 486 -33.76 19.99 3.10
N GLN B 487 -33.17 18.89 2.57
CA GLN B 487 -33.90 17.94 1.71
C GLN B 487 -34.92 17.18 2.57
N VAL B 488 -34.52 16.82 3.80
CA VAL B 488 -35.34 16.14 4.82
C VAL B 488 -36.52 17.08 5.19
N LYS B 489 -36.22 18.38 5.43
CA LYS B 489 -37.21 19.38 5.79
C LYS B 489 -38.23 19.58 4.65
N GLU B 490 -37.76 19.57 3.39
CA GLU B 490 -38.63 19.71 2.22
C GLU B 490 -39.61 18.52 2.11
N GLU B 491 -39.13 17.29 2.32
CA GLU B 491 -39.96 16.07 2.32
C GLU B 491 -40.97 16.12 3.50
N ASN B 492 -40.57 16.76 4.61
CA ASN B 492 -41.44 16.90 5.78
C ASN B 492 -42.62 17.83 5.58
N GLU B 493 -42.61 18.64 4.50
CA GLU B 493 -43.74 19.55 4.18
C GLU B 493 -45.00 18.70 3.98
N LYS B 494 -44.83 17.44 3.51
CA LYS B 494 -45.92 16.50 3.30
C LYS B 494 -46.10 15.51 4.48
N ASN B 495 -45.00 14.95 5.03
CA ASN B 495 -45.04 13.96 6.12
C ASN B 495 -45.51 14.56 7.42
N LYS B 496 -45.09 15.80 7.70
CA LYS B 496 -45.47 16.53 8.91
C LYS B 496 -45.06 15.80 10.20
N MET B 497 -43.85 15.20 10.20
CA MET B 497 -43.28 14.61 11.41
C MET B 497 -42.91 15.82 12.31
N SER B 498 -42.89 15.63 13.62
CA SER B 498 -42.52 16.69 14.54
C SER B 498 -41.13 17.25 14.13
N PRO B 499 -41.03 18.56 13.83
CA PRO B 499 -39.76 19.09 13.28
C PRO B 499 -38.46 18.84 14.05
N GLU B 500 -38.51 18.72 15.38
CA GLU B 500 -37.30 18.45 16.15
C GLU B 500 -36.69 17.07 15.87
N LEU B 501 -37.48 16.13 15.34
CA LEU B 501 -37.01 14.78 15.03
C LEU B 501 -36.31 14.67 13.65
N LEU B 502 -36.37 15.71 12.80
CA LEU B 502 -35.78 15.67 11.45
C LEU B 502 -34.29 15.34 11.33
N THR B 503 -33.51 15.65 12.37
CA THR B 503 -32.07 15.37 12.46
C THR B 503 -31.80 13.86 12.28
N HIS B 504 -32.67 13.02 12.85
CA HIS B 504 -32.59 11.54 12.78
C HIS B 504 -32.68 10.99 11.37
N LYS B 505 -33.19 11.78 10.43
CA LYS B 505 -33.37 11.40 9.03
C LYS B 505 -32.29 11.92 8.06
N VAL B 506 -31.29 12.64 8.59
CA VAL B 506 -30.20 13.20 7.77
C VAL B 506 -29.19 12.10 7.45
N PHE B 507 -28.72 12.10 6.19
CA PHE B 507 -27.65 11.21 5.73
C PHE B 507 -26.50 12.11 5.33
N ASN B 508 -25.42 12.15 6.13
CA ASN B 508 -24.27 13.01 5.82
C ASN B 508 -23.54 12.75 4.52
N GLY B 509 -23.67 11.56 3.95
CA GLY B 509 -23.03 11.24 2.67
C GLY B 509 -21.52 11.24 2.79
N ASN B 510 -20.82 11.35 1.64
CA ASN B 510 -19.34 11.30 1.57
C ASN B 510 -18.78 9.98 2.10
N ARG B 511 -19.60 8.90 2.04
CA ARG B 511 -19.24 7.56 2.49
C ARG B 511 -18.75 6.81 1.25
N PRO B 512 -17.44 6.48 1.24
CA PRO B 512 -16.85 5.96 0.01
C PRO B 512 -17.20 4.54 -0.37
N SER B 513 -17.12 4.26 -1.68
CA SER B 513 -17.34 2.93 -2.25
C SER B 513 -16.56 2.68 -3.52
N THR B 514 -16.19 1.39 -3.72
CA THR B 514 -15.61 0.93 -4.97
C THR B 514 -16.67 -0.02 -5.57
N LEU B 515 -16.95 0.11 -6.88
CA LEU B 515 -17.84 -0.79 -7.59
C LEU B 515 -17.04 -1.65 -8.56
N LEU B 516 -17.26 -2.96 -8.53
CA LEU B 516 -16.62 -3.93 -9.41
C LEU B 516 -17.77 -4.60 -10.15
N LEU B 517 -17.89 -4.35 -11.47
CA LEU B 517 -19.00 -4.93 -12.22
C LEU B 517 -18.48 -5.84 -13.33
N PHE B 518 -18.76 -7.14 -13.21
CA PHE B 518 -18.33 -8.16 -14.17
C PHE B 518 -19.49 -8.54 -15.07
N ASP B 519 -19.23 -9.13 -16.22
CA ASP B 519 -20.37 -9.53 -17.03
C ASP B 519 -21.03 -10.81 -16.46
N GLU B 520 -20.23 -11.80 -16.08
CA GLU B 520 -20.72 -13.08 -15.60
C GLU B 520 -19.73 -13.65 -14.61
N LEU B 521 -20.19 -14.47 -13.67
CA LEU B 521 -19.29 -15.18 -12.75
C LEU B 521 -19.07 -16.60 -13.32
N ASN B 522 -18.05 -16.72 -14.18
CA ASN B 522 -17.74 -18.00 -14.78
C ASN B 522 -16.36 -18.42 -14.20
N PHE B 523 -15.79 -19.55 -14.62
CA PHE B 523 -14.51 -19.98 -14.02
C PHE B 523 -13.37 -18.99 -14.25
N TYR B 524 -13.27 -18.45 -15.46
CA TYR B 524 -12.25 -17.47 -15.83
C TYR B 524 -12.36 -16.18 -14.97
N THR B 525 -13.58 -15.62 -14.88
CA THR B 525 -13.89 -14.44 -14.09
C THR B 525 -13.62 -14.66 -12.60
N CYS B 526 -13.92 -15.86 -12.08
CA CYS B 526 -13.66 -16.14 -10.67
C CYS B 526 -12.15 -16.09 -10.39
N GLY B 527 -11.35 -16.48 -11.38
CA GLY B 527 -9.89 -16.42 -11.36
C GLY B 527 -9.44 -14.96 -11.35
N LEU B 528 -10.05 -14.12 -12.22
CA LEU B 528 -9.76 -12.68 -12.26
C LEU B 528 -10.00 -12.06 -10.88
N LEU B 529 -11.15 -12.40 -10.23
CA LEU B 529 -11.54 -11.90 -8.91
C LEU B 529 -10.55 -12.32 -7.81
N LEU B 530 -10.14 -13.61 -7.79
CA LEU B 530 -9.16 -14.08 -6.81
C LEU B 530 -7.84 -13.34 -6.94
N SER B 531 -7.30 -13.31 -8.17
CA SER B 531 -6.01 -12.68 -8.41
C SER B 531 -6.04 -11.18 -8.13
N LEU B 532 -7.18 -10.53 -8.42
CA LEU B 532 -7.35 -9.10 -8.15
C LEU B 532 -7.09 -8.80 -6.66
N TYR B 533 -7.68 -9.58 -5.76
CA TYR B 533 -7.50 -9.42 -4.31
C TYR B 533 -6.12 -9.88 -3.82
N GLU B 534 -5.60 -11.00 -4.35
CA GLU B 534 -4.23 -11.44 -3.98
C GLU B 534 -3.23 -10.35 -4.39
N SER B 535 -3.40 -9.79 -5.60
CA SER B 535 -2.54 -8.72 -6.11
C SER B 535 -2.68 -7.45 -5.26
N ARG B 536 -3.94 -7.05 -4.94
CA ARG B 536 -4.22 -5.87 -4.10
C ARG B 536 -3.51 -5.98 -2.76
N ILE B 537 -3.61 -7.16 -2.09
CA ILE B 537 -2.97 -7.38 -0.79
C ILE B 537 -1.45 -7.32 -0.85
N VAL B 538 -0.86 -7.92 -1.89
CA VAL B 538 0.60 -7.87 -2.12
C VAL B 538 1.05 -6.39 -2.32
N ALA B 539 0.32 -5.63 -3.18
CA ALA B 539 0.62 -4.21 -3.43
C ALA B 539 0.49 -3.42 -2.15
N GLU B 540 -0.57 -3.66 -1.37
CA GLU B 540 -0.82 -2.97 -0.11
C GLU B 540 0.25 -3.18 0.96
N GLY B 541 0.77 -4.39 1.07
CA GLY B 541 1.84 -4.70 2.01
C GLY B 541 3.06 -3.86 1.74
N PHE B 542 3.43 -3.71 0.45
CA PHE B 542 4.56 -2.89 0.02
C PHE B 542 4.32 -1.40 0.27
N LEU B 543 3.07 -0.92 0.05
CA LEU B 543 2.69 0.47 0.36
C LEU B 543 2.84 0.68 1.88
N LEU B 544 2.41 -0.32 2.70
CA LEU B 544 2.50 -0.21 4.15
C LEU B 544 3.92 -0.45 4.67
N ASN B 545 4.81 -0.95 3.78
CA ASN B 545 6.19 -1.34 4.06
C ASN B 545 6.24 -2.40 5.15
N ILE B 546 5.35 -3.39 5.06
CA ILE B 546 5.33 -4.51 6.02
C ILE B 546 5.56 -5.82 5.24
N ASN B 547 5.81 -6.90 5.98
CA ASN B 547 5.99 -8.21 5.34
C ASN B 547 4.61 -8.91 5.29
N SER B 548 4.00 -9.00 4.09
CA SER B 548 2.68 -9.63 3.89
C SER B 548 2.74 -11.14 3.95
N PHE B 549 3.94 -11.69 3.99
CA PHE B 549 4.16 -13.11 3.79
C PHE B 549 4.42 -14.02 4.95
N ASP B 550 4.59 -13.44 6.14
CA ASP B 550 4.84 -14.23 7.35
C ASP B 550 3.60 -14.19 8.23
N GLN B 551 3.64 -14.87 9.40
CA GLN B 551 2.52 -14.88 10.35
C GLN B 551 3.01 -15.28 11.73
N TRP B 552 3.95 -14.50 12.27
CA TRP B 552 4.54 -14.76 13.58
C TRP B 552 3.55 -14.64 14.72
N GLY B 553 2.44 -13.94 14.45
CA GLY B 553 1.38 -13.66 15.41
C GLY B 553 0.57 -14.85 15.87
N VAL B 554 0.74 -15.98 15.22
CA VAL B 554 -0.04 -17.15 15.56
C VAL B 554 0.63 -18.05 16.59
N GLU B 555 1.92 -17.78 16.89
CA GLU B 555 2.74 -18.61 17.75
C GLU B 555 2.35 -18.64 19.21
N LEU B 556 2.19 -17.46 19.85
CA LEU B 556 1.91 -17.38 21.27
C LEU B 556 0.71 -18.20 21.75
N GLY B 557 -0.41 -18.10 21.01
CA GLY B 557 -1.64 -18.80 21.32
C GLY B 557 -1.47 -20.31 21.29
N LYS B 558 -0.71 -20.79 20.29
CA LYS B 558 -0.37 -22.19 20.07
C LYS B 558 0.48 -22.75 21.26
N VAL B 559 1.51 -22.02 21.67
CA VAL B 559 2.39 -22.36 22.81
C VAL B 559 1.55 -22.48 24.10
N LEU B 560 0.74 -21.46 24.41
CA LEU B 560 -0.06 -21.49 25.64
C LEU B 560 -1.15 -22.59 25.64
N ALA B 561 -1.69 -22.94 24.45
CA ALA B 561 -2.73 -23.98 24.32
C ALA B 561 -2.16 -25.35 24.63
N LYS B 562 -0.88 -25.57 24.26
CA LYS B 562 -0.15 -26.81 24.51
C LYS B 562 -0.04 -27.03 26.03
N GLU B 563 0.20 -25.94 26.79
CA GLU B 563 0.28 -26.02 28.25
C GLU B 563 -1.09 -26.40 28.86
N VAL B 564 -2.19 -25.83 28.33
CA VAL B 564 -3.56 -26.15 28.78
C VAL B 564 -3.86 -27.62 28.43
N ARG B 565 -3.44 -28.06 27.23
CA ARG B 565 -3.62 -29.44 26.78
C ARG B 565 -3.02 -30.45 27.79
N ASN B 566 -1.77 -30.23 28.25
CA ASN B 566 -1.09 -31.10 29.22
C ASN B 566 -1.84 -31.09 30.53
N TYR B 567 -2.31 -29.91 30.93
CA TYR B 567 -3.08 -29.75 32.16
C TYR B 567 -4.39 -30.54 32.08
N PHE B 568 -5.09 -30.47 30.93
CA PHE B 568 -6.31 -31.24 30.69
C PHE B 568 -5.98 -32.74 30.74
N ASN B 569 -4.91 -33.15 30.06
CA ASN B 569 -4.47 -34.55 30.06
C ASN B 569 -4.19 -35.04 31.51
N ASP B 570 -3.38 -34.30 32.30
CA ASP B 570 -3.08 -34.67 33.68
C ASP B 570 -4.29 -34.68 34.60
N THR B 571 -5.20 -33.70 34.43
CA THR B 571 -6.40 -33.58 35.25
C THR B 571 -7.46 -34.64 34.94
N ARG B 572 -7.79 -34.83 33.65
CA ARG B 572 -8.82 -35.80 33.24
C ARG B 572 -8.44 -37.24 33.61
N ASN B 573 -7.14 -37.55 33.58
CA ASN B 573 -6.61 -38.88 33.90
C ASN B 573 -6.15 -39.03 35.34
N GLN B 574 -6.17 -37.91 36.11
CA GLN B 574 -5.74 -37.84 37.51
C GLN B 574 -4.34 -38.50 37.64
N LYS B 575 -3.39 -38.06 36.76
CA LYS B 575 -2.04 -38.57 36.65
C LYS B 575 -1.04 -37.44 36.47
N LYS B 576 -0.23 -37.15 37.52
CA LYS B 576 0.79 -36.11 37.51
C LYS B 576 1.88 -36.38 36.45
N SER B 577 2.37 -35.31 35.81
CA SER B 577 3.42 -35.40 34.78
C SER B 577 4.61 -34.51 35.18
N ASP B 578 5.67 -34.51 34.35
CA ASP B 578 6.90 -33.72 34.55
C ASP B 578 6.67 -32.22 34.21
N ASN B 579 5.41 -31.87 33.86
CA ASN B 579 5.00 -30.53 33.51
C ASN B 579 4.76 -29.64 34.72
N THR B 580 5.15 -28.37 34.60
CA THR B 580 4.94 -27.31 35.61
C THR B 580 3.93 -26.30 35.02
N TYR B 581 2.91 -25.92 35.80
CA TYR B 581 1.85 -24.99 35.36
C TYR B 581 1.83 -23.72 36.18
N ASN B 582 1.87 -22.58 35.48
CA ASN B 582 1.81 -21.27 36.11
C ASN B 582 0.68 -20.48 35.50
N PHE B 583 -0.56 -20.85 35.86
CA PHE B 583 -1.73 -20.15 35.34
C PHE B 583 -2.01 -18.91 36.18
N ASN B 584 -2.52 -17.83 35.56
CA ASN B 584 -2.87 -16.62 36.31
C ASN B 584 -4.12 -16.88 37.18
N GLU B 585 -4.47 -15.93 38.06
CA GLU B 585 -5.60 -16.08 38.95
C GLU B 585 -6.96 -16.29 38.27
N SER B 586 -7.20 -15.63 37.12
CA SER B 586 -8.48 -15.80 36.41
C SER B 586 -8.57 -17.19 35.75
N THR B 587 -7.50 -17.60 35.06
CA THR B 587 -7.45 -18.90 34.36
C THR B 587 -7.66 -20.04 35.32
N LYS B 588 -7.06 -19.97 36.55
CA LYS B 588 -7.23 -21.00 37.56
C LYS B 588 -8.72 -21.15 37.96
N ILE B 589 -9.44 -20.02 38.14
CA ILE B 589 -10.85 -20.05 38.51
C ILE B 589 -11.69 -20.70 37.40
N LEU B 590 -11.52 -20.22 36.15
CA LEU B 590 -12.24 -20.76 35.01
C LEU B 590 -11.90 -22.22 34.65
N LEU B 591 -10.61 -22.63 34.82
CA LEU B 591 -10.20 -24.03 34.58
C LEU B 591 -10.85 -24.97 35.59
N ASN B 592 -10.96 -24.52 36.86
CA ASN B 592 -11.61 -25.28 37.93
C ASN B 592 -13.08 -25.51 37.59
N TYR B 593 -13.76 -24.46 37.05
CA TYR B 593 -15.15 -24.60 36.64
C TYR B 593 -15.23 -25.55 35.45
N TYR B 594 -14.38 -25.31 34.42
CA TYR B 594 -14.37 -26.15 33.20
C TYR B 594 -14.20 -27.64 33.50
N LEU B 595 -13.32 -27.97 34.47
CA LEU B 595 -12.98 -29.35 34.83
C LEU B 595 -13.84 -30.04 35.88
N SER B 596 -14.80 -29.31 36.49
CA SER B 596 -15.70 -29.82 37.52
C SER B 596 -17.06 -30.10 36.95
N GLU C 22 -25.85 16.23 26.79
CA GLU C 22 -24.73 15.59 26.05
C GLU C 22 -23.83 14.72 26.97
N ILE C 23 -23.75 13.39 26.71
CA ILE C 23 -22.97 12.45 27.52
C ILE C 23 -21.52 12.87 27.83
N THR C 24 -20.80 13.46 26.85
CA THR C 24 -19.38 13.84 26.99
C THR C 24 -19.12 14.96 28.03
N ASN C 25 -20.17 15.64 28.48
CA ASN C 25 -20.11 16.72 29.46
C ASN C 25 -20.43 16.24 30.89
N LEU C 26 -20.83 14.96 31.07
CA LEU C 26 -21.15 14.43 32.40
C LEU C 26 -19.90 14.31 33.27
N LYS C 27 -20.06 14.55 34.58
CA LYS C 27 -18.95 14.53 35.54
C LYS C 27 -18.20 13.18 35.50
N SER C 28 -18.94 12.05 35.61
CA SER C 28 -18.37 10.71 35.60
C SER C 28 -17.71 10.34 34.26
N TYR C 29 -18.17 10.94 33.14
CA TYR C 29 -17.57 10.71 31.82
C TYR C 29 -16.21 11.34 31.83
N LYS C 30 -16.14 12.63 32.24
CA LYS C 30 -14.86 13.37 32.29
C LYS C 30 -13.85 12.70 33.22
N GLU C 31 -14.35 12.13 34.32
CA GLU C 31 -13.50 11.38 35.26
C GLU C 31 -12.94 10.11 34.60
N LEU C 32 -13.78 9.40 33.79
CA LEU C 32 -13.37 8.21 33.04
C LEU C 32 -12.28 8.55 32.01
N VAL C 33 -12.34 9.75 31.39
CA VAL C 33 -11.30 10.21 30.45
C VAL C 33 -9.92 10.17 31.17
N THR C 34 -9.86 10.70 32.40
CA THR C 34 -8.59 10.73 33.14
C THR C 34 -8.18 9.38 33.70
N LEU C 35 -9.15 8.59 34.21
CA LEU C 35 -8.87 7.25 34.72
C LEU C 35 -8.35 6.30 33.63
N SER C 36 -8.96 6.35 32.43
CA SER C 36 -8.54 5.52 31.28
C SER C 36 -7.12 5.88 30.84
N ALA C 37 -6.72 7.18 30.92
CA ALA C 37 -5.37 7.62 30.57
C ALA C 37 -4.34 6.95 31.51
N GLU C 38 -4.73 6.72 32.76
CA GLU C 38 -3.90 6.05 33.76
C GLU C 38 -3.89 4.54 33.47
N GLU C 39 -5.06 3.98 33.12
CA GLU C 39 -5.22 2.57 32.81
C GLU C 39 -4.34 2.14 31.63
N LYS C 40 -4.11 3.05 30.68
CA LYS C 40 -3.26 2.81 29.51
C LYS C 40 -1.80 2.51 29.87
N THR C 41 -1.35 2.93 31.07
CA THR C 41 0.03 2.71 31.55
C THR C 41 0.13 1.46 32.43
N LYS C 42 -0.98 0.71 32.57
CA LYS C 42 -1.02 -0.49 33.40
C LYS C 42 -1.15 -1.75 32.55
N ASP C 43 -0.49 -2.82 33.02
CA ASP C 43 -0.46 -4.09 32.29
C ASP C 43 -1.44 -5.09 32.83
N LEU C 44 -2.18 -5.75 31.89
CA LEU C 44 -3.12 -6.82 32.24
C LEU C 44 -2.40 -7.96 32.96
N LYS C 45 -1.14 -8.29 32.55
CA LYS C 45 -0.37 -9.35 33.20
C LYS C 45 -0.21 -9.12 34.71
N ASP C 46 -0.07 -7.85 35.13
CA ASP C 46 0.03 -7.51 36.56
C ASP C 46 -1.30 -7.65 37.24
N TYR C 47 -2.39 -7.13 36.61
CA TYR C 47 -3.76 -7.24 37.14
C TYR C 47 -4.15 -8.71 37.34
N LEU C 48 -3.76 -9.60 36.38
CA LEU C 48 -4.08 -11.04 36.44
C LEU C 48 -3.41 -11.84 37.54
N ASN C 49 -2.49 -11.22 38.29
CA ASN C 49 -1.84 -11.84 39.45
C ASN C 49 -2.60 -11.49 40.74
N ASP C 50 -3.60 -10.60 40.65
CA ASP C 50 -4.41 -10.17 41.78
C ASP C 50 -5.66 -11.05 41.86
N LYS C 51 -5.65 -12.02 42.80
CA LYS C 51 -6.77 -12.93 43.00
C LYS C 51 -8.06 -12.21 43.40
N ASN C 52 -7.94 -11.15 44.22
CA ASN C 52 -9.09 -10.36 44.67
C ASN C 52 -9.79 -9.71 43.49
N ARG C 53 -9.02 -9.09 42.57
CA ARG C 53 -9.58 -8.45 41.37
C ARG C 53 -10.27 -9.51 40.49
N SER C 54 -9.62 -10.68 40.30
CA SER C 54 -10.18 -11.78 39.49
C SER C 54 -11.50 -12.25 40.06
N GLU C 55 -11.57 -12.41 41.40
CA GLU C 55 -12.80 -12.82 42.08
C GLU C 55 -13.91 -11.78 41.92
N SER C 56 -13.56 -10.48 41.87
CA SER C 56 -14.51 -9.38 41.69
C SER C 56 -15.00 -9.30 40.25
N LEU C 57 -14.13 -9.60 39.26
CA LEU C 57 -14.46 -9.44 37.85
C LEU C 57 -15.00 -10.69 37.15
N ILE C 58 -15.16 -11.77 37.91
CA ILE C 58 -15.73 -13.02 37.42
C ILE C 58 -17.10 -13.13 38.08
N LYS C 59 -18.16 -13.09 37.27
CA LYS C 59 -19.53 -13.16 37.77
C LYS C 59 -20.18 -14.47 37.37
N LYS C 60 -21.14 -14.94 38.18
CA LYS C 60 -21.90 -16.16 37.87
C LYS C 60 -23.40 -15.89 37.82
N PHE C 61 -24.09 -16.51 36.87
CA PHE C 61 -25.53 -16.44 36.79
C PHE C 61 -26.01 -17.72 36.19
N LYS C 62 -26.74 -18.50 37.00
CA LYS C 62 -27.29 -19.80 36.64
C LYS C 62 -26.14 -20.75 36.25
N ASN C 63 -26.15 -21.23 35.00
CA ASN C 63 -25.17 -22.18 34.50
C ASN C 63 -24.02 -21.56 33.68
N PHE C 64 -23.59 -20.34 34.06
CA PHE C 64 -22.50 -19.67 33.37
C PHE C 64 -21.69 -18.69 34.17
N TYR C 65 -20.44 -18.48 33.75
CA TYR C 65 -19.50 -17.53 34.32
C TYR C 65 -19.17 -16.50 33.25
N MET C 66 -19.09 -15.23 33.65
CA MET C 66 -18.64 -14.17 32.79
C MET C 66 -17.35 -13.67 33.42
N ASP C 67 -16.28 -13.66 32.66
CA ASP C 67 -14.98 -13.22 33.12
C ASP C 67 -14.56 -11.92 32.42
N LEU C 68 -14.62 -10.81 33.17
CA LEU C 68 -14.23 -9.48 32.67
C LEU C 68 -12.82 -9.10 33.13
N SER C 69 -12.07 -10.04 33.70
CA SER C 69 -10.73 -9.71 34.23
C SER C 69 -9.68 -9.30 33.22
N ARG C 70 -9.83 -9.71 31.95
CA ARG C 70 -8.87 -9.29 30.93
C ARG C 70 -9.34 -8.01 30.23
N GLN C 71 -9.95 -7.10 31.01
CA GLN C 71 -10.34 -5.77 30.55
C GLN C 71 -9.43 -4.76 31.26
N ARG C 72 -9.11 -3.67 30.56
CA ARG C 72 -8.17 -2.65 31.03
C ARG C 72 -8.70 -1.68 32.09
N TYR C 73 -9.15 -2.25 33.22
CA TYR C 73 -9.62 -1.46 34.34
C TYR C 73 -9.35 -2.12 35.66
N SER C 74 -9.11 -1.28 36.68
CA SER C 74 -8.99 -1.71 38.06
C SER C 74 -10.44 -1.80 38.57
N GLU C 75 -10.65 -2.32 39.79
CA GLU C 75 -11.98 -2.34 40.39
C GLU C 75 -12.49 -0.89 40.58
N LYS C 76 -11.58 0.05 40.84
CA LYS C 76 -11.90 1.47 41.01
C LYS C 76 -12.47 2.08 39.71
N THR C 77 -11.86 1.74 38.56
CA THR C 77 -12.33 2.24 37.25
C THR C 77 -13.66 1.64 36.88
N LEU C 78 -13.89 0.36 37.22
CA LEU C 78 -15.18 -0.28 36.95
C LEU C 78 -16.25 0.36 37.82
N ASN C 79 -15.92 0.74 39.07
CA ASN C 79 -16.87 1.44 39.96
C ASN C 79 -17.26 2.77 39.39
N LYS C 80 -16.30 3.47 38.72
CA LYS C 80 -16.58 4.74 38.08
C LYS C 80 -17.53 4.53 36.88
N LEU C 81 -17.35 3.39 36.15
CA LEU C 81 -18.24 3.06 35.04
C LEU C 81 -19.66 2.88 35.56
N VAL C 82 -19.81 2.27 36.76
CA VAL C 82 -21.11 2.08 37.42
C VAL C 82 -21.71 3.44 37.81
N GLU C 83 -20.85 4.39 38.25
CA GLU C 83 -21.29 5.75 38.58
C GLU C 83 -21.79 6.45 37.31
N TYR C 84 -21.16 6.17 36.16
CA TYR C 84 -21.61 6.69 34.87
C TYR C 84 -23.02 6.14 34.52
N ALA C 85 -23.24 4.82 34.67
CA ALA C 85 -24.55 4.18 34.44
C ALA C 85 -25.61 4.85 35.32
N GLU C 86 -25.28 5.15 36.59
CA GLU C 86 -26.17 5.87 37.53
C GLU C 86 -26.47 7.30 37.05
N GLU C 87 -25.43 8.03 36.61
CA GLU C 87 -25.56 9.39 36.12
C GLU C 87 -26.44 9.53 34.86
N VAL C 88 -26.41 8.53 33.95
CA VAL C 88 -27.28 8.54 32.77
C VAL C 88 -28.67 7.95 33.09
N GLU C 89 -28.89 7.51 34.36
CA GLU C 89 -30.16 6.92 34.84
C GLU C 89 -30.53 5.67 34.05
N LEU C 90 -29.52 4.81 33.85
CA LEU C 90 -29.68 3.57 33.10
C LEU C 90 -30.77 2.71 33.66
N LYS C 91 -30.79 2.48 34.97
CA LYS C 91 -31.80 1.61 35.60
C LYS C 91 -33.24 2.16 35.39
N LYS C 92 -33.42 3.48 35.48
CA LYS C 92 -34.71 4.16 35.29
C LYS C 92 -35.20 3.92 33.85
N LYS C 93 -34.29 4.07 32.87
CA LYS C 93 -34.54 3.90 31.44
C LYS C 93 -34.86 2.43 31.08
N VAL C 94 -34.12 1.47 31.67
CA VAL C 94 -34.38 0.04 31.43
C VAL C 94 -35.76 -0.32 31.98
N GLU C 95 -36.08 0.18 33.19
CA GLU C 95 -37.39 -0.03 33.82
C GLU C 95 -38.54 0.54 32.97
N LYS C 96 -38.38 1.76 32.39
CA LYS C 96 -39.40 2.37 31.51
C LYS C 96 -39.63 1.48 30.28
N THR C 97 -38.57 0.90 29.73
CA THR C 97 -38.64 0.00 28.57
C THR C 97 -39.48 -1.23 28.91
N PHE C 98 -39.12 -1.93 30.02
CA PHE C 98 -39.87 -3.12 30.49
C PHE C 98 -41.33 -2.80 30.80
N MET C 99 -41.63 -1.58 31.33
CA MET C 99 -42.98 -1.14 31.70
CA MET C 99 -42.96 -1.05 31.72
C MET C 99 -43.87 -0.83 30.50
N GLY C 100 -43.30 -0.67 29.32
CA GLY C 100 -44.09 -0.41 28.12
C GLY C 100 -44.18 1.06 27.75
N GLU C 101 -43.33 1.92 28.37
CA GLU C 101 -43.32 3.34 28.03
C GLU C 101 -42.76 3.51 26.62
N LYS C 102 -43.17 4.61 25.94
CA LYS C 102 -42.77 4.89 24.56
C LYS C 102 -41.30 5.37 24.44
N VAL C 103 -40.36 4.48 24.78
CA VAL C 103 -38.92 4.76 24.78
C VAL C 103 -38.31 4.91 23.37
N ASN C 104 -38.98 4.37 22.33
CA ASN C 104 -38.54 4.54 20.95
C ASN C 104 -39.13 5.93 20.62
N MET C 105 -38.35 6.97 20.92
CA MET C 105 -38.76 8.37 20.84
C MET C 105 -38.88 9.00 19.48
N THR C 106 -38.35 8.37 18.42
CA THR C 106 -38.49 8.95 17.08
C THR C 106 -39.71 8.39 16.37
N GLU C 107 -40.15 7.18 16.75
CA GLU C 107 -41.33 6.56 16.13
C GLU C 107 -42.50 6.58 17.13
N ASN C 108 -42.26 7.09 18.37
CA ASN C 108 -43.23 7.16 19.46
C ASN C 108 -43.86 5.78 19.72
N ARG C 109 -42.99 4.79 20.03
CA ARG C 109 -43.42 3.43 20.24
C ARG C 109 -42.88 2.80 21.48
N SER C 110 -43.61 1.79 21.96
CA SER C 110 -43.15 0.98 23.09
C SER C 110 -42.11 -0.02 22.55
N VAL C 111 -41.32 -0.60 23.44
CA VAL C 111 -40.27 -1.58 23.13
C VAL C 111 -40.52 -2.75 24.09
N LEU C 112 -41.24 -3.75 23.61
CA LEU C 112 -41.71 -4.83 24.45
C LEU C 112 -41.39 -6.24 24.00
N HIS C 113 -40.20 -6.45 23.43
CA HIS C 113 -39.76 -7.80 23.11
C HIS C 113 -39.63 -8.67 24.39
N THR C 114 -39.36 -8.04 25.56
CA THR C 114 -39.27 -8.75 26.84
C THR C 114 -40.62 -9.39 27.22
N ALA C 115 -41.76 -8.79 26.81
CA ALA C 115 -43.10 -9.33 27.09
C ALA C 115 -43.34 -10.65 26.39
N LEU C 116 -42.65 -10.90 25.26
CA LEU C 116 -42.81 -12.12 24.44
C LEU C 116 -42.48 -13.40 25.18
N ARG C 117 -41.59 -13.30 26.18
CA ARG C 117 -41.15 -14.46 26.93
C ARG C 117 -41.66 -14.55 28.37
N ILE C 118 -42.57 -13.67 28.80
CA ILE C 118 -43.15 -13.73 30.14
C ILE C 118 -44.03 -15.01 30.17
N PRO C 119 -43.79 -15.97 31.11
CA PRO C 119 -44.58 -17.21 31.11
C PRO C 119 -46.04 -17.00 31.53
N ILE C 120 -46.92 -17.92 31.14
CA ILE C 120 -48.35 -17.89 31.40
C ILE C 120 -48.74 -17.66 32.87
N GLU C 121 -47.99 -18.24 33.82
CA GLU C 121 -48.27 -18.09 35.25
C GLU C 121 -48.14 -16.63 35.75
N LYS C 122 -47.50 -15.76 34.94
CA LYS C 122 -47.28 -14.35 35.26
C LYS C 122 -48.15 -13.42 34.41
N ILE C 123 -49.13 -13.97 33.65
CA ILE C 123 -50.04 -13.22 32.77
C ILE C 123 -50.75 -12.06 33.47
N ASN C 124 -51.08 -12.23 34.77
CA ASN C 124 -51.76 -11.19 35.53
C ASN C 124 -50.81 -10.40 36.41
N THR C 125 -49.91 -11.07 37.13
CA THR C 125 -48.94 -10.43 38.02
C THR C 125 -47.95 -9.54 37.26
N HIS C 126 -47.64 -9.90 36.01
CA HIS C 126 -46.69 -9.15 35.19
C HIS C 126 -47.37 -8.50 34.00
N LYS C 127 -48.70 -8.25 34.11
CA LYS C 127 -49.47 -7.60 33.04
C LYS C 127 -48.88 -6.28 32.56
N ILE C 128 -49.09 -5.99 31.29
CA ILE C 128 -48.62 -4.75 30.64
C ILE C 128 -49.81 -4.27 29.83
N ILE C 129 -50.39 -3.15 30.28
CA ILE C 129 -51.56 -2.54 29.70
C ILE C 129 -51.19 -1.50 28.64
N ILE C 130 -51.50 -1.80 27.38
CA ILE C 130 -51.30 -0.93 26.21
C ILE C 130 -52.67 -0.82 25.58
N ASP C 131 -53.17 0.42 25.41
CA ASP C 131 -54.50 0.74 24.88
C ASP C 131 -55.62 -0.03 25.59
N ASN C 132 -55.64 0.02 26.94
CA ASN C 132 -56.63 -0.65 27.81
C ASN C 132 -56.77 -2.18 27.58
N LYS C 133 -55.64 -2.85 27.24
CA LYS C 133 -55.59 -4.29 27.00
C LYS C 133 -54.26 -4.87 27.49
N ASN C 134 -54.31 -6.01 28.22
CA ASN C 134 -53.09 -6.68 28.68
C ASN C 134 -52.45 -7.38 27.47
N VAL C 135 -51.32 -6.82 26.99
CA VAL C 135 -50.58 -7.34 25.84
C VAL C 135 -50.17 -8.82 25.99
N LEU C 136 -50.00 -9.31 27.24
CA LEU C 136 -49.64 -10.72 27.52
C LEU C 136 -50.73 -11.70 27.07
N GLU C 137 -51.98 -11.22 26.96
CA GLU C 137 -53.08 -12.04 26.44
C GLU C 137 -52.90 -12.27 24.94
N ASP C 138 -52.41 -11.25 24.21
CA ASP C 138 -52.13 -11.34 22.77
C ASP C 138 -50.92 -12.26 22.57
N VAL C 139 -49.86 -12.08 23.42
CA VAL C 139 -48.62 -12.88 23.39
C VAL C 139 -48.99 -14.36 23.54
N HIS C 140 -49.74 -14.69 24.62
CA HIS C 140 -50.15 -16.07 24.85
C HIS C 140 -51.17 -16.65 23.91
N GLY C 141 -52.02 -15.80 23.31
CA GLY C 141 -52.98 -16.24 22.31
C GLY C 141 -52.21 -16.78 21.11
N VAL C 142 -51.16 -16.05 20.70
CA VAL C 142 -50.30 -16.46 19.57
C VAL C 142 -49.48 -17.71 19.93
N LEU C 143 -48.84 -17.73 21.13
CA LEU C 143 -48.06 -18.89 21.58
C LEU C 143 -48.91 -20.17 21.62
N LYS C 144 -50.20 -20.08 22.09
CA LYS C 144 -51.10 -21.24 22.12
C LYS C 144 -51.40 -21.72 20.73
N LYS C 145 -51.56 -20.79 19.76
CA LYS C 145 -51.80 -21.10 18.36
C LYS C 145 -50.58 -21.81 17.75
N ILE C 146 -49.35 -21.37 18.12
CA ILE C 146 -48.10 -21.97 17.62
C ILE C 146 -47.94 -23.36 18.20
N GLU C 147 -48.18 -23.52 19.53
CA GLU C 147 -48.08 -24.81 20.20
C GLU C 147 -48.99 -25.82 19.48
N LYS C 148 -50.27 -25.43 19.23
CA LYS C 148 -51.25 -26.30 18.55
C LYS C 148 -50.81 -26.62 17.13
N TYR C 149 -50.47 -25.61 16.33
CA TYR C 149 -50.07 -25.80 14.94
C TYR C 149 -48.81 -26.66 14.79
N SER C 150 -47.78 -26.37 15.60
CA SER C 150 -46.51 -27.12 15.54
C SER C 150 -46.70 -28.54 16.04
N ASP C 151 -47.51 -28.73 17.10
CA ASP C 151 -47.83 -30.08 17.59
C ASP C 151 -48.52 -30.87 16.49
N ASP C 152 -49.50 -30.25 15.81
CA ASP C 152 -50.26 -30.87 14.71
C ASP C 152 -49.41 -31.24 13.50
N ILE C 153 -48.42 -30.38 13.16
CA ILE C 153 -47.51 -30.66 12.04
C ILE C 153 -46.63 -31.86 12.41
N ARG C 154 -46.08 -31.83 13.64
CA ARG C 154 -45.15 -32.84 14.16
C ARG C 154 -45.79 -34.18 14.47
N ASN C 155 -47.11 -34.21 14.77
CA ASN C 155 -47.74 -35.51 15.01
C ASN C 155 -48.55 -36.00 13.82
N GLY C 156 -48.45 -35.27 12.72
CA GLY C 156 -49.11 -35.62 11.48
C GLY C 156 -50.60 -35.37 11.45
N VAL C 157 -51.14 -34.54 12.35
CA VAL C 157 -52.56 -34.14 12.35
C VAL C 157 -52.77 -33.23 11.12
N ILE C 158 -51.85 -32.27 10.92
CA ILE C 158 -51.84 -31.37 9.76
C ILE C 158 -50.91 -31.98 8.73
N LYS C 159 -51.43 -32.25 7.54
CA LYS C 159 -50.67 -32.95 6.51
C LYS C 159 -50.54 -32.14 5.22
N THR C 160 -49.66 -32.63 4.31
CA THR C 160 -49.41 -32.05 3.00
C THR C 160 -50.65 -32.32 2.11
N CYS C 161 -50.63 -31.85 0.86
CA CYS C 161 -51.73 -32.09 -0.07
C CYS C 161 -51.72 -33.55 -0.55
N LYS C 162 -50.59 -34.29 -0.31
CA LYS C 162 -50.51 -35.71 -0.63
C LYS C 162 -50.79 -36.59 0.60
N ASN C 163 -51.39 -35.99 1.66
CA ASN C 163 -51.75 -36.70 2.90
C ASN C 163 -50.52 -37.30 3.62
N THR C 164 -49.40 -36.61 3.59
CA THR C 164 -48.19 -37.11 4.23
C THR C 164 -47.68 -36.03 5.20
N LYS C 165 -46.70 -36.35 6.03
CA LYS C 165 -46.13 -35.38 6.95
C LYS C 165 -45.21 -34.44 6.19
N PHE C 166 -45.16 -33.18 6.61
CA PHE C 166 -44.21 -32.22 6.01
C PHE C 166 -42.79 -32.65 6.38
N LYS C 167 -41.83 -32.42 5.49
CA LYS C 167 -40.40 -32.76 5.70
C LYS C 167 -39.53 -31.51 5.63
N ASN C 168 -39.94 -30.51 4.84
CA ASN C 168 -39.18 -29.28 4.62
C ASN C 168 -39.92 -28.04 5.02
N VAL C 169 -39.16 -27.03 5.45
CA VAL C 169 -39.67 -25.72 5.82
C VAL C 169 -38.81 -24.65 5.15
N ILE C 170 -39.43 -23.82 4.28
CA ILE C 170 -38.70 -22.70 3.68
C ILE C 170 -39.20 -21.43 4.38
N CYS C 171 -38.33 -20.76 5.16
CA CYS C 171 -38.63 -19.48 5.80
C CYS C 171 -38.19 -18.38 4.86
N ILE C 172 -39.13 -17.53 4.49
CA ILE C 172 -38.86 -16.41 3.58
C ILE C 172 -38.98 -15.15 4.38
N GLY C 173 -37.89 -14.41 4.45
CA GLY C 173 -37.82 -13.15 5.19
C GLY C 173 -36.45 -12.51 5.10
N ILE C 174 -36.40 -11.20 5.32
CA ILE C 174 -35.13 -10.46 5.31
C ILE C 174 -34.77 -9.96 6.72
N GLY C 175 -33.49 -9.65 6.92
CA GLY C 175 -32.95 -9.10 8.17
C GLY C 175 -33.42 -9.81 9.42
N GLY C 176 -34.09 -9.05 10.29
CA GLY C 176 -34.61 -9.55 11.56
C GLY C 176 -35.59 -10.69 11.45
N SER C 177 -36.24 -10.82 10.26
CA SER C 177 -37.21 -11.89 10.02
C SER C 177 -36.60 -13.29 9.89
N TYR C 178 -35.26 -13.40 9.84
CA TYR C 178 -34.59 -14.72 9.83
C TYR C 178 -33.27 -14.82 10.63
N LEU C 179 -32.51 -13.71 10.81
CA LEU C 179 -31.19 -13.78 11.46
C LEU C 179 -31.20 -14.45 12.82
N GLY C 180 -32.12 -14.04 13.69
CA GLY C 180 -32.25 -14.63 15.02
C GLY C 180 -32.66 -16.09 14.91
N THR C 181 -33.64 -16.37 14.04
CA THR C 181 -34.13 -17.73 13.83
C THR C 181 -33.00 -18.66 13.36
N GLU C 182 -32.22 -18.25 12.32
CA GLU C 182 -31.13 -19.07 11.80
C GLU C 182 -30.05 -19.30 12.87
N PHE C 183 -29.76 -18.27 13.69
CA PHE C 183 -28.80 -18.43 14.78
C PHE C 183 -29.30 -19.60 15.68
N VAL C 184 -30.56 -19.52 16.17
CA VAL C 184 -31.12 -20.52 17.09
C VAL C 184 -31.24 -21.88 16.42
N TYR C 185 -31.66 -21.91 15.16
CA TYR C 185 -31.81 -23.16 14.41
C TYR C 185 -30.46 -23.94 14.33
N GLU C 186 -29.43 -23.29 13.82
CA GLU C 186 -28.11 -23.90 13.72
C GLU C 186 -27.50 -24.24 15.08
N ALA C 187 -27.76 -23.40 16.11
CA ALA C 187 -27.22 -23.63 17.45
C ALA C 187 -27.82 -24.90 18.09
N MET C 188 -29.13 -25.08 17.93
CA MET C 188 -29.90 -26.12 18.61
C MET C 188 -30.15 -27.42 17.88
N LYS C 189 -30.10 -27.43 16.55
CA LYS C 189 -30.47 -28.63 15.81
C LYS C 189 -29.77 -29.93 16.24
N TYR C 190 -28.44 -29.86 16.46
CA TYR C 190 -27.69 -31.06 16.89
C TYR C 190 -27.97 -31.43 18.30
N TYR C 191 -28.31 -30.44 19.17
CA TYR C 191 -28.69 -30.78 20.55
C TYR C 191 -30.01 -31.58 20.48
N TYR C 192 -30.95 -31.10 19.67
CA TYR C 192 -32.21 -31.76 19.45
C TYR C 192 -32.01 -33.16 18.83
N TYR C 193 -31.24 -33.28 17.72
CA TYR C 193 -31.02 -34.61 17.10
C TYR C 193 -30.31 -35.62 18.00
N ASN C 194 -29.24 -35.18 18.66
CA ASN C 194 -28.36 -36.02 19.44
C ASN C 194 -28.87 -36.36 20.83
N MET C 195 -29.24 -35.33 21.62
CA MET C 195 -29.70 -35.49 22.99
C MET C 195 -31.15 -35.92 23.08
N GLU C 196 -32.00 -35.42 22.17
CA GLU C 196 -33.42 -35.77 22.21
C GLU C 196 -33.74 -36.97 21.33
N LEU C 197 -33.62 -36.85 20.00
CA LEU C 197 -33.97 -37.94 19.11
C LEU C 197 -33.13 -39.20 19.26
N ASN C 198 -31.81 -39.05 19.45
CA ASN C 198 -30.87 -40.17 19.58
C ASN C 198 -30.55 -40.51 21.03
N LYS C 199 -31.07 -39.73 21.98
CA LYS C 199 -30.92 -39.95 23.42
C LYS C 199 -29.45 -40.13 23.89
N ASN C 200 -28.50 -39.40 23.27
CA ASN C 200 -27.09 -39.48 23.67
C ASN C 200 -26.93 -38.98 25.08
N GLU C 201 -26.01 -39.59 25.84
CA GLU C 201 -25.76 -39.22 27.24
C GLU C 201 -24.34 -38.71 27.41
N LYS C 202 -24.13 -37.71 28.31
CA LYS C 202 -22.82 -37.04 28.56
C LYS C 202 -21.64 -37.99 28.77
N ASP C 203 -21.87 -39.11 29.48
CA ASP C 203 -20.86 -40.15 29.77
C ASP C 203 -20.40 -40.91 28.50
N GLN C 204 -21.23 -40.90 27.42
CA GLN C 204 -20.93 -41.55 26.15
C GLN C 204 -20.18 -40.58 25.21
N VAL C 205 -19.40 -41.15 24.29
CA VAL C 205 -18.66 -40.43 23.25
C VAL C 205 -18.84 -41.22 21.96
N ASN C 206 -18.40 -40.65 20.84
CA ASN C 206 -18.35 -41.27 19.52
C ASN C 206 -19.68 -41.83 19.05
N ASN C 207 -20.75 -40.99 19.10
CA ASN C 207 -22.09 -41.39 18.73
C ASN C 207 -22.28 -41.43 17.20
N PHE C 208 -21.37 -42.09 16.49
CA PHE C 208 -21.40 -42.21 15.03
C PHE C 208 -22.57 -43.01 14.47
N ASN C 209 -23.25 -43.80 15.30
CA ASN C 209 -24.44 -44.55 14.86
C ASN C 209 -25.73 -43.75 14.99
N ASN C 210 -25.65 -42.44 15.34
CA ASN C 210 -26.83 -41.58 15.45
C ASN C 210 -27.58 -41.56 14.13
N ASN C 211 -28.91 -41.65 14.19
CA ASN C 211 -29.74 -41.62 12.98
CA ASN C 211 -29.78 -41.64 13.02
C ASN C 211 -30.34 -40.23 12.80
N TYR C 212 -30.22 -39.70 11.58
CA TYR C 212 -30.69 -38.37 11.21
C TYR C 212 -31.81 -38.43 10.13
N ASP C 213 -32.23 -39.65 9.76
CA ASP C 213 -33.29 -39.90 8.79
C ASP C 213 -34.46 -40.53 9.56
N GLN C 214 -35.13 -39.72 10.34
CA GLN C 214 -36.24 -40.18 11.16
C GLN C 214 -37.31 -39.10 11.29
N ASP C 215 -38.44 -39.43 11.97
CA ASP C 215 -39.55 -38.52 12.16
C ASP C 215 -39.07 -37.21 12.76
N ASN C 216 -39.70 -36.11 12.31
CA ASN C 216 -39.45 -34.78 12.86
C ASN C 216 -38.02 -34.26 12.79
N VAL C 217 -37.33 -34.61 11.70
CA VAL C 217 -36.04 -34.08 11.33
C VAL C 217 -36.41 -33.24 10.11
N PHE C 218 -36.68 -31.94 10.33
CA PHE C 218 -37.10 -31.04 9.26
C PHE C 218 -35.95 -30.42 8.53
N ASN C 219 -36.06 -30.38 7.19
CA ASN C 219 -35.05 -29.75 6.36
C ASN C 219 -35.46 -28.26 6.25
N VAL C 220 -34.91 -27.44 7.16
CA VAL C 220 -35.20 -26.00 7.26
C VAL C 220 -34.24 -25.19 6.41
N ARG C 221 -34.81 -24.30 5.57
CA ARG C 221 -34.07 -23.44 4.68
C ARG C 221 -34.51 -21.99 4.87
N PHE C 222 -33.55 -21.05 4.70
CA PHE C 222 -33.80 -19.61 4.85
C PHE C 222 -33.59 -18.90 3.52
N LEU C 223 -34.68 -18.40 2.94
CA LEU C 223 -34.61 -17.67 1.69
C LEU C 223 -34.65 -16.20 2.07
N ALA C 224 -33.47 -15.59 2.10
CA ALA C 224 -33.30 -14.21 2.55
C ALA C 224 -32.90 -13.22 1.46
N ASN C 225 -32.02 -13.61 0.56
CA ASN C 225 -31.57 -12.69 -0.49
C ASN C 225 -32.58 -12.60 -1.64
N VAL C 226 -32.80 -11.40 -2.20
CA VAL C 226 -33.65 -11.20 -3.36
C VAL C 226 -32.93 -11.76 -4.61
N ASP C 227 -31.59 -12.00 -4.51
CA ASP C 227 -30.83 -12.62 -5.59
C ASP C 227 -31.54 -13.96 -5.94
N PRO C 228 -31.94 -14.20 -7.21
CA PRO C 228 -32.58 -15.48 -7.55
C PRO C 228 -31.67 -16.72 -7.33
N ASN C 229 -30.35 -16.52 -7.15
CA ASN C 229 -29.42 -17.60 -6.79
C ASN C 229 -29.84 -18.20 -5.44
N ASP C 230 -30.40 -17.36 -4.54
CA ASP C 230 -30.84 -17.82 -3.23
C ASP C 230 -32.12 -18.66 -3.36
N VAL C 231 -32.97 -18.37 -4.36
CA VAL C 231 -34.16 -19.21 -4.65
C VAL C 231 -33.63 -20.60 -5.11
N ASN C 232 -32.59 -20.60 -5.99
CA ASN C 232 -31.92 -21.82 -6.45
C ASN C 232 -31.46 -22.67 -5.24
N ARG C 233 -30.82 -22.04 -4.23
CA ARG C 233 -30.36 -22.71 -3.01
C ARG C 233 -31.53 -23.20 -2.15
N ALA C 234 -32.57 -22.35 -1.95
CA ALA C 234 -33.71 -22.71 -1.13
C ALA C 234 -34.43 -24.00 -1.59
N ILE C 235 -34.65 -24.18 -2.89
CA ILE C 235 -35.40 -25.30 -3.48
C ILE C 235 -34.54 -26.55 -3.78
N GLN C 236 -33.23 -26.45 -3.57
CA GLN C 236 -32.24 -27.52 -3.82
C GLN C 236 -32.65 -28.89 -3.26
N ASN C 237 -32.91 -29.87 -4.14
CA ASN C 237 -33.29 -31.26 -3.77
C ASN C 237 -34.62 -31.34 -2.94
N LEU C 238 -35.51 -30.34 -3.10
CA LEU C 238 -36.78 -30.31 -2.37
C LEU C 238 -37.97 -30.67 -3.26
N ASP C 239 -38.86 -31.50 -2.73
CA ASP C 239 -40.10 -31.81 -3.46
C ASP C 239 -41.15 -30.85 -2.91
N GLN C 240 -41.86 -30.12 -3.82
CA GLN C 240 -42.94 -29.20 -3.45
C GLN C 240 -43.97 -29.87 -2.53
N TYR C 241 -44.28 -31.16 -2.80
CA TYR C 241 -45.24 -31.96 -2.01
C TYR C 241 -44.89 -32.18 -0.54
N ASP C 242 -43.60 -32.05 -0.15
CA ASP C 242 -43.14 -32.25 1.24
C ASP C 242 -42.86 -30.92 1.95
N THR C 243 -43.01 -29.81 1.25
CA THR C 243 -42.58 -28.48 1.68
C THR C 243 -43.61 -27.52 2.22
N LEU C 244 -43.35 -27.00 3.43
CA LEU C 244 -44.14 -25.95 4.07
C LEU C 244 -43.36 -24.64 3.85
N VAL C 245 -44.08 -23.58 3.45
CA VAL C 245 -43.46 -22.28 3.18
C VAL C 245 -43.98 -21.28 4.19
N ILE C 246 -43.06 -20.61 4.93
CA ILE C 246 -43.42 -19.60 5.92
C ILE C 246 -42.93 -18.25 5.41
N ILE C 247 -43.86 -17.31 5.18
CA ILE C 247 -43.55 -15.96 4.68
C ILE C 247 -43.63 -15.01 5.87
N ILE C 248 -42.48 -14.39 6.20
CA ILE C 248 -42.35 -13.51 7.34
C ILE C 248 -42.17 -12.06 6.90
N SER C 249 -43.21 -11.22 7.15
CA SER C 249 -43.23 -9.80 6.81
C SER C 249 -44.41 -9.16 7.52
N LYS C 250 -44.14 -8.18 8.41
CA LYS C 250 -45.18 -7.48 9.14
C LYS C 250 -46.26 -6.88 8.20
N THR C 251 -45.82 -6.14 7.17
CA THR C 251 -46.71 -5.47 6.21
C THR C 251 -47.17 -6.38 5.07
N PHE C 252 -46.43 -7.46 4.77
CA PHE C 252 -46.68 -8.36 3.64
C PHE C 252 -46.49 -7.59 2.31
N THR C 253 -45.69 -6.50 2.35
CA THR C 253 -45.36 -5.68 1.19
C THR C 253 -43.84 -5.54 1.00
N THR C 254 -43.04 -6.02 1.94
CA THR C 254 -41.55 -5.97 1.86
C THR C 254 -41.11 -6.43 0.47
N ALA C 255 -40.49 -5.54 -0.32
CA ALA C 255 -40.09 -5.80 -1.71
C ALA C 255 -39.38 -7.16 -1.97
N GLU C 256 -38.28 -7.44 -1.23
CA GLU C 256 -37.47 -8.65 -1.38
C GLU C 256 -38.21 -9.90 -0.95
N THR C 257 -38.76 -9.87 0.27
CA THR C 257 -39.51 -10.99 0.83
C THR C 257 -40.67 -11.38 -0.08
N MET C 258 -41.46 -10.39 -0.52
CA MET C 258 -42.64 -10.63 -1.36
C MET C 258 -42.32 -11.09 -2.75
N LEU C 259 -41.22 -10.59 -3.36
CA LEU C 259 -40.80 -11.12 -4.66
C LEU C 259 -40.36 -12.60 -4.48
N ASN C 260 -39.66 -12.91 -3.38
CA ASN C 260 -39.26 -14.28 -3.09
C ASN C 260 -40.47 -15.16 -2.78
N ALA C 261 -41.47 -14.62 -2.05
CA ALA C 261 -42.72 -15.33 -1.76
C ALA C 261 -43.46 -15.66 -3.06
N ARG C 262 -43.58 -14.69 -3.97
CA ARG C 262 -44.25 -14.91 -5.28
C ARG C 262 -43.50 -15.97 -6.10
N SER C 263 -42.15 -15.93 -6.06
CA SER C 263 -41.30 -16.88 -6.75
C SER C 263 -41.46 -18.30 -6.17
N ILE C 264 -41.52 -18.43 -4.82
CA ILE C 264 -41.69 -19.75 -4.18
C ILE C 264 -43.11 -20.28 -4.40
N LYS C 265 -44.11 -19.38 -4.48
CA LYS C 265 -45.49 -19.77 -4.76
C LYS C 265 -45.55 -20.31 -6.21
N LYS C 266 -44.81 -19.68 -7.15
CA LYS C 266 -44.70 -20.17 -8.54
C LYS C 266 -44.06 -21.55 -8.57
N TRP C 267 -42.99 -21.77 -7.77
CA TRP C 267 -42.32 -23.06 -7.66
C TRP C 267 -43.29 -24.13 -7.09
N LEU C 268 -44.03 -23.78 -6.01
CA LEU C 268 -45.01 -24.69 -5.42
C LEU C 268 -46.07 -25.08 -6.47
N SER C 269 -46.54 -24.09 -7.27
CA SER C 269 -47.57 -24.24 -8.30
C SER C 269 -47.18 -25.06 -9.52
N LEU C 270 -45.91 -25.44 -9.63
CA LEU C 270 -45.47 -26.32 -10.70
C LEU C 270 -46.06 -27.72 -10.46
N LYS C 271 -46.35 -28.05 -9.18
CA LYS C 271 -46.90 -29.35 -8.78
C LYS C 271 -48.23 -29.21 -8.04
N ILE C 272 -48.41 -28.17 -7.18
CA ILE C 272 -49.61 -27.96 -6.38
C ILE C 272 -50.44 -26.85 -7.08
N LYS C 273 -51.38 -27.25 -7.93
CA LYS C 273 -52.13 -26.35 -8.81
C LYS C 273 -53.41 -25.80 -8.22
N ASP C 274 -53.99 -26.47 -7.22
CA ASP C 274 -55.25 -26.10 -6.58
C ASP C 274 -55.07 -25.16 -5.37
N ASP C 275 -55.90 -24.09 -5.28
CA ASP C 275 -55.82 -23.12 -4.20
C ASP C 275 -55.96 -23.70 -2.81
N GLU C 276 -56.82 -24.70 -2.63
CA GLU C 276 -57.06 -25.30 -1.31
C GLU C 276 -55.89 -26.14 -0.90
N ASN C 277 -55.26 -26.80 -1.86
CA ASN C 277 -54.07 -27.60 -1.58
C ASN C 277 -52.87 -26.70 -1.32
N LEU C 278 -52.71 -25.63 -2.12
CA LEU C 278 -51.65 -24.62 -1.99
C LEU C 278 -51.71 -23.94 -0.60
N SER C 279 -52.95 -23.69 -0.07
CA SER C 279 -53.13 -23.08 1.25
C SER C 279 -52.65 -24.04 2.40
N LYS C 280 -52.52 -25.35 2.12
CA LYS C 280 -52.00 -26.31 3.11
C LYS C 280 -50.47 -26.15 3.26
N HIS C 281 -49.82 -25.64 2.22
CA HIS C 281 -48.35 -25.51 2.15
C HIS C 281 -47.81 -24.10 2.43
N MET C 282 -48.69 -23.16 2.77
CA MET C 282 -48.29 -21.76 2.99
C MET C 282 -48.76 -21.21 4.29
N VAL C 283 -47.82 -20.57 5.01
CA VAL C 283 -48.10 -19.88 6.25
C VAL C 283 -47.52 -18.46 6.24
N ALA C 284 -48.14 -17.54 6.99
CA ALA C 284 -47.60 -16.20 7.07
C ALA C 284 -47.39 -15.78 8.49
N VAL C 285 -46.33 -14.98 8.72
CA VAL C 285 -46.09 -14.35 10.02
C VAL C 285 -46.20 -12.89 9.63
N SER C 286 -47.37 -12.27 9.91
CA SER C 286 -47.71 -10.93 9.48
C SER C 286 -48.94 -10.42 10.22
N THR C 287 -49.21 -9.12 10.09
CA THR C 287 -50.45 -8.54 10.63
C THR C 287 -51.34 -8.00 9.50
N ASN C 288 -50.85 -8.05 8.24
CA ASN C 288 -51.66 -7.54 7.14
C ASN C 288 -52.58 -8.66 6.66
N LEU C 289 -53.75 -8.78 7.29
CA LEU C 289 -54.70 -9.84 6.98
C LEU C 289 -55.33 -9.72 5.61
N LYS C 290 -55.43 -8.50 5.09
CA LYS C 290 -55.96 -8.21 3.75
C LYS C 290 -55.03 -8.84 2.69
N LEU C 291 -53.71 -8.60 2.86
CA LEU C 291 -52.70 -9.09 1.91
C LEU C 291 -52.39 -10.57 2.02
N THR C 292 -52.44 -11.14 3.24
CA THR C 292 -52.25 -12.59 3.40
C THR C 292 -53.42 -13.31 2.70
N ASP C 293 -54.67 -12.79 2.86
CA ASP C 293 -55.87 -13.34 2.20
CA ASP C 293 -55.82 -13.41 2.20
C ASP C 293 -55.69 -13.31 0.69
N GLU C 294 -55.25 -12.14 0.15
CA GLU C 294 -55.04 -11.95 -1.31
C GLU C 294 -53.98 -12.92 -1.85
N PHE C 295 -52.96 -13.23 -1.00
CA PHE C 295 -51.90 -14.15 -1.36
C PHE C 295 -52.42 -15.61 -1.40
N GLY C 296 -53.58 -15.86 -0.78
CA GLY C 296 -54.18 -17.19 -0.75
C GLY C 296 -53.83 -17.98 0.49
N ILE C 297 -53.42 -17.29 1.54
CA ILE C 297 -53.09 -17.92 2.82
C ILE C 297 -54.37 -17.97 3.67
N SER C 298 -54.63 -19.14 4.25
CA SER C 298 -55.73 -19.41 5.15
C SER C 298 -55.58 -18.58 6.44
N ARG C 299 -56.72 -18.18 7.01
CA ARG C 299 -56.71 -17.40 8.25
CA ARG C 299 -56.74 -17.39 8.25
C ARG C 299 -56.11 -18.12 9.44
N ASP C 300 -56.26 -19.44 9.48
CA ASP C 300 -55.68 -20.23 10.57
C ASP C 300 -54.17 -20.37 10.43
N ASN C 301 -53.63 -19.99 9.27
CA ASN C 301 -52.19 -20.07 8.99
C ASN C 301 -51.49 -18.71 9.02
N VAL C 302 -52.08 -17.69 9.68
CA VAL C 302 -51.48 -16.36 9.84
C VAL C 302 -51.20 -16.14 11.33
N PHE C 303 -49.92 -15.93 11.65
CA PHE C 303 -49.46 -15.76 13.03
C PHE C 303 -49.02 -14.31 13.24
N GLU C 304 -49.63 -13.66 14.22
CA GLU C 304 -49.41 -12.26 14.45
C GLU C 304 -48.24 -11.90 15.37
N PHE C 305 -47.76 -10.68 15.20
CA PHE C 305 -46.76 -10.04 16.05
C PHE C 305 -47.09 -8.56 16.10
N TRP C 306 -46.44 -7.78 16.96
CA TRP C 306 -46.87 -6.41 17.23
C TRP C 306 -45.82 -5.36 16.94
N ASP C 307 -46.28 -4.11 16.74
CA ASP C 307 -45.38 -3.02 16.40
C ASP C 307 -44.29 -2.72 17.44
N TRP C 308 -44.52 -3.13 18.72
CA TRP C 308 -43.57 -2.97 19.82
C TRP C 308 -42.48 -4.08 19.82
N VAL C 309 -42.51 -4.92 18.78
CA VAL C 309 -41.49 -5.96 18.54
C VAL C 309 -40.64 -5.46 17.36
N GLY C 310 -39.41 -5.04 17.63
CA GLY C 310 -38.50 -4.64 16.54
C GLY C 310 -37.99 -5.86 15.79
N GLY C 311 -37.80 -5.74 14.47
CA GLY C 311 -37.30 -6.83 13.61
C GLY C 311 -36.12 -7.58 14.21
N ARG C 312 -35.06 -6.86 14.61
CA ARG C 312 -33.87 -7.42 15.23
C ARG C 312 -34.07 -7.98 16.66
N PHE C 313 -35.28 -7.77 17.26
CA PHE C 313 -35.67 -8.31 18.58
C PHE C 313 -36.87 -9.29 18.40
N SER C 314 -37.12 -9.75 17.16
CA SER C 314 -38.30 -10.55 16.83
C SER C 314 -38.26 -12.07 16.96
N VAL C 315 -37.07 -12.70 17.14
CA VAL C 315 -36.98 -14.18 17.26
C VAL C 315 -37.89 -14.80 18.35
N THR C 316 -38.13 -14.08 19.48
CA THR C 316 -38.99 -14.60 20.56
C THR C 316 -40.48 -14.37 20.30
N SER C 317 -40.83 -13.75 19.16
CA SER C 317 -42.24 -13.60 18.78
C SER C 317 -42.51 -14.78 17.83
N SER C 318 -43.71 -14.85 17.20
CA SER C 318 -44.03 -15.87 16.20
C SER C 318 -42.98 -15.95 15.06
N VAL C 319 -42.27 -14.82 14.74
CA VAL C 319 -41.20 -14.78 13.72
C VAL C 319 -40.26 -15.99 13.83
N GLY C 320 -39.75 -16.23 15.04
CA GLY C 320 -38.87 -17.34 15.32
C GLY C 320 -39.57 -18.50 16.00
N ILE C 321 -40.51 -18.23 16.94
CA ILE C 321 -41.16 -19.31 17.69
C ILE C 321 -41.95 -20.27 16.81
N LEU C 322 -42.56 -19.77 15.73
CA LEU C 322 -43.27 -20.66 14.83
C LEU C 322 -42.33 -21.63 14.07
N PRO C 323 -41.34 -21.20 13.24
CA PRO C 323 -40.50 -22.19 12.55
C PRO C 323 -39.67 -23.05 13.51
N LEU C 324 -39.22 -22.48 14.66
CA LEU C 324 -38.42 -23.26 15.61
C LEU C 324 -39.23 -24.32 16.39
N SER C 325 -40.53 -24.04 16.68
CA SER C 325 -41.39 -25.01 17.34
C SER C 325 -41.76 -26.11 16.34
N ILE C 326 -41.83 -25.80 15.03
CA ILE C 326 -42.06 -26.86 14.02
C ILE C 326 -40.81 -27.77 13.99
N ALA C 327 -39.62 -27.17 13.93
CA ALA C 327 -38.36 -27.92 13.87
C ALA C 327 -38.06 -28.73 15.12
N PHE C 328 -38.32 -28.15 16.30
CA PHE C 328 -37.89 -28.77 17.58
C PHE C 328 -38.96 -29.14 18.57
N GLY C 329 -40.19 -28.69 18.34
CA GLY C 329 -41.32 -28.90 19.26
C GLY C 329 -41.45 -27.72 20.19
N TYR C 330 -42.70 -27.33 20.49
CA TYR C 330 -43.01 -26.22 21.37
C TYR C 330 -42.37 -26.33 22.76
N LYS C 331 -42.37 -27.53 23.38
CA LYS C 331 -41.78 -27.76 24.71
C LYS C 331 -40.36 -27.25 24.78
N ASN C 332 -39.53 -27.52 23.73
CA ASN C 332 -38.15 -27.05 23.66
C ASN C 332 -38.12 -25.52 23.56
N MET C 333 -38.98 -24.94 22.73
CA MET C 333 -39.10 -23.50 22.56
C MET C 333 -39.61 -22.76 23.82
N ARG C 334 -40.46 -23.41 24.62
CA ARG C 334 -40.92 -22.86 25.90
C ARG C 334 -39.72 -22.78 26.88
N ASN C 335 -38.80 -23.76 26.82
CA ASN C 335 -37.57 -23.71 27.65
C ASN C 335 -36.66 -22.59 27.20
N PHE C 336 -36.56 -22.37 25.88
CA PHE C 336 -35.77 -21.28 25.29
C PHE C 336 -36.34 -19.93 25.79
N LEU C 337 -37.69 -19.79 25.75
CA LEU C 337 -38.38 -18.59 26.26
C LEU C 337 -38.13 -18.36 27.75
N ASN C 338 -38.09 -19.44 28.55
CA ASN C 338 -37.79 -19.38 30.00
C ASN C 338 -36.40 -18.84 30.25
N GLY C 339 -35.45 -19.24 29.39
CA GLY C 339 -34.08 -18.76 29.44
C GLY C 339 -34.02 -17.27 29.22
N CYS C 340 -34.69 -16.79 28.14
CA CYS C 340 -34.78 -15.37 27.78
C CYS C 340 -35.35 -14.60 28.96
N HIS C 341 -36.46 -15.12 29.53
CA HIS C 341 -37.16 -14.52 30.63
C HIS C 341 -36.30 -14.37 31.89
N ASP C 342 -35.59 -15.44 32.29
CA ASP C 342 -34.72 -15.40 33.47
C ASP C 342 -33.60 -14.39 33.34
N MET C 343 -32.99 -14.27 32.13
CA MET C 343 -31.96 -13.26 31.90
C MET C 343 -32.62 -11.85 31.90
N ASP C 344 -33.85 -11.69 31.33
CA ASP C 344 -34.57 -10.41 31.36
C ASP C 344 -34.77 -9.93 32.80
N GLU C 345 -35.22 -10.85 33.69
CA GLU C 345 -35.45 -10.56 35.11
C GLU C 345 -34.17 -10.14 35.83
N HIS C 346 -33.04 -10.79 35.49
CA HIS C 346 -31.73 -10.45 36.03
C HIS C 346 -31.36 -9.04 35.57
N PHE C 347 -31.50 -8.77 34.27
CA PHE C 347 -31.19 -7.45 33.69
C PHE C 347 -32.00 -6.33 34.38
N LEU C 348 -33.28 -6.55 34.60
CA LEU C 348 -34.15 -5.56 35.19
C LEU C 348 -33.86 -5.33 36.67
N HIS C 349 -33.72 -6.41 37.45
CA HIS C 349 -33.59 -6.36 38.89
C HIS C 349 -32.22 -6.30 39.53
N ALA C 350 -31.18 -6.94 38.93
CA ALA C 350 -29.84 -6.93 39.54
C ALA C 350 -29.25 -5.53 39.73
N ASP C 351 -28.60 -5.27 40.88
CA ASP C 351 -27.89 -4.02 41.12
C ASP C 351 -26.81 -3.93 40.04
N LEU C 352 -26.54 -2.72 39.53
CA LEU C 352 -25.62 -2.46 38.42
C LEU C 352 -24.27 -3.16 38.53
N LYS C 353 -23.67 -3.18 39.72
CA LYS C 353 -22.37 -3.80 39.96
C LYS C 353 -22.40 -5.34 39.82
N GLU C 354 -23.60 -5.93 39.88
CA GLU C 354 -23.79 -7.37 39.78
C GLU C 354 -24.65 -7.74 38.56
N ASN C 355 -24.90 -6.76 37.68
CA ASN C 355 -25.76 -6.91 36.50
C ASN C 355 -24.91 -7.25 35.26
N ILE C 356 -24.92 -8.52 34.87
CA ILE C 356 -24.13 -9.08 33.76
C ILE C 356 -24.27 -8.32 32.42
N PRO C 357 -25.48 -8.12 31.84
CA PRO C 357 -25.58 -7.35 30.60
C PRO C 357 -25.12 -5.89 30.74
N VAL C 358 -25.37 -5.28 31.92
CA VAL C 358 -24.97 -3.89 32.16
C VAL C 358 -23.42 -3.79 32.18
N LEU C 359 -22.76 -4.72 32.92
CA LEU C 359 -21.30 -4.73 33.02
C LEU C 359 -20.66 -4.97 31.66
N LEU C 360 -21.32 -5.81 30.83
CA LEU C 360 -20.86 -6.10 29.46
C LEU C 360 -21.00 -4.85 28.58
N ALA C 361 -22.13 -4.11 28.73
CA ALA C 361 -22.36 -2.86 28.01
C ALA C 361 -21.40 -1.78 28.45
N LEU C 362 -21.11 -1.67 29.77
CA LEU C 362 -20.17 -0.68 30.28
C LEU C 362 -18.77 -0.91 29.75
N THR C 363 -18.38 -2.19 29.65
CA THR C 363 -17.07 -2.62 29.14
C THR C 363 -16.94 -2.20 27.67
N SER C 364 -17.98 -2.49 26.86
CA SER C 364 -18.02 -2.16 25.45
C SER C 364 -17.90 -0.64 25.23
N PHE C 365 -18.70 0.13 25.99
CA PHE C 365 -18.73 1.60 26.00
C PHE C 365 -17.34 2.15 26.34
N TYR C 366 -16.73 1.61 27.41
CA TYR C 366 -15.39 1.99 27.89
C TYR C 366 -14.33 1.78 26.80
N ASN C 367 -14.29 0.56 26.19
CA ASN C 367 -13.30 0.25 25.15
C ASN C 367 -13.46 1.14 23.95
N SER C 368 -14.71 1.39 23.53
CA SER C 368 -14.95 2.23 22.37
C SER C 368 -14.65 3.72 22.66
N HIS C 369 -15.20 4.27 23.76
CA HIS C 369 -15.02 5.69 24.09
C HIS C 369 -13.64 6.13 24.57
N PHE C 370 -13.06 5.37 25.48
CA PHE C 370 -11.80 5.74 26.13
C PHE C 370 -10.54 5.14 25.51
N PHE C 371 -10.67 4.07 24.70
CA PHE C 371 -9.52 3.45 24.04
C PHE C 371 -9.63 3.58 22.55
N ASP C 372 -10.79 4.06 22.06
CA ASP C 372 -11.06 4.21 20.63
C ASP C 372 -11.02 2.86 19.87
N TYR C 373 -11.43 1.78 20.56
CA TYR C 373 -11.53 0.43 19.98
C TYR C 373 -12.92 0.31 19.35
N LYS C 374 -12.99 0.59 18.05
CA LYS C 374 -14.24 0.63 17.28
C LYS C 374 -14.67 -0.69 16.67
N ASN C 375 -14.14 -1.81 17.17
CA ASN C 375 -14.52 -3.14 16.68
C ASN C 375 -14.78 -4.06 17.82
N VAL C 376 -15.60 -5.10 17.58
CA VAL C 376 -15.85 -6.18 18.56
C VAL C 376 -15.80 -7.47 17.72
N ALA C 377 -14.98 -8.45 18.15
CA ALA C 377 -14.93 -9.77 17.53
C ALA C 377 -15.77 -10.75 18.40
N ILE C 378 -16.80 -11.36 17.78
CA ILE C 378 -17.68 -12.33 18.48
C ILE C 378 -17.15 -13.67 18.06
N LEU C 379 -16.52 -14.36 19.02
CA LEU C 379 -15.80 -15.60 18.75
C LEU C 379 -16.26 -16.79 19.60
N PRO C 380 -17.38 -17.45 19.20
CA PRO C 380 -17.84 -18.61 19.97
C PRO C 380 -16.97 -19.82 19.63
N TYR C 381 -16.42 -20.51 20.65
CA TYR C 381 -15.62 -21.73 20.43
C TYR C 381 -16.61 -22.90 20.37
N PHE C 382 -17.45 -22.91 19.33
CA PHE C 382 -18.54 -23.86 19.16
C PHE C 382 -19.06 -23.70 17.75
N GLN C 383 -18.76 -24.65 16.86
CA GLN C 383 -19.17 -24.59 15.47
C GLN C 383 -20.71 -24.48 15.30
N ASN C 384 -21.52 -25.03 16.23
CA ASN C 384 -22.99 -24.88 16.11
C ASN C 384 -23.46 -23.44 16.31
N LEU C 385 -22.58 -22.56 16.84
CA LEU C 385 -22.86 -21.13 16.96
C LEU C 385 -22.36 -20.35 15.71
N LEU C 386 -22.17 -21.06 14.58
CA LEU C 386 -21.69 -20.43 13.34
C LEU C 386 -22.58 -19.31 12.80
N LYS C 387 -23.85 -19.24 13.20
CA LYS C 387 -24.75 -18.18 12.75
C LYS C 387 -25.07 -17.14 13.84
N PHE C 388 -24.42 -17.24 15.00
CA PHE C 388 -24.62 -16.30 16.10
C PHE C 388 -24.11 -14.89 15.76
N SER C 389 -22.86 -14.78 15.27
CA SER C 389 -22.20 -13.52 14.89
C SER C 389 -23.04 -12.70 13.88
N ALA C 390 -23.59 -13.35 12.84
CA ALA C 390 -24.43 -12.70 11.83
C ALA C 390 -25.67 -12.04 12.50
N HIS C 391 -26.27 -12.73 13.51
CA HIS C 391 -27.41 -12.15 14.26
C HIS C 391 -26.91 -10.97 15.12
N ILE C 392 -25.83 -11.17 15.91
CA ILE C 392 -25.26 -10.11 16.76
C ILE C 392 -24.89 -8.85 15.94
N GLN C 393 -24.41 -9.04 14.69
CA GLN C 393 -24.11 -7.93 13.77
C GLN C 393 -25.31 -7.02 13.56
N GLN C 394 -26.50 -7.58 13.17
CA GLN C 394 -27.68 -6.74 13.00
C GLN C 394 -28.16 -6.17 14.35
N LEU C 395 -28.31 -7.05 15.37
CA LEU C 395 -28.79 -6.64 16.69
C LEU C 395 -27.99 -5.43 17.22
N SER C 396 -26.67 -5.47 17.12
CA SER C 396 -25.80 -4.38 17.60
C SER C 396 -25.77 -3.19 16.64
N MET C 397 -25.36 -3.45 15.38
CA MET C 397 -25.13 -2.40 14.38
C MET C 397 -26.34 -1.62 13.93
N GLU C 398 -27.48 -2.29 13.76
CA GLU C 398 -28.68 -1.60 13.36
C GLU C 398 -29.31 -0.86 14.54
N SER C 399 -29.13 -1.38 15.77
CA SER C 399 -29.70 -0.68 16.90
C SER C 399 -28.85 0.55 17.22
N ASN C 400 -27.53 0.36 17.34
CA ASN C 400 -26.64 1.39 17.84
C ASN C 400 -25.74 2.14 16.86
N GLY C 401 -25.87 1.87 15.55
CA GLY C 401 -25.12 2.56 14.51
C GLY C 401 -25.86 3.83 14.13
N LYS C 402 -25.84 4.81 15.07
CA LYS C 402 -26.61 6.06 14.98
C LYS C 402 -25.70 7.27 15.15
N SER C 403 -26.17 8.47 14.76
CA SER C 403 -25.36 9.67 14.88
C SER C 403 -26.17 10.86 15.40
N VAL C 404 -27.33 10.57 16.02
CA VAL C 404 -28.22 11.57 16.59
C VAL C 404 -28.62 11.08 18.00
N ASP C 405 -28.46 11.91 19.05
CA ASP C 405 -28.79 11.54 20.41
C ASP C 405 -30.30 11.60 20.78
N ARG C 406 -30.65 11.11 21.98
CA ARG C 406 -32.03 11.10 22.47
C ARG C 406 -32.60 12.52 22.69
N ASN C 407 -31.72 13.56 22.63
CA ASN C 407 -32.05 14.99 22.72
C ASN C 407 -32.18 15.58 21.30
N ASN C 408 -32.12 14.73 20.24
CA ASN C 408 -32.25 15.12 18.84
C ASN C 408 -31.07 15.91 18.31
N GLN C 409 -29.93 15.80 19.00
CA GLN C 409 -28.74 16.51 18.59
C GLN C 409 -27.82 15.64 17.79
N PRO C 410 -27.35 16.12 16.62
CA PRO C 410 -26.32 15.37 15.88
C PRO C 410 -25.08 15.24 16.77
N ILE C 411 -24.52 14.03 16.84
CA ILE C 411 -23.38 13.77 17.73
C ILE C 411 -22.16 13.34 16.95
N HIS C 412 -20.98 13.54 17.55
CA HIS C 412 -19.72 13.22 16.89
C HIS C 412 -18.90 12.17 17.65
N TYR C 413 -19.37 11.73 18.83
CA TYR C 413 -18.69 10.68 19.57
C TYR C 413 -18.99 9.30 18.97
N ASN C 414 -18.24 8.28 19.42
CA ASN C 414 -18.39 6.91 18.92
C ASN C 414 -19.73 6.31 19.30
N THR C 415 -20.36 5.63 18.33
CA THR C 415 -21.53 4.85 18.60
C THR C 415 -21.17 3.37 18.42
N CYS C 416 -22.03 2.55 17.80
CA CYS C 416 -21.75 1.12 17.72
C CYS C 416 -20.49 0.76 17.01
N GLN C 417 -19.77 -0.21 17.58
CA GLN C 417 -18.57 -0.78 16.96
C GLN C 417 -18.95 -1.60 15.72
N VAL C 418 -17.95 -1.94 14.89
CA VAL C 418 -18.15 -2.89 13.79
C VAL C 418 -18.03 -4.25 14.45
N TYR C 419 -19.05 -5.11 14.28
CA TYR C 419 -19.05 -6.45 14.84
C TYR C 419 -18.74 -7.43 13.74
N PHE C 420 -17.91 -8.45 14.05
CA PHE C 420 -17.57 -9.47 13.09
C PHE C 420 -17.12 -10.70 13.86
N GLY C 421 -16.85 -11.78 13.13
CA GLY C 421 -16.35 -12.98 13.77
C GLY C 421 -16.70 -14.25 13.03
N GLU C 422 -15.99 -15.31 13.41
CA GLU C 422 -16.16 -16.67 12.96
C GLU C 422 -15.97 -17.54 14.18
N PRO C 423 -16.62 -18.71 14.26
CA PRO C 423 -16.39 -19.57 15.44
C PRO C 423 -14.95 -20.03 15.57
N GLY C 424 -14.50 -20.22 16.80
CA GLY C 424 -13.18 -20.77 17.03
C GLY C 424 -13.25 -22.28 16.84
N THR C 425 -12.20 -22.95 16.32
CA THR C 425 -10.87 -22.45 15.94
C THR C 425 -10.80 -21.84 14.53
N ASN C 426 -11.93 -21.81 13.76
CA ASN C 426 -11.90 -21.23 12.40
C ASN C 426 -11.39 -19.79 12.30
N GLY C 427 -11.96 -18.88 13.10
CA GLY C 427 -11.54 -17.48 13.07
C GLY C 427 -10.09 -17.35 13.48
N GLN C 428 -9.70 -18.19 14.43
CA GLN C 428 -8.35 -18.32 14.96
C GLN C 428 -7.31 -18.57 13.88
N HIS C 429 -7.62 -19.47 12.93
CA HIS C 429 -6.70 -19.78 11.83
C HIS C 429 -6.85 -18.86 10.64
N SER C 430 -7.72 -17.88 10.75
CA SER C 430 -7.99 -16.94 9.67
C SER C 430 -7.38 -15.55 9.91
N PHE C 431 -7.88 -14.83 10.92
CA PHE C 431 -7.51 -13.43 11.17
C PHE C 431 -6.91 -13.11 12.56
N TYR C 432 -6.64 -14.11 13.42
CA TYR C 432 -6.06 -13.77 14.73
C TYR C 432 -4.67 -13.16 14.65
N GLN C 433 -3.96 -13.31 13.51
CA GLN C 433 -2.66 -12.66 13.31
C GLN C 433 -2.84 -11.13 13.60
N LEU C 434 -3.89 -10.51 13.00
CA LEU C 434 -4.20 -9.09 13.20
C LEU C 434 -4.60 -8.80 14.67
N ILE C 435 -5.45 -9.67 15.25
CA ILE C 435 -5.90 -9.52 16.65
C ILE C 435 -4.71 -9.54 17.62
N HIS C 436 -3.65 -10.30 17.31
CA HIS C 436 -2.46 -10.36 18.18
C HIS C 436 -1.44 -9.31 17.89
N GLN C 437 -1.20 -9.00 16.60
CA GLN C 437 -0.12 -8.10 16.19
C GLN C 437 -0.47 -6.85 15.39
N GLY C 438 -1.71 -6.75 14.92
CA GLY C 438 -2.11 -5.56 14.18
C GLY C 438 -2.92 -4.67 15.11
N GLN C 439 -3.93 -4.00 14.56
CA GLN C 439 -4.79 -3.16 15.38
C GLN C 439 -5.52 -3.94 16.49
N VAL C 440 -5.67 -3.31 17.68
CA VAL C 440 -6.30 -3.91 18.86
C VAL C 440 -7.78 -4.09 18.64
N ILE C 441 -8.28 -5.31 18.81
CA ILE C 441 -9.70 -5.67 18.64
C ILE C 441 -10.22 -6.41 19.89
N PRO C 442 -11.04 -5.75 20.75
CA PRO C 442 -11.61 -6.45 21.92
C PRO C 442 -12.40 -7.68 21.46
N VAL C 443 -12.22 -8.80 22.15
CA VAL C 443 -12.88 -10.05 21.75
C VAL C 443 -13.86 -10.50 22.83
N GLU C 444 -14.89 -11.19 22.39
CA GLU C 444 -15.87 -11.81 23.29
C GLU C 444 -15.85 -13.31 22.91
N LEU C 445 -15.30 -14.13 23.83
CA LEU C 445 -15.16 -15.56 23.65
CA LEU C 445 -15.16 -15.57 23.68
C LEU C 445 -16.27 -16.28 24.40
N ILE C 446 -16.95 -17.20 23.71
CA ILE C 446 -18.07 -17.98 24.25
C ILE C 446 -17.72 -19.45 24.13
N GLY C 447 -17.83 -20.15 25.23
CA GLY C 447 -17.48 -21.56 25.28
C GLY C 447 -18.39 -22.36 26.18
N PHE C 448 -18.32 -23.67 26.03
CA PHE C 448 -19.13 -24.62 26.79
C PHE C 448 -18.30 -25.73 27.38
N LYS C 449 -18.76 -26.28 28.50
CA LYS C 449 -18.07 -27.38 29.18
C LYS C 449 -18.30 -28.69 28.43
N HIS C 450 -19.42 -28.82 27.70
CA HIS C 450 -19.81 -30.02 26.99
C HIS C 450 -20.07 -29.78 25.51
N SER C 451 -19.80 -30.82 24.71
CA SER C 451 -20.03 -30.82 23.28
C SER C 451 -21.46 -31.30 22.97
N HIS C 452 -21.95 -31.05 21.74
CA HIS C 452 -23.20 -31.64 21.25
C HIS C 452 -22.86 -32.99 20.61
N PHE C 453 -21.57 -33.25 20.33
CA PHE C 453 -21.12 -34.50 19.68
C PHE C 453 -19.72 -34.87 20.23
N PRO C 454 -19.63 -35.32 21.52
CA PRO C 454 -18.31 -35.61 22.10
C PRO C 454 -17.61 -36.75 21.38
N ILE C 455 -16.34 -36.52 21.09
CA ILE C 455 -15.46 -37.51 20.44
C ILE C 455 -14.23 -37.65 21.34
N LYS C 456 -13.87 -38.89 21.67
CA LYS C 456 -12.63 -39.20 22.42
C LYS C 456 -12.15 -40.59 22.00
N PHE C 457 -10.90 -40.68 21.53
CA PHE C 457 -10.29 -41.98 21.16
C PHE C 457 -9.21 -42.31 22.21
N ASP C 458 -9.11 -43.61 22.58
CA ASP C 458 -8.20 -44.12 23.61
CA ASP C 458 -8.18 -44.18 23.57
C ASP C 458 -6.77 -43.57 23.58
N LYS C 459 -6.10 -43.56 22.42
CA LYS C 459 -4.72 -43.10 22.29
C LYS C 459 -4.53 -41.58 22.29
N GLU C 460 -5.61 -40.81 22.17
CA GLU C 460 -5.50 -39.36 22.14
C GLU C 460 -5.16 -38.77 23.49
N VAL C 461 -4.36 -37.69 23.47
CA VAL C 461 -3.96 -36.94 24.67
C VAL C 461 -5.22 -36.36 25.36
N VAL C 462 -6.14 -35.79 24.56
CA VAL C 462 -7.40 -35.21 25.04
C VAL C 462 -8.57 -35.53 24.11
N SER C 463 -9.80 -35.36 24.61
CA SER C 463 -11.01 -35.45 23.81
C SER C 463 -10.94 -34.26 22.84
N ASN C 464 -11.61 -34.37 21.69
CA ASN C 464 -11.64 -33.31 20.70
C ASN C 464 -12.19 -32.00 21.28
N HIS C 465 -13.20 -32.07 22.16
CA HIS C 465 -13.79 -30.89 22.79
C HIS C 465 -12.77 -30.22 23.71
N ASP C 466 -11.97 -31.03 24.45
CA ASP C 466 -10.89 -30.48 25.29
C ASP C 466 -9.83 -29.83 24.40
N GLU C 467 -9.52 -30.42 23.23
CA GLU C 467 -8.57 -29.82 22.29
C GLU C 467 -9.05 -28.43 21.84
N LEU C 468 -10.33 -28.30 21.45
CA LEU C 468 -10.96 -27.01 21.09
C LEU C 468 -10.82 -26.01 22.24
N MET C 469 -11.10 -26.48 23.47
CA MET C 469 -11.09 -25.64 24.66
C MET C 469 -9.75 -25.19 25.19
N THR C 470 -8.66 -25.88 24.81
CA THR C 470 -7.30 -25.41 25.19
C THR C 470 -7.08 -24.01 24.61
N ASN C 471 -7.65 -23.77 23.40
CA ASN C 471 -7.55 -22.51 22.65
C ASN C 471 -8.38 -21.40 23.26
N PHE C 472 -9.54 -21.76 23.80
CA PHE C 472 -10.45 -20.79 24.43
C PHE C 472 -9.70 -20.09 25.58
N PHE C 473 -9.05 -20.87 26.47
CA PHE C 473 -8.30 -20.33 27.62
C PHE C 473 -7.00 -19.64 27.19
N ALA C 474 -6.22 -20.30 26.32
CA ALA C 474 -4.92 -19.80 25.87
C ALA C 474 -4.98 -18.53 25.07
N GLN C 475 -5.97 -18.37 24.15
CA GLN C 475 -6.10 -17.17 23.35
C GLN C 475 -6.33 -15.95 24.24
N ALA C 476 -7.24 -16.05 25.22
CA ALA C 476 -7.55 -14.96 26.16
C ALA C 476 -6.28 -14.55 26.91
N ASP C 477 -5.52 -15.54 27.41
CA ASP C 477 -4.28 -15.27 28.12
C ASP C 477 -3.18 -14.67 27.24
N ALA C 478 -3.00 -15.21 26.01
CA ALA C 478 -2.00 -14.71 25.04
C ALA C 478 -2.27 -13.21 24.70
N LEU C 479 -3.55 -12.88 24.48
CA LEU C 479 -3.94 -11.50 24.15
C LEU C 479 -3.66 -10.56 25.33
N ALA C 480 -3.96 -11.00 26.56
CA ALA C 480 -3.75 -10.20 27.76
C ALA C 480 -2.25 -10.00 28.08
N ILE C 481 -1.47 -11.11 28.15
CA ILE C 481 -0.06 -11.11 28.59
C ILE C 481 1.02 -10.77 27.54
N GLY C 482 0.79 -11.19 26.29
CA GLY C 482 1.75 -10.97 25.23
C GLY C 482 3.07 -11.68 25.50
N LYS C 483 4.14 -11.21 24.89
CA LYS C 483 5.49 -11.76 25.03
C LYS C 483 6.47 -10.64 24.70
N THR C 484 7.22 -10.19 25.70
CA THR C 484 8.16 -9.07 25.57
C THR C 484 9.35 -9.37 24.70
N TYR C 485 10.04 -8.31 24.25
CA TYR C 485 11.26 -8.42 23.47
C TYR C 485 12.31 -9.26 24.24
N GLU C 486 12.40 -9.07 25.57
CA GLU C 486 13.36 -9.87 26.34
C GLU C 486 13.01 -11.36 26.42
N GLN C 487 11.70 -11.71 26.42
CA GLN C 487 11.28 -13.14 26.42
C GLN C 487 11.61 -13.75 25.07
N VAL C 488 11.41 -12.98 23.99
CA VAL C 488 11.72 -13.35 22.59
C VAL C 488 13.25 -13.59 22.48
N LYS C 489 14.04 -12.65 23.03
CA LYS C 489 15.51 -12.71 23.02
C LYS C 489 16.01 -13.95 23.79
N GLU C 490 15.38 -14.28 24.93
CA GLU C 490 15.71 -15.45 25.73
C GLU C 490 15.44 -16.77 24.96
N GLU C 491 14.31 -16.87 24.25
CA GLU C 491 13.95 -18.01 23.42
C GLU C 491 14.90 -18.11 22.22
N ASN C 492 15.41 -16.96 21.74
CA ASN C 492 16.36 -16.93 20.63
C ASN C 492 17.75 -17.48 20.98
N GLU C 493 18.05 -17.66 22.29
CA GLU C 493 19.32 -18.25 22.74
C GLU C 493 19.44 -19.66 22.13
N LYS C 494 18.29 -20.35 21.93
CA LYS C 494 18.24 -21.66 21.31
C LYS C 494 17.97 -21.63 19.79
N ASN C 495 17.00 -20.80 19.33
CA ASN C 495 16.62 -20.72 17.90
C ASN C 495 17.72 -20.13 17.03
N LYS C 496 18.41 -19.12 17.58
CA LYS C 496 19.49 -18.45 16.86
C LYS C 496 19.06 -17.80 15.53
N MET C 497 17.85 -17.19 15.53
CA MET C 497 17.39 -16.43 14.37
CA MET C 497 17.34 -16.40 14.41
C MET C 497 18.24 -15.15 14.36
N SER C 498 18.40 -14.53 13.17
CA SER C 498 19.19 -13.30 13.06
C SER C 498 18.60 -12.26 14.03
N PRO C 499 19.41 -11.72 14.98
CA PRO C 499 18.82 -10.85 16.01
C PRO C 499 18.00 -9.64 15.59
N GLU C 500 18.29 -9.06 14.42
CA GLU C 500 17.53 -7.88 13.97
C GLU C 500 16.06 -8.23 13.64
N LEU C 501 15.76 -9.52 13.39
CA LEU C 501 14.41 -9.95 13.07
C LEU C 501 13.51 -10.20 14.29
N LEU C 502 14.08 -10.19 15.51
CA LEU C 502 13.33 -10.49 16.75
C LEU C 502 12.10 -9.62 17.05
N THR C 503 12.10 -8.37 16.57
CA THR C 503 10.98 -7.43 16.74
C THR C 503 9.66 -8.02 16.18
N HIS C 504 9.75 -8.77 15.04
CA HIS C 504 8.58 -9.39 14.37
C HIS C 504 7.91 -10.47 15.27
N LYS C 505 8.61 -10.92 16.32
CA LYS C 505 8.09 -11.95 17.23
C LYS C 505 7.52 -11.44 18.56
N VAL C 506 7.55 -10.14 18.76
CA VAL C 506 7.06 -9.49 19.99
C VAL C 506 5.52 -9.42 19.96
N PHE C 507 4.90 -9.72 21.10
CA PHE C 507 3.46 -9.60 21.30
C PHE C 507 3.28 -8.56 22.40
N ASN C 508 2.79 -7.38 22.04
CA ASN C 508 2.61 -6.30 23.01
C ASN C 508 1.63 -6.57 24.15
N GLY C 509 0.70 -7.49 23.97
CA GLY C 509 -0.26 -7.83 25.02
C GLY C 509 -1.21 -6.67 25.29
N ASN C 510 -1.88 -6.71 26.47
CA ASN C 510 -2.88 -5.70 26.88
C ASN C 510 -4.07 -5.63 25.90
N ARG C 511 -4.31 -6.73 25.18
CA ARG C 511 -5.41 -6.88 24.22
C ARG C 511 -6.58 -7.49 24.97
N PRO C 512 -7.68 -6.72 25.13
CA PRO C 512 -8.75 -7.17 26.03
C PRO C 512 -9.66 -8.28 25.52
N SER C 513 -10.23 -9.04 26.47
CA SER C 513 -11.18 -10.12 26.19
C SER C 513 -12.18 -10.33 27.32
N THR C 514 -13.36 -10.79 26.94
CA THR C 514 -14.40 -11.21 27.85
C THR C 514 -14.60 -12.68 27.58
N LEU C 515 -14.66 -13.48 28.65
CA LEU C 515 -14.93 -14.91 28.52
C LEU C 515 -16.30 -15.23 29.08
N LEU C 516 -17.12 -15.92 28.31
CA LEU C 516 -18.43 -16.40 28.75
C LEU C 516 -18.33 -17.92 28.71
N LEU C 517 -18.46 -18.59 29.85
CA LEU C 517 -18.35 -20.03 29.88
C LEU C 517 -19.61 -20.65 30.46
N PHE C 518 -20.35 -21.39 29.63
CA PHE C 518 -21.60 -22.04 30.02
C PHE C 518 -21.35 -23.52 30.27
N ASP C 519 -22.24 -24.19 31.00
CA ASP C 519 -22.02 -25.62 31.16
C ASP C 519 -22.38 -26.38 29.86
N GLU C 520 -23.52 -26.06 29.26
CA GLU C 520 -24.01 -26.77 28.10
C GLU C 520 -24.82 -25.81 27.24
N LEU C 521 -24.86 -26.04 25.92
CA LEU C 521 -25.71 -25.26 25.04
C LEU C 521 -27.01 -26.03 24.84
N ASN C 522 -27.97 -25.80 25.73
CA ASN C 522 -29.27 -26.45 25.63
C ASN C 522 -30.28 -25.33 25.30
N PHE C 523 -31.59 -25.63 25.19
CA PHE C 523 -32.57 -24.61 24.81
C PHE C 523 -32.65 -23.46 25.80
N TYR C 524 -32.63 -23.77 27.11
CA TYR C 524 -32.67 -22.76 28.17
C TYR C 524 -31.45 -21.81 28.08
N THR C 525 -30.25 -22.38 27.98
CA THR C 525 -28.98 -21.66 27.86
C THR C 525 -28.93 -20.79 26.60
N CYS C 526 -29.46 -21.30 25.48
CA CYS C 526 -29.48 -20.53 24.24
C CYS C 526 -30.35 -19.26 24.43
N GLY C 527 -31.41 -19.38 25.24
CA GLY C 527 -32.29 -18.29 25.64
C GLY C 527 -31.52 -17.29 26.49
N LEU C 528 -30.73 -17.79 27.48
CA LEU C 528 -29.88 -16.93 28.32
C LEU C 528 -28.93 -16.10 27.44
N LEU C 529 -28.28 -16.75 26.44
CA LEU C 529 -27.33 -16.12 25.52
C LEU C 529 -27.99 -15.04 24.66
N LEU C 530 -29.17 -15.33 24.08
CA LEU C 530 -29.89 -14.34 23.28
C LEU C 530 -30.25 -13.11 24.10
N SER C 531 -30.89 -13.33 25.28
CA SER C 531 -31.32 -12.23 26.12
C SER C 531 -30.13 -11.42 26.64
N LEU C 532 -29.01 -12.07 26.92
CA LEU C 532 -27.80 -11.41 27.39
C LEU C 532 -27.37 -10.31 26.39
N TYR C 533 -27.34 -10.63 25.09
CA TYR C 533 -26.95 -9.69 24.04
C TYR C 533 -28.04 -8.65 23.76
N GLU C 534 -29.35 -9.07 23.76
CA GLU C 534 -30.44 -8.10 23.57
C GLU C 534 -30.39 -7.08 24.71
N SER C 535 -30.20 -7.57 25.96
CA SER C 535 -30.10 -6.72 27.15
C SER C 535 -28.87 -5.80 27.05
N ARG C 536 -27.70 -6.35 26.65
CA ARG C 536 -26.45 -5.60 26.51
C ARG C 536 -26.63 -4.44 25.54
N ILE C 537 -27.26 -4.70 24.36
CA ILE C 537 -27.52 -3.68 23.35
C ILE C 537 -28.46 -2.57 23.83
N VAL C 538 -29.52 -2.95 24.53
CA VAL C 538 -30.49 -1.99 25.10
C VAL C 538 -29.74 -1.10 26.15
N ALA C 539 -28.93 -1.72 27.04
CA ALA C 539 -28.17 -0.98 28.06
C ALA C 539 -27.20 -0.04 27.39
N GLU C 540 -26.50 -0.52 26.34
CA GLU C 540 -25.50 0.27 25.62
C GLU C 540 -26.07 1.48 24.89
N GLY C 541 -27.26 1.34 24.32
CA GLY C 541 -27.96 2.44 23.67
C GLY C 541 -28.24 3.59 24.63
N PHE C 542 -28.64 3.27 25.86
CA PHE C 542 -28.89 4.26 26.90
C PHE C 542 -27.59 4.90 27.39
N LEU C 543 -26.51 4.11 27.49
CA LEU C 543 -25.18 4.63 27.86
C LEU C 543 -24.72 5.62 26.77
N LEU C 544 -24.98 5.29 25.48
CA LEU C 544 -24.60 6.13 24.34
C LEU C 544 -25.55 7.31 24.14
N ASN C 545 -26.70 7.26 24.83
CA ASN C 545 -27.79 8.22 24.75
C ASN C 545 -28.32 8.32 23.33
N ILE C 546 -28.51 7.17 22.69
CA ILE C 546 -29.06 7.12 21.33
C ILE C 546 -30.34 6.29 21.35
N ASN C 547 -31.09 6.32 20.27
CA ASN C 547 -32.32 5.54 20.16
C ASN C 547 -31.96 4.20 19.50
N SER C 548 -31.92 3.12 20.28
CA SER C 548 -31.56 1.76 19.79
C SER C 548 -32.67 1.12 18.98
N PHE C 549 -33.85 1.75 18.96
CA PHE C 549 -35.06 1.14 18.47
C PHE C 549 -35.59 1.52 17.11
N ASP C 550 -34.98 2.52 16.46
CA ASP C 550 -35.40 2.94 15.13
C ASP C 550 -34.35 2.52 14.11
N GLN C 551 -34.56 2.83 12.82
CA GLN C 551 -33.63 2.48 11.74
C GLN C 551 -33.88 3.37 10.52
N TRP C 552 -33.78 4.69 10.72
CA TRP C 552 -34.05 5.67 9.66
C TRP C 552 -33.04 5.61 8.53
N GLY C 553 -31.86 5.04 8.81
CA GLY C 553 -30.77 4.92 7.86
C GLY C 553 -30.99 3.98 6.70
N VAL C 554 -32.09 3.24 6.70
CA VAL C 554 -32.32 2.30 5.64
C VAL C 554 -33.15 2.88 4.49
N GLU C 555 -33.71 4.08 4.70
CA GLU C 555 -34.62 4.75 3.78
C GLU C 555 -34.01 5.21 2.48
N LEU C 556 -32.89 5.95 2.52
CA LEU C 556 -32.29 6.54 1.33
C LEU C 556 -31.97 5.52 0.22
N GLY C 557 -31.38 4.39 0.60
CA GLY C 557 -31.01 3.32 -0.33
C GLY C 557 -32.22 2.73 -1.04
N LYS C 558 -33.31 2.55 -0.27
CA LYS C 558 -34.61 2.02 -0.73
C LYS C 558 -35.24 3.00 -1.78
N VAL C 559 -35.31 4.30 -1.46
CA VAL C 559 -35.80 5.37 -2.37
C VAL C 559 -35.02 5.36 -3.68
N LEU C 560 -33.67 5.40 -3.62
CA LEU C 560 -32.85 5.44 -4.84
C LEU C 560 -32.94 4.16 -5.67
N ALA C 561 -33.13 3.00 -5.02
CA ALA C 561 -33.26 1.69 -5.71
C ALA C 561 -34.54 1.63 -6.54
N LYS C 562 -35.62 2.24 -6.03
CA LYS C 562 -36.91 2.31 -6.69
C LYS C 562 -36.76 3.09 -8.02
N GLU C 563 -35.95 4.19 -8.01
CA GLU C 563 -35.66 4.98 -9.22
C GLU C 563 -34.91 4.12 -10.27
N VAL C 564 -33.91 3.30 -9.82
CA VAL C 564 -33.15 2.41 -10.71
C VAL C 564 -34.10 1.34 -11.25
N ARG C 565 -35.01 0.82 -10.39
CA ARG C 565 -36.00 -0.19 -10.79
C ARG C 565 -36.86 0.30 -11.96
N ASN C 566 -37.40 1.55 -11.87
CA ASN C 566 -38.22 2.12 -12.94
C ASN C 566 -37.41 2.25 -14.20
N TYR C 567 -36.13 2.70 -14.06
CA TYR C 567 -35.21 2.85 -15.19
C TYR C 567 -34.97 1.50 -15.88
N PHE C 568 -34.75 0.44 -15.08
CA PHE C 568 -34.58 -0.93 -15.60
C PHE C 568 -35.88 -1.35 -16.33
N ASN C 569 -37.04 -1.08 -15.72
CA ASN C 569 -38.33 -1.42 -16.33
C ASN C 569 -38.50 -0.70 -17.70
N ASP C 570 -38.25 0.63 -17.74
CA ASP C 570 -38.39 1.38 -18.99
C ASP C 570 -37.40 0.93 -20.05
N THR C 571 -36.14 0.67 -19.66
CA THR C 571 -35.07 0.28 -20.58
C THR C 571 -35.23 -1.13 -21.13
N ARG C 572 -35.47 -2.12 -20.24
CA ARG C 572 -35.62 -3.53 -20.65
C ARG C 572 -36.78 -3.73 -21.62
N ASN C 573 -37.86 -2.95 -21.43
CA ASN C 573 -39.07 -3.05 -22.24
C ASN C 573 -39.11 -2.08 -23.41
N GLN C 574 -38.12 -1.15 -23.46
CA GLN C 574 -38.03 -0.09 -24.46
C GLN C 574 -39.39 0.66 -24.54
N LYS C 575 -39.89 1.10 -23.37
CA LYS C 575 -41.18 1.79 -23.22
C LYS C 575 -41.01 2.98 -22.27
N LYS C 576 -41.30 4.22 -22.78
CA LYS C 576 -41.22 5.46 -21.99
C LYS C 576 -42.26 5.47 -20.86
N SER C 577 -41.97 6.20 -19.76
CA SER C 577 -42.87 6.29 -18.60
C SER C 577 -43.05 7.73 -18.13
N ASN C 579 -42.10 8.97 -15.34
CA ASN C 579 -40.88 9.00 -14.54
C ASN C 579 -39.76 9.79 -15.20
N THR C 580 -38.96 10.49 -14.36
CA THR C 580 -37.80 11.29 -14.75
C THR C 580 -36.55 10.77 -14.03
N TYR C 581 -35.41 10.69 -14.73
CA TYR C 581 -34.17 10.18 -14.15
C TYR C 581 -33.04 11.16 -14.25
N ASN C 582 -32.35 11.37 -13.12
CA ASN C 582 -31.18 12.24 -13.08
CA ASN C 582 -31.18 12.24 -13.08
C ASN C 582 -30.05 11.53 -12.34
N PHE C 583 -29.41 10.62 -13.05
CA PHE C 583 -28.31 9.84 -12.51
C PHE C 583 -27.02 10.62 -12.64
N ASN C 584 -26.10 10.42 -11.69
CA ASN C 584 -24.80 11.10 -11.76
C ASN C 584 -23.96 10.52 -12.93
N GLU C 585 -22.83 11.17 -13.24
CA GLU C 585 -21.98 10.75 -14.35
C GLU C 585 -21.43 9.32 -14.24
N SER C 586 -21.10 8.84 -13.03
CA SER C 586 -20.58 7.47 -12.85
C SER C 586 -21.66 6.43 -13.06
N THR C 587 -22.84 6.64 -12.43
CA THR C 587 -23.99 5.73 -12.53
C THR C 587 -24.43 5.57 -13.96
N LYS C 588 -24.42 6.66 -14.77
CA LYS C 588 -24.80 6.58 -16.19
C LYS C 588 -23.85 5.64 -16.96
N ILE C 589 -22.54 5.69 -16.67
CA ILE C 589 -21.55 4.84 -17.34
C ILE C 589 -21.78 3.35 -17.02
N LEU C 590 -21.89 3.01 -15.70
CA LEU C 590 -22.13 1.64 -15.26
C LEU C 590 -23.49 1.10 -15.65
N LEU C 591 -24.57 1.94 -15.63
CA LEU C 591 -25.91 1.51 -16.08
C LEU C 591 -25.90 1.12 -17.55
N ASN C 592 -25.16 1.89 -18.38
CA ASN C 592 -24.99 1.62 -19.82
C ASN C 592 -24.32 0.26 -20.04
N TYR C 593 -23.29 -0.03 -19.22
CA TYR C 593 -22.61 -1.32 -19.31
C TYR C 593 -23.56 -2.43 -18.84
N TYR C 594 -24.21 -2.23 -17.68
CA TYR C 594 -25.12 -3.21 -17.09
C TYR C 594 -26.25 -3.63 -18.05
N LEU C 595 -26.81 -2.65 -18.79
CA LEU C 595 -27.93 -2.86 -19.70
C LEU C 595 -27.61 -3.26 -21.14
N SER C 596 -26.32 -3.26 -21.52
CA SER C 596 -25.85 -3.65 -22.85
C SER C 596 -25.32 -5.07 -22.86
#